data_1EUE
# 
_entry.id   1EUE 
# 
_audit_conform.dict_name       mmcif_pdbx.dic 
_audit_conform.dict_version    5.376 
_audit_conform.dict_location   http://mmcif.pdb.org/dictionaries/ascii/mmcif_pdbx.dic 
# 
loop_
_database_2.database_id 
_database_2.database_code 
_database_2.pdbx_database_accession 
_database_2.pdbx_DOI 
PDB   1EUE         pdb_00001eue 10.2210/pdb1eue/pdb 
RCSB  RCSB010901   ?            ?                   
WWPDB D_1000010901 ?            ?                   
# 
_pdbx_database_related.db_name        PDB 
_pdbx_database_related.db_id          1awp 
_pdbx_database_related.details        . 
_pdbx_database_related.content_type   unspecified 
# 
_pdbx_database_status.status_code                     REL 
_pdbx_database_status.entry_id                        1EUE 
_pdbx_database_status.recvd_initial_deposition_date   2000-04-19 
_pdbx_database_status.deposit_site                    RCSB 
_pdbx_database_status.process_site                    RCSB 
_pdbx_database_status.SG_entry                        . 
_pdbx_database_status.status_code_sf                  ? 
_pdbx_database_status.status_code_mr                  ? 
_pdbx_database_status.status_code_cs                  ? 
_pdbx_database_status.methods_development_category    ? 
_pdbx_database_status.pdb_format_compatible           Y 
_pdbx_database_status.status_code_nmr_data            ? 
# 
loop_
_audit_author.name 
_audit_author.pdbx_ordinal 
'Oganesyan, V.' 1 
'Zhang, X.'     2 
# 
_citation.id                        primary 
_citation.title                     
;Modulation of redox potential in electron transfer proteins: effects of complex formation on the active site microenvironment of cytochrome b5.
;
_citation.journal_abbrev            'FARADAY DISC.CHEM.SOC' 
_citation.journal_volume            116 
_citation.page_first                221 
_citation.page_last                 234 
_citation.year                      2001 
_citation.journal_id_ASTM           FDCSB7 
_citation.country                   UK 
_citation.journal_id_ISSN           1359-6640 
_citation.journal_id_CSD            0564 
_citation.book_publisher            ? 
_citation.pdbx_database_id_PubMed   11197480 
_citation.pdbx_database_id_DOI      ? 
# 
loop_
_citation_author.citation_id 
_citation_author.name 
_citation_author.ordinal 
_citation_author.identifier_ORCID 
primary 'Wirtz, M.'     1 ? 
primary 'Oganesyan, V.' 2 ? 
primary 'Zhang, X.'     3 ? 
primary 'Studer, J.'    4 ? 
primary 'Rivera, M.'    5 ? 
# 
_cell.entry_id           1EUE 
_cell.length_a           46.230 
_cell.length_b           70.770 
_cell.length_c           72.440 
_cell.angle_alpha        90.00 
_cell.angle_beta         90.00 
_cell.angle_gamma        90.00 
_cell.Z_PDB              8 
_cell.pdbx_unique_axis   ? 
_cell.length_a_esd       ? 
_cell.length_b_esd       ? 
_cell.length_c_esd       ? 
_cell.angle_alpha_esd    ? 
_cell.angle_beta_esd     ? 
_cell.angle_gamma_esd    ? 
# 
_symmetry.entry_id                         1EUE 
_symmetry.space_group_name_H-M             'P 21 21 21' 
_symmetry.pdbx_full_space_group_name_H-M   ? 
_symmetry.cell_setting                     ? 
_symmetry.Int_Tables_number                19 
_symmetry.space_group_name_Hall            ? 
# 
loop_
_entity.id 
_entity.type 
_entity.src_method 
_entity.pdbx_description 
_entity.formula_weight 
_entity.pdbx_number_of_molecules 
_entity.pdbx_ec 
_entity.pdbx_mutation 
_entity.pdbx_fragment 
_entity.details 
1 polymer     man 'CYTOCHROME B5'                   9845.826 2  ? 'V45I, V61I' 'WATER SOLUBLE DOMAIN' ? 
2 non-polymer syn 'PROTOPORPHYRIN IX CONTAINING FE' 616.487  2  ? ?            ?                      ? 
3 water       nat water                             18.015   88 ? ?            ?                      ? 
# 
_entity_poly.entity_id                      1 
_entity_poly.type                           'polypeptide(L)' 
_entity_poly.nstd_linkage                   no 
_entity_poly.nstd_monomer                   no 
_entity_poly.pdbx_seq_one_letter_code       
;DPAVTYYRLEEVAKRNTAEETWMVIHGRVYDITRFLSEHPGGEEILLEQAGADATESFEDIGHSPDAREMLKQYYIGDVH
PNDLKP
;
_entity_poly.pdbx_seq_one_letter_code_can   
;DPAVTYYRLEEVAKRNTAEETWMVIHGRVYDITRFLSEHPGGEEILLEQAGADATESFEDIGHSPDAREMLKQYYIGDVH
PNDLKP
;
_entity_poly.pdbx_strand_id                 A,B 
_entity_poly.pdbx_target_identifier         ? 
# 
loop_
_entity_poly_seq.entity_id 
_entity_poly_seq.num 
_entity_poly_seq.mon_id 
_entity_poly_seq.hetero 
1 1  ASP n 
1 2  PRO n 
1 3  ALA n 
1 4  VAL n 
1 5  THR n 
1 6  TYR n 
1 7  TYR n 
1 8  ARG n 
1 9  LEU n 
1 10 GLU n 
1 11 GLU n 
1 12 VAL n 
1 13 ALA n 
1 14 LYS n 
1 15 ARG n 
1 16 ASN n 
1 17 THR n 
1 18 ALA n 
1 19 GLU n 
1 20 GLU n 
1 21 THR n 
1 22 TRP n 
1 23 MET n 
1 24 VAL n 
1 25 ILE n 
1 26 HIS n 
1 27 GLY n 
1 28 ARG n 
1 29 VAL n 
1 30 TYR n 
1 31 ASP n 
1 32 ILE n 
1 33 THR n 
1 34 ARG n 
1 35 PHE n 
1 36 LEU n 
1 37 SER n 
1 38 GLU n 
1 39 HIS n 
1 40 PRO n 
1 41 GLY n 
1 42 GLY n 
1 43 GLU n 
1 44 GLU n 
1 45 ILE n 
1 46 LEU n 
1 47 LEU n 
1 48 GLU n 
1 49 GLN n 
1 50 ALA n 
1 51 GLY n 
1 52 ALA n 
1 53 ASP n 
1 54 ALA n 
1 55 THR n 
1 56 GLU n 
1 57 SER n 
1 58 PHE n 
1 59 GLU n 
1 60 ASP n 
1 61 ILE n 
1 62 GLY n 
1 63 HIS n 
1 64 SER n 
1 65 PRO n 
1 66 ASP n 
1 67 ALA n 
1 68 ARG n 
1 69 GLU n 
1 70 MET n 
1 71 LEU n 
1 72 LYS n 
1 73 GLN n 
1 74 TYR n 
1 75 TYR n 
1 76 ILE n 
1 77 GLY n 
1 78 ASP n 
1 79 VAL n 
1 80 HIS n 
1 81 PRO n 
1 82 ASN n 
1 83 ASP n 
1 84 LEU n 
1 85 LYS n 
1 86 PRO n 
# 
_entity_src_gen.entity_id                          1 
_entity_src_gen.pdbx_src_id                        1 
_entity_src_gen.pdbx_alt_source_flag               sample 
_entity_src_gen.pdbx_seq_type                      ? 
_entity_src_gen.pdbx_beg_seq_num                   ? 
_entity_src_gen.pdbx_end_seq_num                   ? 
_entity_src_gen.gene_src_common_name               'Norway rat' 
_entity_src_gen.gene_src_genus                     Rattus 
_entity_src_gen.pdbx_gene_src_gene                 ? 
_entity_src_gen.gene_src_species                   ? 
_entity_src_gen.gene_src_strain                    ? 
_entity_src_gen.gene_src_tissue                    ? 
_entity_src_gen.gene_src_tissue_fraction           ? 
_entity_src_gen.gene_src_details                   ? 
_entity_src_gen.pdbx_gene_src_fragment             ? 
_entity_src_gen.pdbx_gene_src_scientific_name      'Rattus norvegicus' 
_entity_src_gen.pdbx_gene_src_ncbi_taxonomy_id     10116 
_entity_src_gen.pdbx_gene_src_variant              ? 
_entity_src_gen.pdbx_gene_src_cell_line            ? 
_entity_src_gen.pdbx_gene_src_atcc                 ? 
_entity_src_gen.pdbx_gene_src_organ                LIVER 
_entity_src_gen.pdbx_gene_src_organelle            MITOCHONDRIA 
_entity_src_gen.pdbx_gene_src_cell                 HEPATOCYTE 
_entity_src_gen.pdbx_gene_src_cellular_location    'OUTER MITOCHONDRIAL MEMBRANE' 
_entity_src_gen.host_org_common_name               ? 
_entity_src_gen.pdbx_host_org_scientific_name      'Escherichia coli' 
_entity_src_gen.pdbx_host_org_ncbi_taxonomy_id     562 
_entity_src_gen.host_org_genus                     Escherichia 
_entity_src_gen.pdbx_host_org_gene                 ? 
_entity_src_gen.pdbx_host_org_organ                ? 
_entity_src_gen.host_org_species                   ? 
_entity_src_gen.pdbx_host_org_tissue               ? 
_entity_src_gen.pdbx_host_org_tissue_fraction      ? 
_entity_src_gen.pdbx_host_org_strain               ? 
_entity_src_gen.pdbx_host_org_variant              ? 
_entity_src_gen.pdbx_host_org_cell_line            ? 
_entity_src_gen.pdbx_host_org_atcc                 ? 
_entity_src_gen.pdbx_host_org_culture_collection   ? 
_entity_src_gen.pdbx_host_org_cell                 ? 
_entity_src_gen.pdbx_host_org_organelle            ? 
_entity_src_gen.pdbx_host_org_cellular_location    'PERIPLASMIC SPACE' 
_entity_src_gen.pdbx_host_org_vector_type          PLASMID 
_entity_src_gen.pdbx_host_org_vector               ? 
_entity_src_gen.host_org_details                   ? 
_entity_src_gen.expression_system_id               ? 
_entity_src_gen.plasmid_name                       'PET 11A' 
_entity_src_gen.plasmid_details                    ? 
_entity_src_gen.pdbx_description                   ? 
# 
_struct_ref.id                         1 
_struct_ref.db_code                    CYM5_RAT 
_struct_ref.db_name                    UNP 
_struct_ref.entity_id                  1 
_struct_ref.pdbx_db_accession          P04166 
_struct_ref.pdbx_align_begin           ? 
_struct_ref.pdbx_seq_one_letter_code   ? 
_struct_ref.pdbx_db_isoform            ? 
# 
loop_
_struct_ref_seq.align_id 
_struct_ref_seq.ref_id 
_struct_ref_seq.pdbx_PDB_id_code 
_struct_ref_seq.pdbx_strand_id 
_struct_ref_seq.seq_align_beg 
_struct_ref_seq.pdbx_seq_align_beg_ins_code 
_struct_ref_seq.seq_align_end 
_struct_ref_seq.pdbx_seq_align_end_ins_code 
_struct_ref_seq.pdbx_db_accession 
_struct_ref_seq.db_align_beg 
_struct_ref_seq.pdbx_db_align_beg_ins_code 
_struct_ref_seq.db_align_end 
_struct_ref_seq.pdbx_db_align_end_ins_code 
_struct_ref_seq.pdbx_auth_seq_align_beg 
_struct_ref_seq.pdbx_auth_seq_align_end 
1 1 1EUE A 1 ? 86 ? P04166 6 ? 91 ? 1 86 
2 1 1EUE B 1 ? 86 ? P04166 6 ? 91 ? 1 86 
# 
loop_
_struct_ref_seq_dif.align_id 
_struct_ref_seq_dif.pdbx_pdb_id_code 
_struct_ref_seq_dif.mon_id 
_struct_ref_seq_dif.pdbx_pdb_strand_id 
_struct_ref_seq_dif.seq_num 
_struct_ref_seq_dif.pdbx_pdb_ins_code 
_struct_ref_seq_dif.pdbx_seq_db_name 
_struct_ref_seq_dif.pdbx_seq_db_accession_code 
_struct_ref_seq_dif.db_mon_id 
_struct_ref_seq_dif.pdbx_seq_db_seq_num 
_struct_ref_seq_dif.details 
_struct_ref_seq_dif.pdbx_auth_seq_num 
_struct_ref_seq_dif.pdbx_ordinal 
1 1EUE ILE A 45 ? UNP P04166 VAL 50 'engineered mutation' 45 1 
1 1EUE ILE A 61 ? UNP P04166 VAL 66 'engineered mutation' 61 2 
2 1EUE ILE B 45 ? UNP P04166 VAL 50 'engineered mutation' 45 3 
2 1EUE ILE B 61 ? UNP P04166 VAL 66 'engineered mutation' 61 4 
# 
loop_
_chem_comp.id 
_chem_comp.type 
_chem_comp.mon_nstd_flag 
_chem_comp.name 
_chem_comp.pdbx_synonyms 
_chem_comp.formula 
_chem_comp.formula_weight 
ALA 'L-peptide linking' y ALANINE                           ?    'C3 H7 N O2'       89.093  
ARG 'L-peptide linking' y ARGININE                          ?    'C6 H15 N4 O2 1'   175.209 
ASN 'L-peptide linking' y ASPARAGINE                        ?    'C4 H8 N2 O3'      132.118 
ASP 'L-peptide linking' y 'ASPARTIC ACID'                   ?    'C4 H7 N O4'       133.103 
GLN 'L-peptide linking' y GLUTAMINE                         ?    'C5 H10 N2 O3'     146.144 
GLU 'L-peptide linking' y 'GLUTAMIC ACID'                   ?    'C5 H9 N O4'       147.129 
GLY 'peptide linking'   y GLYCINE                           ?    'C2 H5 N O2'       75.067  
HEM non-polymer         . 'PROTOPORPHYRIN IX CONTAINING FE' HEME 'C34 H32 Fe N4 O4' 616.487 
HIS 'L-peptide linking' y HISTIDINE                         ?    'C6 H10 N3 O2 1'   156.162 
HOH non-polymer         . WATER                             ?    'H2 O'             18.015  
ILE 'L-peptide linking' y ISOLEUCINE                        ?    'C6 H13 N O2'      131.173 
LEU 'L-peptide linking' y LEUCINE                           ?    'C6 H13 N O2'      131.173 
LYS 'L-peptide linking' y LYSINE                            ?    'C6 H15 N2 O2 1'   147.195 
MET 'L-peptide linking' y METHIONINE                        ?    'C5 H11 N O2 S'    149.211 
PHE 'L-peptide linking' y PHENYLALANINE                     ?    'C9 H11 N O2'      165.189 
PRO 'L-peptide linking' y PROLINE                           ?    'C5 H9 N O2'       115.130 
SER 'L-peptide linking' y SERINE                            ?    'C3 H7 N O3'       105.093 
THR 'L-peptide linking' y THREONINE                         ?    'C4 H9 N O3'       119.119 
TRP 'L-peptide linking' y TRYPTOPHAN                        ?    'C11 H12 N2 O2'    204.225 
TYR 'L-peptide linking' y TYROSINE                          ?    'C9 H11 N O3'      181.189 
VAL 'L-peptide linking' y VALINE                            ?    'C5 H11 N O2'      117.146 
# 
_exptl.entry_id          1EUE 
_exptl.method            'X-RAY DIFFRACTION' 
_exptl.crystals_number   1 
# 
_exptl_crystal.id                    1 
_exptl_crystal.density_meas          ? 
_exptl_crystal.density_percent_sol   59 
_exptl_crystal.density_Matthews      3.0 
_exptl_crystal.description           ? 
_exptl_crystal.F_000                 ? 
_exptl_crystal.preparation           ? 
# 
_exptl_crystal_grow.crystal_id      1 
_exptl_crystal_grow.method          'VAPOR DIFFUSION, HANGING DROP' 
_exptl_crystal_grow.pH              6.8 
_exptl_crystal_grow.temp            277.0 
_exptl_crystal_grow.temp_details    ? 
_exptl_crystal_grow.pdbx_details    
'20% PEG 8000, 0.2 M magnesium acetate, 0.1 M PIPES, pH 6.8, VAPOR DIFFUSION, HANGING DROP, temperature 277.0K' 
_exptl_crystal_grow.pdbx_pH_range   . 
# 
_diffrn.id                     1 
_diffrn.ambient_temp           293 
_diffrn.ambient_temp_details   ? 
_diffrn.crystal_id             1 
# 
_diffrn_detector.diffrn_id              1 
_diffrn_detector.detector               'IMAGE PLATE' 
_diffrn_detector.type                   'RIGAKU RAXIS IV' 
_diffrn_detector.pdbx_collection_date   2000-01-15 
_diffrn_detector.details                OSMIC 
# 
_diffrn_radiation.diffrn_id                        1 
_diffrn_radiation.wavelength_id                    1 
_diffrn_radiation.monochromator                    ? 
_diffrn_radiation.pdbx_monochromatic_or_laue_m_l   M 
_diffrn_radiation.pdbx_diffrn_protocol             'SINGLE WAVELENGTH' 
_diffrn_radiation.pdbx_scattering_type             x-ray 
# 
_diffrn_radiation_wavelength.id           1 
_diffrn_radiation_wavelength.wavelength   1.5418 
_diffrn_radiation_wavelength.wt           1.0 
# 
_diffrn_source.diffrn_id                   1 
_diffrn_source.source                      'ROTATING ANODE' 
_diffrn_source.type                        RIGAKU 
_diffrn_source.pdbx_synchrotron_site       ? 
_diffrn_source.pdbx_synchrotron_beamline   ? 
_diffrn_source.pdbx_wavelength             1.5418 
_diffrn_source.pdbx_wavelength_list        ? 
# 
_reflns.entry_id                     1EUE 
_reflns.observed_criterion_sigma_I   -3.0 
_reflns.observed_criterion_sigma_F   ? 
_reflns.d_resolution_low             24.2 
_reflns.d_resolution_high            1.80 
_reflns.number_obs                   21091 
_reflns.number_all                   ? 
_reflns.percent_possible_obs         93.0 
_reflns.pdbx_Rmerge_I_obs            0.0650000 
_reflns.pdbx_Rsym_value              ? 
_reflns.pdbx_netI_over_sigmaI        20.6 
_reflns.B_iso_Wilson_estimate        25.6 
_reflns.pdbx_redundancy              ? 
_reflns.R_free_details               ? 
_reflns.limit_h_max                  ? 
_reflns.limit_h_min                  ? 
_reflns.limit_k_max                  ? 
_reflns.limit_k_min                  ? 
_reflns.limit_l_max                  ? 
_reflns.limit_l_min                  ? 
_reflns.observed_criterion_F_max     ? 
_reflns.observed_criterion_F_min     ? 
_reflns.pdbx_chi_squared             ? 
_reflns.pdbx_scaling_rejects         ? 
_reflns.pdbx_ordinal                 1 
_reflns.pdbx_diffrn_id               1 
# 
_reflns_shell.d_res_high             1.80 
_reflns_shell.d_res_low              1.85 
_reflns_shell.percent_possible_obs   ? 
_reflns_shell.percent_possible_all   91.8 
_reflns_shell.Rmerge_I_obs           0.4800000 
_reflns_shell.meanI_over_sigI_obs    1.8 
_reflns_shell.pdbx_Rsym_value        ? 
_reflns_shell.pdbx_redundancy        ? 
_reflns_shell.number_unique_all      ? 
_reflns_shell.number_measured_all    ? 
_reflns_shell.number_measured_obs    ? 
_reflns_shell.number_unique_obs      ? 
_reflns_shell.pdbx_chi_squared       ? 
_reflns_shell.pdbx_ordinal           1 
_reflns_shell.pdbx_diffrn_id         1 
# 
_refine.entry_id                                 1EUE 
_refine.ls_number_reflns_obs                     21091 
_refine.ls_number_reflns_all                     ? 
_refine.pdbx_ls_sigma_I                          ? 
_refine.pdbx_ls_sigma_F                          0.0 
_refine.pdbx_data_cutoff_high_absF               1103526.57 
_refine.pdbx_data_cutoff_low_absF                0.00 
_refine.pdbx_data_cutoff_high_rms_absF           ? 
_refine.ls_d_res_low                             11.93 
_refine.ls_d_res_high                            1.80 
_refine.ls_percent_reflns_obs                    93.2 
_refine.ls_R_factor_obs                          0.1970000 
_refine.ls_R_factor_all                          ? 
_refine.ls_R_factor_R_work                       0.1970000 
_refine.ls_R_factor_R_free                       0.2320000 
_refine.ls_R_factor_R_free_error                 0.007 
_refine.ls_R_factor_R_free_error_details         ? 
_refine.ls_percent_reflns_R_free                 4.9 
_refine.ls_number_reflns_R_free                  1040 
_refine.ls_number_parameters                     ? 
_refine.ls_number_restraints                     ? 
_refine.occupancy_min                            ? 
_refine.occupancy_max                            ? 
_refine.B_iso_mean                               35.0 
_refine.aniso_B[1][1]                            13.48 
_refine.aniso_B[2][2]                            -7.24 
_refine.aniso_B[3][3]                            -6.24 
_refine.aniso_B[1][2]                            0.00 
_refine.aniso_B[1][3]                            0.00 
_refine.aniso_B[2][3]                            0.00 
_refine.solvent_model_details                    'FLAT MODEL' 
_refine.solvent_model_param_ksol                 0.380 
_refine.solvent_model_param_bsol                 45.14 
_refine.pdbx_ls_cross_valid_method               THROUGHOUT 
_refine.details                                  ? 
_refine.pdbx_starting_model                      1AWP 
_refine.pdbx_method_to_determine_struct          'MOLECULAR REPLACEMENT' 
_refine.pdbx_isotropic_thermal_model             RESTRAINED 
_refine.pdbx_stereochemistry_target_values       ? 
_refine.pdbx_stereochem_target_val_spec_case     ? 
_refine.pdbx_R_Free_selection_details            RANDOM 
_refine.pdbx_overall_ESU_R                       ? 
_refine.pdbx_overall_ESU_R_Free                  ? 
_refine.overall_SU_ML                            ? 
_refine.overall_SU_B                             ? 
_refine.ls_redundancy_reflns_obs                 ? 
_refine.B_iso_min                                ? 
_refine.B_iso_max                                ? 
_refine.correlation_coeff_Fo_to_Fc               ? 
_refine.correlation_coeff_Fo_to_Fc_free          ? 
_refine.overall_SU_R_Cruickshank_DPI             ? 
_refine.overall_SU_R_free                        ? 
_refine.pdbx_refine_id                           'X-RAY DIFFRACTION' 
_refine.pdbx_overall_phase_error                 ? 
_refine.pdbx_solvent_vdw_probe_radii             ? 
_refine.pdbx_solvent_ion_probe_radii             ? 
_refine.pdbx_solvent_shrinkage_radii             ? 
_refine.ls_wR_factor_R_free                      ? 
_refine.ls_wR_factor_R_work                      ? 
_refine.overall_FOM_free_R_set                   ? 
_refine.overall_FOM_work_R_set                   ? 
_refine.pdbx_diffrn_id                           1 
_refine.pdbx_TLS_residual_ADP_flag               ? 
_refine.pdbx_overall_SU_R_free_Cruickshank_DPI   ? 
_refine.pdbx_overall_SU_R_Blow_DPI               ? 
_refine.pdbx_overall_SU_R_free_Blow_DPI          ? 
# 
_refine_analyze.entry_id                        1EUE 
_refine_analyze.Luzzati_coordinate_error_obs    0.21 
_refine_analyze.Luzzati_sigma_a_obs             0.19 
_refine_analyze.Luzzati_d_res_low_obs           5.00 
_refine_analyze.Luzzati_coordinate_error_free   0.25 
_refine_analyze.Luzzati_sigma_a_free            0.26 
_refine_analyze.Luzzati_d_res_low_free          ? 
_refine_analyze.number_disordered_residues      ? 
_refine_analyze.occupancy_sum_hydrogen          ? 
_refine_analyze.occupancy_sum_non_hydrogen      ? 
_refine_analyze.pdbx_Luzzati_d_res_high_obs     ? 
_refine_analyze.pdbx_refine_id                  'X-RAY DIFFRACTION' 
# 
_refine_hist.pdbx_refine_id                   'X-RAY DIFFRACTION' 
_refine_hist.cycle_id                         LAST 
_refine_hist.pdbx_number_atoms_protein        1388 
_refine_hist.pdbx_number_atoms_nucleic_acid   0 
_refine_hist.pdbx_number_atoms_ligand         86 
_refine_hist.number_atoms_solvent             88 
_refine_hist.number_atoms_total               1562 
_refine_hist.d_res_high                       1.80 
_refine_hist.d_res_low                        11.93 
# 
loop_
_refine_ls_restr.type 
_refine_ls_restr.dev_ideal 
_refine_ls_restr.dev_ideal_target 
_refine_ls_restr.weight 
_refine_ls_restr.number 
_refine_ls_restr.pdbx_refine_id 
_refine_ls_restr.pdbx_restraint_function 
c_bond_d           0.010 ? ? ? 'X-RAY DIFFRACTION' ? 
c_angle_deg        1.4   ? ? ? 'X-RAY DIFFRACTION' ? 
c_dihedral_angle_d 21.4  ? ? ? 'X-RAY DIFFRACTION' ? 
c_improper_angle_d 0.98  ? ? ? 'X-RAY DIFFRACTION' ? 
# 
_refine_ls_shell.pdbx_total_number_of_bins_used   6 
_refine_ls_shell.d_res_high                       1.80 
_refine_ls_shell.d_res_low                        1.91 
_refine_ls_shell.number_reflns_R_work             2867 
_refine_ls_shell.R_factor_R_work                  0.2970000 
_refine_ls_shell.percent_reflns_obs               81.2 
_refine_ls_shell.R_factor_R_free                  0.3270000 
_refine_ls_shell.R_factor_R_free_error            0.024 
_refine_ls_shell.percent_reflns_R_free            4.9 
_refine_ls_shell.number_reflns_R_free             148 
_refine_ls_shell.redundancy_reflns_obs            ? 
_refine_ls_shell.number_reflns_all                ? 
_refine_ls_shell.number_reflns_obs                ? 
_refine_ls_shell.pdbx_refine_id                   'X-RAY DIFFRACTION' 
_refine_ls_shell.R_factor_all                     ? 
# 
loop_
_pdbx_xplor_file.serial_no 
_pdbx_xplor_file.param_file 
_pdbx_xplor_file.topol_file 
_pdbx_xplor_file.pdbx_refine_id 
1 PROTEIN_REP.PARAM PROTEIN.TOP 'X-RAY DIFFRACTION' 
2 WATER_REP.PARAM   WATER.TOP   'X-RAY DIFFRACTION' 
3 ION.PARAM         ION.TOP     'X-RAY DIFFRACTION' 
4 HEAM.PAR          HEAM.TOP    'X-RAY DIFFRACTION' 
# 
_struct.entry_id                  1EUE 
_struct.title                     'RAT OUTER MITOCHONDRIAL MEMBRANE CYTOCHROME B5' 
_struct.pdbx_model_details        ? 
_struct.pdbx_CASP_flag            ? 
_struct.pdbx_model_type_details   ? 
# 
_struct_keywords.entry_id        1EUE 
_struct_keywords.pdbx_keywords   'ELECTRON TRANSPORT' 
_struct_keywords.text            'CYTOCHROME, HEME, ELECTRON TRANSPORT' 
# 
loop_
_struct_asym.id 
_struct_asym.pdbx_blank_PDB_chainid_flag 
_struct_asym.pdbx_modified 
_struct_asym.entity_id 
_struct_asym.details 
A N N 1 ? 
B N N 1 ? 
C N N 2 ? 
D N N 2 ? 
E N N 3 ? 
F N N 3 ? 
# 
loop_
_struct_biol.id 
_struct_biol.pdbx_parent_biol_id 
_struct_biol.details 
1 ? ? 
2 ? ? 
# 
loop_
_struct_conf.conf_type_id 
_struct_conf.id 
_struct_conf.pdbx_PDB_helix_id 
_struct_conf.beg_label_comp_id 
_struct_conf.beg_label_asym_id 
_struct_conf.beg_label_seq_id 
_struct_conf.pdbx_beg_PDB_ins_code 
_struct_conf.end_label_comp_id 
_struct_conf.end_label_asym_id 
_struct_conf.end_label_seq_id 
_struct_conf.pdbx_end_PDB_ins_code 
_struct_conf.beg_auth_comp_id 
_struct_conf.beg_auth_asym_id 
_struct_conf.beg_auth_seq_id 
_struct_conf.end_auth_comp_id 
_struct_conf.end_auth_asym_id 
_struct_conf.end_auth_seq_id 
_struct_conf.pdbx_PDB_helix_class 
_struct_conf.details 
_struct_conf.pdbx_PDB_helix_length 
HELX_P HELX_P1  1  ARG A 8  ? ALA A 13 ? ARG A 8  ALA A 13 1 ? 6 
HELX_P HELX_P2  2  THR A 33 ? HIS A 39 ? THR A 33 HIS A 39 5 ? 7 
HELX_P HELX_P3  3  GLU A 43 ? GLU A 48 ? GLU A 43 GLU A 48 1 ? 6 
HELX_P HELX_P4  4  ALA A 54 ? GLY A 62 ? ALA A 54 GLY A 62 1 ? 9 
HELX_P HELX_P5  5  SER A 64 ? LEU A 71 ? SER A 64 LEU A 71 1 ? 8 
HELX_P HELX_P6  6  PRO A 81 ? LEU A 84 ? PRO A 81 LEU A 84 5 ? 4 
HELX_P HELX_P7  7  ARG B 8  ? LYS B 14 ? ARG B 8  LYS B 14 1 ? 7 
HELX_P HELX_P8  8  THR B 33 ? LEU B 36 ? THR B 33 LEU B 36 5 ? 4 
HELX_P HELX_P9  9  GLU B 43 ? GLN B 49 ? GLU B 43 GLN B 49 1 ? 7 
HELX_P HELX_P10 10 ALA B 54 ? ILE B 61 ? ALA B 54 ILE B 61 1 ? 8 
HELX_P HELX_P11 11 SER B 64 ? LYS B 72 ? SER B 64 LYS B 72 1 ? 9 
HELX_P HELX_P12 12 PRO B 81 ? LEU B 84 ? PRO B 81 LEU B 84 5 ? 4 
# 
_struct_conf_type.id          HELX_P 
_struct_conf_type.criteria    ? 
_struct_conf_type.reference   ? 
# 
loop_
_struct_conn.id 
_struct_conn.conn_type_id 
_struct_conn.pdbx_leaving_atom_flag 
_struct_conn.pdbx_PDB_id 
_struct_conn.ptnr1_label_asym_id 
_struct_conn.ptnr1_label_comp_id 
_struct_conn.ptnr1_label_seq_id 
_struct_conn.ptnr1_label_atom_id 
_struct_conn.pdbx_ptnr1_label_alt_id 
_struct_conn.pdbx_ptnr1_PDB_ins_code 
_struct_conn.pdbx_ptnr1_standard_comp_id 
_struct_conn.ptnr1_symmetry 
_struct_conn.ptnr2_label_asym_id 
_struct_conn.ptnr2_label_comp_id 
_struct_conn.ptnr2_label_seq_id 
_struct_conn.ptnr2_label_atom_id 
_struct_conn.pdbx_ptnr2_label_alt_id 
_struct_conn.pdbx_ptnr2_PDB_ins_code 
_struct_conn.ptnr1_auth_asym_id 
_struct_conn.ptnr1_auth_comp_id 
_struct_conn.ptnr1_auth_seq_id 
_struct_conn.ptnr2_auth_asym_id 
_struct_conn.ptnr2_auth_comp_id 
_struct_conn.ptnr2_auth_seq_id 
_struct_conn.ptnr2_symmetry 
_struct_conn.pdbx_ptnr3_label_atom_id 
_struct_conn.pdbx_ptnr3_label_seq_id 
_struct_conn.pdbx_ptnr3_label_comp_id 
_struct_conn.pdbx_ptnr3_label_asym_id 
_struct_conn.pdbx_ptnr3_label_alt_id 
_struct_conn.pdbx_ptnr3_PDB_ins_code 
_struct_conn.details 
_struct_conn.pdbx_dist_value 
_struct_conn.pdbx_value_order 
_struct_conn.pdbx_role 
metalc1 metalc ? ? A HIS 39 NE2 ? ? ? 1_555 C HEM . FE ? ? A HIS 39 A HEM 201 1_555 ? ? ? ? ? ? ? 2.113 ? ? 
metalc2 metalc ? ? A HIS 63 NE2 ? ? ? 1_555 C HEM . FE ? ? A HIS 63 A HEM 201 1_555 ? ? ? ? ? ? ? 2.186 ? ? 
metalc3 metalc ? ? B HIS 39 NE2 ? ? ? 1_555 D HEM . FE ? ? B HIS 39 B HEM 201 1_555 ? ? ? ? ? ? ? 2.147 ? ? 
metalc4 metalc ? ? B HIS 63 NE2 ? ? ? 1_555 D HEM . FE ? ? B HIS 63 B HEM 201 1_555 ? ? ? ? ? ? ? 2.075 ? ? 
# 
_struct_conn_type.id          metalc 
_struct_conn_type.criteria    ? 
_struct_conn_type.reference   ? 
# 
loop_
_struct_sheet.id 
_struct_sheet.type 
_struct_sheet.number_strands 
_struct_sheet.details 
A ? 5 ? 
B ? 5 ? 
# 
loop_
_struct_sheet_order.sheet_id 
_struct_sheet_order.range_id_1 
_struct_sheet_order.range_id_2 
_struct_sheet_order.offset 
_struct_sheet_order.sense 
A 1 2 ? parallel      
A 2 3 ? anti-parallel 
A 3 4 ? anti-parallel 
A 4 5 ? anti-parallel 
B 1 2 ? parallel      
B 2 3 ? anti-parallel 
B 3 4 ? anti-parallel 
B 4 5 ? anti-parallel 
# 
loop_
_struct_sheet_range.sheet_id 
_struct_sheet_range.id 
_struct_sheet_range.beg_label_comp_id 
_struct_sheet_range.beg_label_asym_id 
_struct_sheet_range.beg_label_seq_id 
_struct_sheet_range.pdbx_beg_PDB_ins_code 
_struct_sheet_range.end_label_comp_id 
_struct_sheet_range.end_label_asym_id 
_struct_sheet_range.end_label_seq_id 
_struct_sheet_range.pdbx_end_PDB_ins_code 
_struct_sheet_range.beg_auth_comp_id 
_struct_sheet_range.beg_auth_asym_id 
_struct_sheet_range.beg_auth_seq_id 
_struct_sheet_range.end_auth_comp_id 
_struct_sheet_range.end_auth_asym_id 
_struct_sheet_range.end_auth_seq_id 
A 1 TYR A 6  ? TYR A 7  ? TYR A 6  TYR A 7  
A 2 TYR A 75 ? VAL A 79 ? TYR A 75 VAL A 79 
A 3 ARG A 28 ? ASP A 31 ? ARG A 28 ASP A 31 
A 4 GLU A 20 ? ILE A 25 ? GLU A 20 ILE A 25 
A 5 ASN A 16 ? THR A 17 ? ASN A 16 THR A 17 
B 1 TYR B 6  ? TYR B 7  ? TYR B 6  TYR B 7  
B 2 TYR B 75 ? VAL B 79 ? TYR B 75 VAL B 79 
B 3 ARG B 28 ? ASP B 31 ? ARG B 28 ASP B 31 
B 4 GLU B 20 ? ILE B 25 ? GLU B 20 ILE B 25 
B 5 ASN B 16 ? THR B 17 ? ASN B 16 THR B 17 
# 
loop_
_pdbx_struct_sheet_hbond.sheet_id 
_pdbx_struct_sheet_hbond.range_id_1 
_pdbx_struct_sheet_hbond.range_id_2 
_pdbx_struct_sheet_hbond.range_1_label_atom_id 
_pdbx_struct_sheet_hbond.range_1_label_comp_id 
_pdbx_struct_sheet_hbond.range_1_label_asym_id 
_pdbx_struct_sheet_hbond.range_1_label_seq_id 
_pdbx_struct_sheet_hbond.range_1_PDB_ins_code 
_pdbx_struct_sheet_hbond.range_1_auth_atom_id 
_pdbx_struct_sheet_hbond.range_1_auth_comp_id 
_pdbx_struct_sheet_hbond.range_1_auth_asym_id 
_pdbx_struct_sheet_hbond.range_1_auth_seq_id 
_pdbx_struct_sheet_hbond.range_2_label_atom_id 
_pdbx_struct_sheet_hbond.range_2_label_comp_id 
_pdbx_struct_sheet_hbond.range_2_label_asym_id 
_pdbx_struct_sheet_hbond.range_2_label_seq_id 
_pdbx_struct_sheet_hbond.range_2_PDB_ins_code 
_pdbx_struct_sheet_hbond.range_2_auth_atom_id 
_pdbx_struct_sheet_hbond.range_2_auth_comp_id 
_pdbx_struct_sheet_hbond.range_2_auth_asym_id 
_pdbx_struct_sheet_hbond.range_2_auth_seq_id 
A 1 2 N TYR A 7  ? N TYR A 7  O ASP A 78 ? O ASP A 78 
A 2 3 O GLY A 77 ? O GLY A 77 N VAL A 29 ? N VAL A 29 
A 3 4 N TYR A 30 ? N TYR A 30 O MET A 23 ? O MET A 23 
A 4 5 N GLU A 20 ? N GLU A 20 O THR A 17 ? O THR A 17 
B 1 2 N TYR B 7  ? N TYR B 7  O ASP B 78 ? O ASP B 78 
B 2 3 O GLY B 77 ? O GLY B 77 N VAL B 29 ? N VAL B 29 
B 3 4 N TYR B 30 ? N TYR B 30 O MET B 23 ? O MET B 23 
B 4 5 N GLU B 20 ? N GLU B 20 O THR B 17 ? O THR B 17 
# 
loop_
_struct_site.id 
_struct_site.pdbx_evidence_code 
_struct_site.pdbx_auth_asym_id 
_struct_site.pdbx_auth_comp_id 
_struct_site.pdbx_auth_seq_id 
_struct_site.pdbx_auth_ins_code 
_struct_site.pdbx_num_residues 
_struct_site.details 
AC1 Software A HEM 201 ? 16 'BINDING SITE FOR RESIDUE HEM A 201' 
AC2 Software B HEM 201 ? 13 'BINDING SITE FOR RESIDUE HEM B 201' 
# 
loop_
_struct_site_gen.id 
_struct_site_gen.site_id 
_struct_site_gen.pdbx_num_res 
_struct_site_gen.label_comp_id 
_struct_site_gen.label_asym_id 
_struct_site_gen.label_seq_id 
_struct_site_gen.pdbx_auth_ins_code 
_struct_site_gen.auth_comp_id 
_struct_site_gen.auth_asym_id 
_struct_site_gen.auth_seq_id 
_struct_site_gen.label_atom_id 
_struct_site_gen.label_alt_id 
_struct_site_gen.symmetry 
_struct_site_gen.details 
1  AC1 16 ILE A 32 ? ILE A 32  . ? 1_555 ? 
2  AC1 16 PHE A 35 ? PHE A 35  . ? 1_555 ? 
3  AC1 16 HIS A 39 ? HIS A 39  . ? 1_555 ? 
4  AC1 16 PRO A 40 ? PRO A 40  . ? 1_555 ? 
5  AC1 16 GLY A 41 ? GLY A 41  . ? 1_555 ? 
6  AC1 16 LEU A 46 ? LEU A 46  . ? 1_555 ? 
7  AC1 16 SER A 57 ? SER A 57  . ? 1_555 ? 
8  AC1 16 PHE A 58 ? PHE A 58  . ? 1_555 ? 
9  AC1 16 ILE A 61 ? ILE A 61  . ? 1_555 ? 
10 AC1 16 HIS A 63 ? HIS A 63  . ? 1_555 ? 
11 AC1 16 ALA A 67 ? ALA A 67  . ? 1_555 ? 
12 AC1 16 LEU A 71 ? LEU A 71  . ? 1_555 ? 
13 AC1 16 HOH E .  ? HOH A 228 . ? 1_555 ? 
14 AC1 16 SER B 64 ? SER B 64  . ? 2_665 ? 
15 AC1 16 PRO B 65 ? PRO B 65  . ? 2_665 ? 
16 AC1 16 ARG B 68 ? ARG B 68  . ? 2_665 ? 
17 AC2 13 PHE B 35 ? PHE B 35  . ? 1_555 ? 
18 AC2 13 HIS B 39 ? HIS B 39  . ? 1_555 ? 
19 AC2 13 PRO B 40 ? PRO B 40  . ? 1_555 ? 
20 AC2 13 ILE B 45 ? ILE B 45  . ? 1_555 ? 
21 AC2 13 LEU B 46 ? LEU B 46  . ? 1_555 ? 
22 AC2 13 GLN B 49 ? GLN B 49  . ? 1_555 ? 
23 AC2 13 PHE B 58 ? PHE B 58  . ? 1_555 ? 
24 AC2 13 ILE B 61 ? ILE B 61  . ? 1_555 ? 
25 AC2 13 HIS B 63 ? HIS B 63  . ? 1_555 ? 
26 AC2 13 ALA B 67 ? ALA B 67  . ? 1_555 ? 
27 AC2 13 MET B 70 ? MET B 70  . ? 1_555 ? 
28 AC2 13 LEU B 71 ? LEU B 71  . ? 1_555 ? 
29 AC2 13 HOH F .  ? HOH B 221 . ? 1_555 ? 
# 
_atom_sites.entry_id                    1EUE 
_atom_sites.fract_transf_matrix[1][1]   -0.00132305 
_atom_sites.fract_transf_matrix[1][2]   0.02148988 
_atom_sites.fract_transf_matrix[1][3]   -0.00208199 
_atom_sites.fract_transf_matrix[2][1]   0.01124730 
_atom_sites.fract_transf_matrix[2][2]   -0.00013608 
_atom_sites.fract_transf_matrix[2][3]   -0.00855199 
_atom_sites.fract_transf_matrix[3][1]   -0.00831358 
_atom_sites.fract_transf_matrix[3][2]   -0.00156870 
_atom_sites.fract_transf_matrix[3][3]   -0.01090879 
_atom_sites.fract_transf_vector[1]      0.633856 
_atom_sites.fract_transf_vector[2]      0.366234 
_atom_sites.fract_transf_vector[3]      0.747875 
# 
loop_
_atom_type.symbol 
C  
FE 
N  
O  
S  
# 
loop_
_atom_site.group_PDB 
_atom_site.id 
_atom_site.type_symbol 
_atom_site.label_atom_id 
_atom_site.label_alt_id 
_atom_site.label_comp_id 
_atom_site.label_asym_id 
_atom_site.label_entity_id 
_atom_site.label_seq_id 
_atom_site.pdbx_PDB_ins_code 
_atom_site.Cartn_x 
_atom_site.Cartn_y 
_atom_site.Cartn_z 
_atom_site.occupancy 
_atom_site.B_iso_or_equiv 
_atom_site.pdbx_formal_charge 
_atom_site.auth_seq_id 
_atom_site.auth_comp_id 
_atom_site.auth_asym_id 
_atom_site.auth_atom_id 
_atom_site.pdbx_PDB_model_num 
ATOM   1    N  N   . ASP A 1 1  ? -8.698  -2.862  11.147  1.00 76.56 ? 1   ASP A N   1 
ATOM   2    C  CA  . ASP A 1 1  ? -9.514  -3.180  12.359  1.00 76.40 ? 1   ASP A CA  1 
ATOM   3    C  C   . ASP A 1 1  ? -10.016 -1.941  13.127  1.00 75.08 ? 1   ASP A C   1 
ATOM   4    O  O   . ASP A 1 1  ? -11.233 -1.739  13.243  1.00 75.61 ? 1   ASP A O   1 
ATOM   5    C  CB  . ASP A 1 1  ? -8.716  -4.107  13.296  1.00 77.61 ? 1   ASP A CB  1 
ATOM   6    C  CG  . ASP A 1 1  ? -9.428  -4.366  14.621  1.00 78.74 ? 1   ASP A CG  1 
ATOM   7    O  OD1 . ASP A 1 1  ? -10.620 -4.750  14.602  1.00 79.31 ? 1   ASP A OD1 1 
ATOM   8    O  OD2 . ASP A 1 1  ? -8.786  -4.191  15.683  1.00 79.68 ? 1   ASP A OD2 1 
ATOM   9    N  N   . PRO A 1 2  ? -9.097  -1.091  13.644  1.00 72.85 ? 2   PRO A N   1 
ATOM   10   C  CA  . PRO A 1 2  ? -9.486  0.111   14.396  1.00 70.11 ? 2   PRO A CA  1 
ATOM   11   C  C   . PRO A 1 2  ? -10.483 1.023   13.674  1.00 66.91 ? 2   PRO A C   1 
ATOM   12   O  O   . PRO A 1 2  ? -11.679 0.729   13.609  1.00 67.48 ? 2   PRO A O   1 
ATOM   13   C  CB  . PRO A 1 2  ? -8.149  0.806   14.655  1.00 71.11 ? 2   PRO A CB  1 
ATOM   14   C  CG  . PRO A 1 2  ? -7.188  -0.335  14.715  1.00 72.15 ? 2   PRO A CG  1 
ATOM   15   C  CD  . PRO A 1 2  ? -7.629  -1.177  13.545  1.00 72.24 ? 2   PRO A CD  1 
ATOM   16   N  N   . ALA A 1 3  ? -9.988  2.139   13.145  1.00 62.46 ? 3   ALA A N   1 
ATOM   17   C  CA  . ALA A 1 3  ? -10.844 3.085   12.440  1.00 57.16 ? 3   ALA A CA  1 
ATOM   18   C  C   . ALA A 1 3  ? -10.650 2.983   10.933  1.00 53.12 ? 3   ALA A C   1 
ATOM   19   O  O   . ALA A 1 3  ? -10.298 3.963   10.274  1.00 52.42 ? 3   ALA A O   1 
ATOM   20   C  CB  . ALA A 1 3  ? -10.553 4.509   12.909  1.00 57.89 ? 3   ALA A CB  1 
ATOM   21   N  N   . VAL A 1 4  ? -10.881 1.794   10.386  1.00 47.20 ? 4   VAL A N   1 
ATOM   22   C  CA  . VAL A 1 4  ? -10.745 1.602   8.949   1.00 41.31 ? 4   VAL A CA  1 
ATOM   23   C  C   . VAL A 1 4  ? -12.076 1.955   8.294   1.00 35.98 ? 4   VAL A C   1 
ATOM   24   O  O   . VAL A 1 4  ? -13.125 1.513   8.737   1.00 33.62 ? 4   VAL A O   1 
ATOM   25   C  CB  . VAL A 1 4  ? -10.390 0.139   8.601   1.00 42.27 ? 4   VAL A CB  1 
ATOM   26   C  CG1 . VAL A 1 4  ? -10.286 -0.020  7.082   1.00 41.91 ? 4   VAL A CG1 1 
ATOM   27   C  CG2 . VAL A 1 4  ? -9.078  -0.253  9.272   1.00 42.94 ? 4   VAL A CG2 1 
ATOM   28   N  N   . THR A 1 5  ? -12.029 2.781   7.258   1.00 33.50 ? 5   THR A N   1 
ATOM   29   C  CA  . THR A 1 5  ? -13.228 3.174   6.523   1.00 29.94 ? 5   THR A CA  1 
ATOM   30   C  C   . THR A 1 5  ? -13.425 2.182   5.353   1.00 27.99 ? 5   THR A C   1 
ATOM   31   O  O   . THR A 1 5  ? -12.486 1.915   4.615   1.00 26.41 ? 5   THR A O   1 
ATOM   32   C  CB  . THR A 1 5  ? -13.053 4.600   5.959   1.00 33.24 ? 5   THR A CB  1 
ATOM   33   O  OG1 . THR A 1 5  ? -12.809 5.500   7.041   1.00 35.18 ? 5   THR A OG1 1 
ATOM   34   C  CG2 . THR A 1 5  ? -14.287 5.060   5.201   1.00 34.01 ? 5   THR A CG2 1 
ATOM   35   N  N   . TYR A 1 6  ? -14.642 1.658   5.188   1.00 26.40 ? 6   TYR A N   1 
ATOM   36   C  CA  . TYR A 1 6  ? -14.956 0.717   4.114   1.00 25.05 ? 6   TYR A CA  1 
ATOM   37   C  C   . TYR A 1 6  ? -15.939 1.281   3.091   1.00 25.65 ? 6   TYR A C   1 
ATOM   38   O  O   . TYR A 1 6  ? -16.934 1.918   3.453   1.00 27.07 ? 6   TYR A O   1 
ATOM   39   C  CB  . TYR A 1 6  ? -15.586 -0.546  4.688   1.00 26.75 ? 6   TYR A CB  1 
ATOM   40   C  CG  . TYR A 1 6  ? -14.601 -1.382  5.434   1.00 27.88 ? 6   TYR A CG  1 
ATOM   41   C  CD1 . TYR A 1 6  ? -13.717 -2.214  4.746   1.00 25.53 ? 6   TYR A CD1 1 
ATOM   42   C  CD2 . TYR A 1 6  ? -14.522 -1.320  6.829   1.00 28.79 ? 6   TYR A CD2 1 
ATOM   43   C  CE1 . TYR A 1 6  ? -12.783 -2.962  5.419   1.00 28.47 ? 6   TYR A CE1 1 
ATOM   44   C  CE2 . TYR A 1 6  ? -13.579 -2.070  7.516   1.00 31.06 ? 6   TYR A CE2 1 
ATOM   45   C  CZ  . TYR A 1 6  ? -12.714 -2.886  6.798   1.00 31.44 ? 6   TYR A CZ  1 
ATOM   46   O  OH  . TYR A 1 6  ? -11.761 -3.612  7.460   1.00 34.57 ? 6   TYR A OH  1 
ATOM   47   N  N   . TYR A 1 7  ? -15.665 0.998   1.823   1.00 24.01 ? 7   TYR A N   1 
ATOM   48   C  CA  . TYR A 1 7  ? -16.509 1.406   0.719   1.00 24.26 ? 7   TYR A CA  1 
ATOM   49   C  C   . TYR A 1 7  ? -16.907 0.205   -0.104  1.00 25.22 ? 7   TYR A C   1 
ATOM   50   O  O   . TYR A 1 7  ? -16.099 -0.697  -0.297  1.00 26.34 ? 7   TYR A O   1 
ATOM   51   C  CB  . TYR A 1 7  ? -15.747 2.349   -0.207  1.00 24.60 ? 7   TYR A CB  1 
ATOM   52   C  CG  . TYR A 1 7  ? -15.491 3.700   0.399   1.00 25.42 ? 7   TYR A CG  1 
ATOM   53   C  CD1 . TYR A 1 7  ? -16.507 4.664   0.478   1.00 28.11 ? 7   TYR A CD1 1 
ATOM   54   C  CD2 . TYR A 1 7  ? -14.233 4.013   0.900   1.00 28.06 ? 7   TYR A CD2 1 
ATOM   55   C  CE1 . TYR A 1 7  ? -16.253 5.914   1.052   1.00 27.85 ? 7   TYR A CE1 1 
ATOM   56   C  CE2 . TYR A 1 7  ? -13.973 5.251   1.471   1.00 27.86 ? 7   TYR A CE2 1 
ATOM   57   C  CZ  . TYR A 1 7  ? -14.977 6.189   1.541   1.00 30.04 ? 7   TYR A CZ  1 
ATOM   58   O  OH  . TYR A 1 7  ? -14.666 7.419   2.097   1.00 33.27 ? 7   TYR A OH  1 
ATOM   59   N  N   . ARG A 1 8  ? -18.144 0.196   -0.598  1.00 25.77 ? 8   ARG A N   1 
ATOM   60   C  CA  . ARG A 1 8  ? -18.578 -0.859  -1.508  1.00 26.61 ? 8   ARG A CA  1 
ATOM   61   C  C   . ARG A 1 8  ? -18.108 -0.432  -2.911  1.00 27.57 ? 8   ARG A C   1 
ATOM   62   O  O   . ARG A 1 8  ? -17.966 0.767   -3.179  1.00 26.67 ? 8   ARG A O   1 
ATOM   63   C  CB  . ARG A 1 8  ? -20.108 -0.982  -1.509  1.00 27.64 ? 8   ARG A CB  1 
ATOM   64   C  CG  . ARG A 1 8  ? -20.713 -1.240  -0.132  1.00 30.00 ? 8   ARG A CG  1 
ATOM   65   C  CD  . ARG A 1 8  ? -20.080 -2.465  0.526   1.00 32.87 ? 8   ARG A CD  1 
ATOM   66   N  NE  . ARG A 1 8  ? -20.157 -3.654  -0.326  1.00 34.21 ? 8   ARG A NE  1 
ATOM   67   C  CZ  . ARG A 1 8  ? -20.891 -4.734  -0.054  1.00 38.32 ? 8   ARG A CZ  1 
ATOM   68   N  NH1 . ARG A 1 8  ? -21.619 -4.782  1.055   1.00 33.96 ? 8   ARG A NH1 1 
ATOM   69   N  NH2 . ARG A 1 8  ? -20.896 -5.774  -0.891  1.00 36.90 ? 8   ARG A NH2 1 
ATOM   70   N  N   . LEU A 1 9  ? -17.853 -1.386  -3.804  1.00 27.08 ? 9   LEU A N   1 
ATOM   71   C  CA  . LEU A 1 9  ? -17.418 -1.013  -5.155  1.00 29.44 ? 9   LEU A CA  1 
ATOM   72   C  C   . LEU A 1 9  ? -18.471 -0.161  -5.848  1.00 28.92 ? 9   LEU A C   1 
ATOM   73   O  O   . LEU A 1 9  ? -18.145 0.678   -6.688  1.00 28.99 ? 9   LEU A O   1 
ATOM   74   C  CB  . LEU A 1 9  ? -17.109 -2.253  -6.011  1.00 30.82 ? 9   LEU A CB  1 
ATOM   75   C  CG  . LEU A 1 9  ? -15.720 -2.888  -5.834  1.00 35.41 ? 9   LEU A CG  1 
ATOM   76   C  CD1 . LEU A 1 9  ? -15.536 -4.043  -6.835  1.00 35.67 ? 9   LEU A CD1 1 
ATOM   77   C  CD2 . LEU A 1 9  ? -14.634 -1.838  -6.074  1.00 35.27 ? 9   LEU A CD2 1 
ATOM   78   N  N   . GLU A 1 10 ? -19.735 -0.373  -5.481  1.00 29.66 ? 10  GLU A N   1 
ATOM   79   C  CA  . GLU A 1 10 ? -20.854 0.372   -6.046  1.00 31.80 ? 10  GLU A CA  1 
ATOM   80   C  C   . GLU A 1 10 ? -20.704 1.873   -5.749  1.00 30.86 ? 10  GLU A C   1 
ATOM   81   O  O   . GLU A 1 10 ? -21.095 2.711   -6.563  1.00 32.75 ? 10  GLU A O   1 
ATOM   82   C  CB  . GLU A 1 10 ? -22.147 -0.172  -5.444  1.00 36.12 ? 10  GLU A CB  1 
ATOM   83   C  CG  . GLU A 1 10 ? -23.411 0.327   -6.044  1.00 45.05 ? 10  GLU A CG  1 
ATOM   84   C  CD  . GLU A 1 10 ? -24.608 -0.370  -5.437  1.00 47.78 ? 10  GLU A CD  1 
ATOM   85   O  OE1 . GLU A 1 10 ? -24.758 -0.302  -4.197  1.00 49.91 ? 10  GLU A OE1 1 
ATOM   86   O  OE2 . GLU A 1 10 ? -25.387 -0.989  -6.201  1.00 52.49 ? 10  GLU A OE2 1 
ATOM   87   N  N   . GLU A 1 11 ? -20.144 2.205   -4.589  1.00 29.34 ? 11  GLU A N   1 
ATOM   88   C  CA  . GLU A 1 11 ? -19.913 3.602   -4.189  1.00 29.17 ? 11  GLU A CA  1 
ATOM   89   C  C   . GLU A 1 11 ? -18.719 4.196   -4.955  1.00 30.36 ? 11  GLU A C   1 
ATOM   90   O  O   . GLU A 1 11 ? -18.728 5.370   -5.357  1.00 30.64 ? 11  GLU A O   1 
ATOM   91   C  CB  . GLU A 1 11 ? -19.611 3.698   -2.690  1.00 28.85 ? 11  GLU A CB  1 
ATOM   92   C  CG  . GLU A 1 11 ? -20.690 3.164   -1.792  1.00 31.72 ? 11  GLU A CG  1 
ATOM   93   C  CD  . GLU A 1 11 ? -20.296 3.263   -0.329  1.00 34.18 ? 11  GLU A CD  1 
ATOM   94   O  OE1 . GLU A 1 11 ? -20.269 4.391   0.211   1.00 35.02 ? 11  GLU A OE1 1 
ATOM   95   O  OE2 . GLU A 1 11 ? -19.993 2.216   0.282   1.00 31.85 ? 11  GLU A OE2 1 
ATOM   96   N  N   . VAL A 1 12 ? -17.679 3.391   -5.115  1.00 27.92 ? 12  VAL A N   1 
ATOM   97   C  CA  . VAL A 1 12 ? -16.486 3.817   -5.847  1.00 27.79 ? 12  VAL A CA  1 
ATOM   98   C  C   . VAL A 1 12 ? -16.849 4.105   -7.312  1.00 29.29 ? 12  VAL A C   1 
ATOM   99   O  O   . VAL A 1 12 ? -16.376 5.085   -7.893  1.00 28.17 ? 12  VAL A O   1 
ATOM   100  C  CB  . VAL A 1 12 ? -15.401 2.715   -5.826  1.00 26.87 ? 12  VAL A CB  1 
ATOM   101  C  CG1 . VAL A 1 12 ? -14.187 3.138   -6.641  1.00 28.05 ? 12  VAL A CG1 1 
ATOM   102  C  CG2 . VAL A 1 12 ? -14.995 2.420   -4.391  1.00 27.68 ? 12  VAL A CG2 1 
ATOM   103  N  N   . ALA A 1 13 ? -17.708 3.264   -7.887  1.00 28.69 ? 13  ALA A N   1 
ATOM   104  C  CA  . ALA A 1 13 ? -18.105 3.399   -9.294  1.00 30.78 ? 13  ALA A CA  1 
ATOM   105  C  C   . ALA A 1 13 ? -18.761 4.743   -9.625  1.00 31.74 ? 13  ALA A C   1 
ATOM   106  O  O   . ALA A 1 13 ? -18.713 5.188   -10.769 1.00 32.50 ? 13  ALA A O   1 
ATOM   107  C  CB  . ALA A 1 13 ? -19.032 2.267   -9.680  1.00 31.17 ? 13  ALA A CB  1 
ATOM   108  N  N   . LYS A 1 14 ? -19.358 5.388   -8.628  1.00 31.79 ? 14  LYS A N   1 
ATOM   109  C  CA  . LYS A 1 14 ? -20.013 6.684   -8.837  1.00 34.75 ? 14  LYS A CA  1 
ATOM   110  C  C   . LYS A 1 14 ? -19.038 7.843   -8.966  1.00 34.15 ? 14  LYS A C   1 
ATOM   111  O  O   . LYS A 1 14 ? -19.411 8.913   -9.438  1.00 35.05 ? 14  LYS A O   1 
ATOM   112  C  CB  . LYS A 1 14 ? -20.980 6.999   -7.692  1.00 37.00 ? 14  LYS A CB  1 
ATOM   113  C  CG  . LYS A 1 14 ? -22.144 6.024   -7.569  1.00 42.38 ? 14  LYS A CG  1 
ATOM   114  C  CD  . LYS A 1 14 ? -23.031 6.439   -6.408  1.00 44.73 ? 14  LYS A CD  1 
ATOM   115  C  CE  . LYS A 1 14 ? -24.139 5.431   -6.143  1.00 47.16 ? 14  LYS A CE  1 
ATOM   116  N  NZ  . LYS A 1 14 ? -24.993 5.910   -5.007  1.00 47.93 ? 14  LYS A NZ  1 
ATOM   117  N  N   . ARG A 1 15 ? -17.796 7.644   -8.529  1.00 32.34 ? 15  ARG A N   1 
ATOM   118  C  CA  . ARG A 1 15 ? -16.788 8.697   -8.610  1.00 29.65 ? 15  ARG A CA  1 
ATOM   119  C  C   . ARG A 1 15 ? -15.965 8.429   -9.861  1.00 29.86 ? 15  ARG A C   1 
ATOM   120  O  O   . ARG A 1 15 ? -14.791 8.031   -9.794  1.00 27.82 ? 15  ARG A O   1 
ATOM   121  C  CB  . ARG A 1 15 ? -15.890 8.688   -7.365  1.00 28.51 ? 15  ARG A CB  1 
ATOM   122  C  CG  . ARG A 1 15 ? -16.488 9.379   -6.143  1.00 30.86 ? 15  ARG A CG  1 
ATOM   123  C  CD  . ARG A 1 15 ? -17.634 8.613   -5.526  1.00 31.46 ? 15  ARG A CD  1 
ATOM   124  N  NE  . ARG A 1 15 ? -18.101 9.307   -4.332  1.00 32.39 ? 15  ARG A NE  1 
ATOM   125  C  CZ  . ARG A 1 15 ? -18.881 8.777   -3.396  1.00 35.27 ? 15  ARG A CZ  1 
ATOM   126  N  NH1 . ARG A 1 15 ? -19.302 7.519   -3.501  1.00 35.52 ? 15  ARG A NH1 1 
ATOM   127  N  NH2 . ARG A 1 15 ? -19.236 9.513   -2.345  1.00 37.16 ? 15  ARG A NH2 1 
ATOM   128  N  N   . ASN A 1 16 ? -16.575 8.682   -11.013 1.00 27.84 ? 16  ASN A N   1 
ATOM   129  C  CA  . ASN A 1 16 ? -15.907 8.382   -12.264 1.00 30.70 ? 16  ASN A CA  1 
ATOM   130  C  C   . ASN A 1 16 ? -15.729 9.546   -13.245 1.00 31.15 ? 16  ASN A C   1 
ATOM   131  O  O   . ASN A 1 16 ? -15.511 9.329   -14.438 1.00 29.68 ? 16  ASN A O   1 
ATOM   132  C  CB  . ASN A 1 16 ? -16.642 7.220   -12.938 1.00 32.98 ? 16  ASN A CB  1 
ATOM   133  C  CG  . ASN A 1 16 ? -18.016 7.618   -13.454 1.00 36.28 ? 16  ASN A CG  1 
ATOM   134  O  OD1 . ASN A 1 16 ? -18.651 8.545   -12.941 1.00 37.03 ? 16  ASN A OD1 1 
ATOM   135  N  ND2 . ASN A 1 16 ? -18.480 6.912   -14.473 1.00 39.95 ? 16  ASN A ND2 1 
ATOM   136  N  N   . THR A 1 17 ? -15.795 10.772  -12.738 1.00 30.31 ? 17  THR A N   1 
ATOM   137  C  CA  . THR A 1 17 ? -15.606 11.945  -13.582 1.00 30.99 ? 17  THR A CA  1 
ATOM   138  C  C   . THR A 1 17 ? -14.529 12.820  -12.937 1.00 31.57 ? 17  THR A C   1 
ATOM   139  O  O   . THR A 1 17 ? -14.137 12.609  -11.784 1.00 30.84 ? 17  THR A O   1 
ATOM   140  C  CB  . THR A 1 17 ? -16.903 12.775  -13.708 1.00 29.34 ? 17  THR A CB  1 
ATOM   141  O  OG1 . THR A 1 17 ? -17.216 13.359  -12.440 1.00 30.84 ? 17  THR A OG1 1 
ATOM   142  C  CG2 . THR A 1 17 ? -18.059 11.902  -14.147 1.00 30.10 ? 17  THR A CG2 1 
ATOM   143  N  N   . ALA A 1 18 ? -14.039 13.804  -13.685 1.00 30.98 ? 18  ALA A N   1 
ATOM   144  C  CA  . ALA A 1 18 ? -13.012 14.695  -13.165 1.00 30.33 ? 18  ALA A CA  1 
ATOM   145  C  C   . ALA A 1 18 ? -13.435 15.496  -11.925 1.00 30.79 ? 18  ALA A C   1 
ATOM   146  O  O   . ALA A 1 18 ? -12.592 16.045  -11.230 1.00 30.97 ? 18  ALA A O   1 
ATOM   147  C  CB  . ALA A 1 18 ? -12.547 15.646  -14.279 1.00 32.52 ? 18  ALA A CB  1 
ATOM   148  N  N   . GLU A 1 19 ? -14.730 15.569  -11.643 1.00 32.11 ? 19  GLU A N   1 
ATOM   149  C  CA  . GLU A 1 19 ? -15.213 16.329  -10.486 1.00 34.62 ? 19  GLU A CA  1 
ATOM   150  C  C   . GLU A 1 19 ? -14.798 15.656  -9.168  1.00 33.42 ? 19  GLU A C   1 
ATOM   151  O  O   . GLU A 1 19 ? -14.471 16.325  -8.179  1.00 31.47 ? 19  GLU A O   1 
ATOM   152  C  CB  . GLU A 1 19 ? -16.738 16.461  -10.567 1.00 37.18 ? 19  GLU A CB  1 
ATOM   153  C  CG  . GLU A 1 19 ? -17.372 17.226  -9.441  1.00 44.38 ? 19  GLU A CG  1 
ATOM   154  C  CD  . GLU A 1 19 ? -18.883 17.357  -9.599  1.00 47.89 ? 19  GLU A CD  1 
ATOM   155  O  OE1 . GLU A 1 19 ? -19.461 16.744  -10.533 1.00 49.14 ? 19  GLU A OE1 1 
ATOM   156  O  OE2 . GLU A 1 19 ? -19.497 18.077  -8.782  1.00 51.14 ? 19  GLU A OE2 1 
ATOM   157  N  N   . GLU A 1 20 ? -14.825 14.323  -9.164  1.00 31.82 ? 20  GLU A N   1 
ATOM   158  C  CA  . GLU A 1 20 ? -14.438 13.546  -7.992  1.00 30.32 ? 20  GLU A CA  1 
ATOM   159  C  C   . GLU A 1 20 ? -14.053 12.189  -8.552  1.00 27.64 ? 20  GLU A C   1 
ATOM   160  O  O   . GLU A 1 20 ? -14.904 11.419  -8.966  1.00 30.73 ? 20  GLU A O   1 
ATOM   161  C  CB  . GLU A 1 20 ? -15.599 13.420  -6.998  1.00 32.41 ? 20  GLU A CB  1 
ATOM   162  C  CG  . GLU A 1 20 ? -15.140 12.831  -5.659  1.00 35.65 ? 20  GLU A CG  1 
ATOM   163  C  CD  . GLU A 1 20 ? -16.237 12.820  -4.595  1.00 39.62 ? 20  GLU A CD  1 
ATOM   164  O  OE1 . GLU A 1 20 ? -17.438 12.710  -4.942  1.00 42.07 ? 20  GLU A OE1 1 
ATOM   165  O  OE2 . GLU A 1 20 ? -15.884 12.901  -3.405  1.00 41.83 ? 20  GLU A OE2 1 
ATOM   166  N  N   . THR A 1 21 ? -12.760 11.919  -8.565  1.00 27.91 ? 21  THR A N   1 
ATOM   167  C  CA  . THR A 1 21 ? -12.237 10.712  -9.172  1.00 27.37 ? 21  THR A CA  1 
ATOM   168  C  C   . THR A 1 21 ? -11.652 9.747   -8.170  1.00 25.43 ? 21  THR A C   1 
ATOM   169  O  O   . THR A 1 21 ? -10.711 10.092  -7.490  1.00 23.48 ? 21  THR A O   1 
ATOM   170  C  CB  . THR A 1 21 ? -11.125 11.063  -10.163 1.00 30.00 ? 21  THR A CB  1 
ATOM   171  O  OG1 . THR A 1 21 ? -11.487 12.255  -10.869 1.00 33.23 ? 21  THR A OG1 1 
ATOM   172  C  CG2 . THR A 1 21 ? -10.909 9.916   -11.154 1.00 29.22 ? 21  THR A CG2 1 
ATOM   173  N  N   . TRP A 1 22 ? -12.198 8.537   -8.109  1.00 23.59 ? 22  TRP A N   1 
ATOM   174  C  CA  . TRP A 1 22 ? -11.677 7.530   -7.177  1.00 25.17 ? 22  TRP A CA  1 
ATOM   175  C  C   . TRP A 1 22 ? -11.213 6.366   -8.023  1.00 24.12 ? 22  TRP A C   1 
ATOM   176  O  O   . TRP A 1 22 ? -11.682 6.178   -9.151  1.00 25.03 ? 22  TRP A O   1 
ATOM   177  C  CB  . TRP A 1 22 ? -12.758 7.026   -6.221  1.00 24.56 ? 22  TRP A CB  1 
ATOM   178  C  CG  . TRP A 1 22 ? -13.212 8.015   -5.178  1.00 26.59 ? 22  TRP A CG  1 
ATOM   179  C  CD1 . TRP A 1 22 ? -12.844 9.321   -5.056  1.00 24.87 ? 22  TRP A CD1 1 
ATOM   180  C  CD2 . TRP A 1 22 ? -14.123 7.751   -4.113  1.00 26.05 ? 22  TRP A CD2 1 
ATOM   181  N  NE1 . TRP A 1 22 ? -13.475 9.890   -3.971  1.00 25.35 ? 22  TRP A NE1 1 
ATOM   182  C  CE2 . TRP A 1 22 ? -14.269 8.946   -3.379  1.00 26.95 ? 22  TRP A CE2 1 
ATOM   183  C  CE3 . TRP A 1 22 ? -14.837 6.613   -3.709  1.00 28.68 ? 22  TRP A CE3 1 
ATOM   184  C  CZ2 . TRP A 1 22 ? -15.109 9.042   -2.254  1.00 28.28 ? 22  TRP A CZ2 1 
ATOM   185  C  CZ3 . TRP A 1 22 ? -15.664 6.700   -2.602  1.00 29.13 ? 22  TRP A CZ3 1 
ATOM   186  C  CH2 . TRP A 1 22 ? -15.795 7.913   -1.882  1.00 28.82 ? 22  TRP A CH2 1 
ATOM   187  N  N   . MET A 1 23 ? -10.301 5.583   -7.466  1.00 23.88 ? 23  MET A N   1 
ATOM   188  C  CA  . MET A 1 23 ? -9.766  4.454   -8.176  1.00 24.17 ? 23  MET A CA  1 
ATOM   189  C  C   . MET A 1 23 ? -9.382  3.413   -7.134  1.00 24.59 ? 23  MET A C   1 
ATOM   190  O  O   . MET A 1 23 ? -8.989  3.763   -6.020  1.00 23.90 ? 23  MET A O   1 
ATOM   191  C  CB  . MET A 1 23 ? -8.525  4.909   -8.934  1.00 26.18 ? 23  MET A CB  1 
ATOM   192  C  CG  . MET A 1 23 ? -7.886  3.899   -9.811  1.00 29.26 ? 23  MET A CG  1 
ATOM   193  S  SD  . MET A 1 23 ? -6.539  4.722   -10.699 1.00 28.26 ? 23  MET A SD  1 
ATOM   194  C  CE  . MET A 1 23 ? -7.415  5.369   -12.060 1.00 29.70 ? 23  MET A CE  1 
ATOM   195  N  N   . VAL A 1 24 ? -9.525  2.142   -7.499  1.00 22.30 ? 24  VAL A N   1 
ATOM   196  C  CA  . VAL A 1 24 ? -9.159  1.049   -6.612  1.00 22.97 ? 24  VAL A CA  1 
ATOM   197  C  C   . VAL A 1 24 ? -7.859  0.419   -7.095  1.00 20.88 ? 24  VAL A C   1 
ATOM   198  O  O   . VAL A 1 24 ? -7.695  0.160   -8.285  1.00 23.76 ? 24  VAL A O   1 
ATOM   199  C  CB  . VAL A 1 24 ? -10.284 -0.020  -6.586  1.00 23.70 ? 24  VAL A CB  1 
ATOM   200  C  CG1 . VAL A 1 24 ? -9.815  -1.302  -5.894  1.00 22.61 ? 24  VAL A CG1 1 
ATOM   201  C  CG2 . VAL A 1 24 ? -11.482 0.568   -5.849  1.00 27.01 ? 24  VAL A CG2 1 
ATOM   202  N  N   . ILE A 1 25 ? -6.930  0.199   -6.169  1.00 21.05 ? 25  ILE A N   1 
ATOM   203  C  CA  . ILE A 1 25 ? -5.651  -0.430  -6.484  1.00 21.84 ? 25  ILE A CA  1 
ATOM   204  C  C   . ILE A 1 25 ? -5.354  -1.371  -5.324  1.00 21.23 ? 25  ILE A C   1 
ATOM   205  O  O   . ILE A 1 25 ? -5.268  -0.933  -4.175  1.00 21.83 ? 25  ILE A O   1 
ATOM   206  C  CB  . ILE A 1 25 ? -4.511  0.598   -6.617  1.00 22.19 ? 25  ILE A CB  1 
ATOM   207  C  CG1 . ILE A 1 25 ? -4.804  1.542   -7.794  1.00 22.90 ? 25  ILE A CG1 1 
ATOM   208  C  CG2 . ILE A 1 25 ? -3.185  -0.129  -6.831  1.00 21.70 ? 25  ILE A CG2 1 
ATOM   209  C  CD1 . ILE A 1 25 ? -3.785  2.632   -7.959  1.00 29.19 ? 25  ILE A CD1 1 
ATOM   210  N  N   . HIS A 1 26 ? -5.221  -2.661  -5.631  1.00 22.53 ? 26  HIS A N   1 
ATOM   211  C  CA  . HIS A 1 26 ? -4.980  -3.679  -4.603  1.00 22.02 ? 26  HIS A CA  1 
ATOM   212  C  C   . HIS A 1 26 ? -5.932  -3.585  -3.421  1.00 23.54 ? 26  HIS A C   1 
ATOM   213  O  O   . HIS A 1 26 ? -5.503  -3.515  -2.267  1.00 25.06 ? 26  HIS A O   1 
ATOM   214  C  CB  . HIS A 1 26 ? -3.544  -3.637  -4.074  1.00 23.63 ? 26  HIS A CB  1 
ATOM   215  C  CG  . HIS A 1 26 ? -2.519  -4.034  -5.080  1.00 25.74 ? 26  HIS A CG  1 
ATOM   216  N  ND1 . HIS A 1 26 ? -2.433  -5.316  -5.589  1.00 27.60 ? 26  HIS A ND1 1 
ATOM   217  C  CD2 . HIS A 1 26 ? -1.542  -3.320  -5.685  1.00 25.75 ? 26  HIS A CD2 1 
ATOM   218  C  CE1 . HIS A 1 26 ? -1.446  -5.368  -6.466  1.00 28.32 ? 26  HIS A CE1 1 
ATOM   219  N  NE2 . HIS A 1 26 ? -0.890  -4.170  -6.541  1.00 26.55 ? 26  HIS A NE2 1 
ATOM   220  N  N   . GLY A 1 27 ? -7.228  -3.550  -3.696  1.00 24.02 ? 27  GLY A N   1 
ATOM   221  C  CA  . GLY A 1 27 ? -8.202  -3.532  -2.622  1.00 23.38 ? 27  GLY A CA  1 
ATOM   222  C  C   . GLY A 1 27 ? -8.355  -2.271  -1.779  1.00 24.14 ? 27  GLY A C   1 
ATOM   223  O  O   . GLY A 1 27 ? -9.053  -2.302  -0.761  1.00 22.66 ? 27  GLY A O   1 
ATOM   224  N  N   . ARG A 1 28 ? -7.681  -1.193  -2.169  1.00 21.18 ? 28  ARG A N   1 
ATOM   225  C  CA  . ARG A 1 28 ? -7.797  0.067   -1.432  1.00 22.77 ? 28  ARG A CA  1 
ATOM   226  C  C   . ARG A 1 28 ? -8.325  1.144   -2.366  1.00 21.38 ? 28  ARG A C   1 
ATOM   227  O  O   . ARG A 1 28 ? -8.113  1.083   -3.564  1.00 22.04 ? 28  ARG A O   1 
ATOM   228  C  CB  . ARG A 1 28 ? -6.456  0.468   -0.824  1.00 22.40 ? 28  ARG A CB  1 
ATOM   229  C  CG  . ARG A 1 28 ? -6.087  -0.425  0.348   1.00 22.59 ? 28  ARG A CG  1 
ATOM   230  C  CD  . ARG A 1 28 ? -4.745  -0.046  0.941   1.00 23.10 ? 28  ARG A CD  1 
ATOM   231  N  NE  . ARG A 1 28 ? -4.638  -0.673  2.255   1.00 24.38 ? 28  ARG A NE  1 
ATOM   232  C  CZ  . ARG A 1 28 ? -3.921  -0.209  3.268   1.00 26.39 ? 28  ARG A CZ  1 
ATOM   233  N  NH1 . ARG A 1 28 ? -3.219  0.912   3.155   1.00 26.95 ? 28  ARG A NH1 1 
ATOM   234  N  NH2 . ARG A 1 28 ? -3.938  -0.859  4.412   1.00 27.72 ? 28  ARG A NH2 1 
ATOM   235  N  N   . VAL A 1 29 ? -9.015  2.120   -1.785  1.00 21.01 ? 29  VAL A N   1 
ATOM   236  C  CA  . VAL A 1 29 ? -9.648  3.191   -2.542  1.00 22.85 ? 29  VAL A CA  1 
ATOM   237  C  C   . VAL A 1 29 ? -8.812  4.454   -2.418  1.00 21.64 ? 29  VAL A C   1 
ATOM   238  O  O   . VAL A 1 29 ? -8.436  4.838   -1.310  1.00 23.25 ? 29  VAL A O   1 
ATOM   239  C  CB  . VAL A 1 29 ? -11.070 3.469   -1.993  1.00 24.67 ? 29  VAL A CB  1 
ATOM   240  C  CG1 . VAL A 1 29 ? -11.793 4.514   -2.891  1.00 26.78 ? 29  VAL A CG1 1 
ATOM   241  C  CG2 . VAL A 1 29 ? -11.891 2.145   -1.950  1.00 24.96 ? 29  VAL A CG2 1 
ATOM   242  N  N   . TYR A 1 30 ? -8.552  5.094   -3.555  1.00 23.01 ? 30  TYR A N   1 
ATOM   243  C  CA  . TYR A 1 30 ? -7.756  6.314   -3.597  1.00 23.82 ? 30  TYR A CA  1 
ATOM   244  C  C   . TYR A 1 30 ? -8.543  7.421   -4.288  1.00 24.82 ? 30  TYR A C   1 
ATOM   245  O  O   . TYR A 1 30 ? -9.134  7.205   -5.342  1.00 25.82 ? 30  TYR A O   1 
ATOM   246  C  CB  . TYR A 1 30 ? -6.457  6.084   -4.371  1.00 22.68 ? 30  TYR A CB  1 
ATOM   247  C  CG  . TYR A 1 30 ? -5.579  5.044   -3.731  1.00 23.13 ? 30  TYR A CG  1 
ATOM   248  C  CD1 . TYR A 1 30 ? -5.719  3.690   -4.061  1.00 23.86 ? 30  TYR A CD1 1 
ATOM   249  C  CD2 . TYR A 1 30 ? -4.674  5.397   -2.732  1.00 21.94 ? 30  TYR A CD2 1 
ATOM   250  C  CE1 . TYR A 1 30 ? -4.965  2.702   -3.387  1.00 24.73 ? 30  TYR A CE1 1 
ATOM   251  C  CE2 . TYR A 1 30 ? -3.919  4.424   -2.056  1.00 22.96 ? 30  TYR A CE2 1 
ATOM   252  C  CZ  . TYR A 1 30 ? -4.075  3.082   -2.396  1.00 24.96 ? 30  TYR A CZ  1 
ATOM   253  O  OH  . TYR A 1 30 ? -3.308  2.118   -1.746  1.00 23.36 ? 30  TYR A OH  1 
ATOM   254  N  N   . ASP A 1 31 ? -8.536  8.604   -3.695  1.00 26.33 ? 31  ASP A N   1 
ATOM   255  C  CA  . ASP A 1 31 ? -9.233  9.744   -4.300  1.00 26.96 ? 31  ASP A CA  1 
ATOM   256  C  C   . ASP A 1 31 ? -8.090  10.483  -4.972  1.00 25.46 ? 31  ASP A C   1 
ATOM   257  O  O   . ASP A 1 31 ? -7.264  11.122  -4.310  1.00 25.57 ? 31  ASP A O   1 
ATOM   258  C  CB  . ASP A 1 31 ? -9.895  10.606  -3.217  1.00 28.83 ? 31  ASP A CB  1 
ATOM   259  C  CG  . ASP A 1 31 ? -10.549 11.846  -3.795  1.00 31.21 ? 31  ASP A CG  1 
ATOM   260  O  OD1 . ASP A 1 31 ? -10.207 12.208  -4.926  1.00 30.35 ? 31  ASP A OD1 1 
ATOM   261  O  OD2 . ASP A 1 31 ? -11.400 12.449  -3.121  1.00 35.15 ? 31  ASP A OD2 1 
ATOM   262  N  N   . ILE A 1 32 ? -8.018  10.363  -6.292  1.00 24.99 ? 32  ILE A N   1 
ATOM   263  C  CA  . ILE A 1 32 ? -6.929  10.981  -7.047  1.00 26.89 ? 32  ILE A CA  1 
ATOM   264  C  C   . ILE A 1 32 ? -7.346  12.267  -7.783  1.00 27.41 ? 32  ILE A C   1 
ATOM   265  O  O   . ILE A 1 32 ? -6.643  12.721  -8.676  1.00 26.40 ? 32  ILE A O   1 
ATOM   266  C  CB  . ILE A 1 32 ? -6.332  9.975   -8.073  1.00 28.19 ? 32  ILE A CB  1 
ATOM   267  C  CG1 . ILE A 1 32 ? -7.440  9.420   -8.971  1.00 28.90 ? 32  ILE A CG1 1 
ATOM   268  C  CG2 . ILE A 1 32 ? -5.613  8.811   -7.303  1.00 31.40 ? 32  ILE A CG2 1 
ATOM   269  C  CD1 . ILE A 1 32 ? -6.957  8.800   -10.265 1.00 29.84 ? 32  ILE A CD1 1 
ATOM   270  N  N   . THR A 1 33 ? -8.470  12.835  -7.371  1.00 26.81 ? 33  THR A N   1 
ATOM   271  C  CA  . THR A 1 33 ? -9.013  14.039  -7.989  1.00 30.33 ? 33  THR A CA  1 
ATOM   272  C  C   . THR A 1 33 ? -7.955  15.119  -8.195  1.00 32.69 ? 33  THR A C   1 
ATOM   273  O  O   . THR A 1 33 ? -7.797  15.641  -9.304  1.00 33.15 ? 33  THR A O   1 
ATOM   274  C  CB  . THR A 1 33 ? -10.154 14.617  -7.141  1.00 30.79 ? 33  THR A CB  1 
ATOM   275  O  OG1 . THR A 1 33 ? -11.168 13.619  -6.972  1.00 30.56 ? 33  THR A OG1 1 
ATOM   276  C  CG2 . THR A 1 33 ? -10.791 15.856  -7.842  1.00 32.44 ? 33  THR A CG2 1 
ATOM   277  N  N   . ARG A 1 34 ? -7.201  15.419  -7.145  1.00 34.30 ? 34  ARG A N   1 
ATOM   278  C  CA  . ARG A 1 34 ? -6.192  16.465  -7.223  1.00 37.81 ? 34  ARG A CA  1 
ATOM   279  C  C   . ARG A 1 34 ? -4.867  16.038  -7.819  1.00 37.31 ? 34  ARG A C   1 
ATOM   280  O  O   . ARG A 1 34 ? -3.975  16.861  -7.999  1.00 39.17 ? 34  ARG A O   1 
ATOM   281  C  CB  . ARG A 1 34 ? -5.986  17.075  -5.835  1.00 42.46 ? 34  ARG A CB  1 
ATOM   282  C  CG  . ARG A 1 34 ? -7.317  17.525  -5.233  1.00 48.92 ? 34  ARG A CG  1 
ATOM   283  C  CD  . ARG A 1 34 ? -7.157  18.525  -4.095  1.00 55.90 ? 34  ARG A CD  1 
ATOM   284  N  NE  . ARG A 1 34 ? -8.454  19.085  -3.708  1.00 60.10 ? 34  ARG A NE  1 
ATOM   285  C  CZ  . ARG A 1 34 ? -8.611  20.144  -2.917  1.00 63.61 ? 34  ARG A CZ  1 
ATOM   286  N  NH1 . ARG A 1 34 ? -7.548  20.769  -2.418  1.00 65.24 ? 34  ARG A NH1 1 
ATOM   287  N  NH2 . ARG A 1 34 ? -9.832  20.584  -2.627  1.00 64.97 ? 34  ARG A NH2 1 
ATOM   288  N  N   . PHE A 1 35 ? -4.738  14.756  -8.140  1.00 33.90 ? 35  PHE A N   1 
ATOM   289  C  CA  . PHE A 1 35 ? -3.514  14.246  -8.728  1.00 32.15 ? 35  PHE A CA  1 
ATOM   290  C  C   . PHE A 1 35 ? -3.594  14.190  -10.255 1.00 31.45 ? 35  PHE A C   1 
ATOM   291  O  O   . PHE A 1 35 ? -2.575  14.069  -10.931 1.00 30.07 ? 35  PHE A O   1 
ATOM   292  C  CB  . PHE A 1 35 ? -3.234  12.840  -8.167  1.00 31.96 ? 35  PHE A CB  1 
ATOM   293  C  CG  . PHE A 1 35 ? -2.041  12.156  -8.778  1.00 31.72 ? 35  PHE A CG  1 
ATOM   294  C  CD1 . PHE A 1 35 ? -0.757  12.626  -8.551  1.00 32.61 ? 35  PHE A CD1 1 
ATOM   295  C  CD2 . PHE A 1 35 ? -2.207  11.006  -9.547  1.00 33.30 ? 35  PHE A CD2 1 
ATOM   296  C  CE1 . PHE A 1 35 ? 0.353   11.960  -9.071  1.00 33.49 ? 35  PHE A CE1 1 
ATOM   297  C  CE2 . PHE A 1 35 ? -1.111  10.338  -10.067 1.00 32.02 ? 35  PHE A CE2 1 
ATOM   298  C  CZ  . PHE A 1 35 ? 0.178   10.815  -9.828  1.00 31.88 ? 35  PHE A CZ  1 
ATOM   299  N  N   . LEU A 1 36 ? -4.802  14.295  -10.800 1.00 32.17 ? 36  LEU A N   1 
ATOM   300  C  CA  . LEU A 1 36 ? -5.001  14.180  -12.252 1.00 32.87 ? 36  LEU A CA  1 
ATOM   301  C  C   . LEU A 1 36 ? -4.027  14.994  -13.099 1.00 33.40 ? 36  LEU A C   1 
ATOM   302  O  O   . LEU A 1 36 ? -3.346  14.450  -13.971 1.00 31.80 ? 36  LEU A O   1 
ATOM   303  C  CB  . LEU A 1 36 ? -6.448  14.553  -12.625 1.00 34.07 ? 36  LEU A CB  1 
ATOM   304  C  CG  . LEU A 1 36 ? -7.548  13.612  -12.117 1.00 33.85 ? 36  LEU A CG  1 
ATOM   305  C  CD1 . LEU A 1 36 ? -8.903  14.027  -12.698 1.00 34.59 ? 36  LEU A CD1 1 
ATOM   306  C  CD2 . LEU A 1 36 ? -7.217  12.151  -12.510 1.00 35.03 ? 36  LEU A CD2 1 
ATOM   307  N  N   . SER A 1 37 ? -3.954  16.293  -12.832 1.00 34.26 ? 37  SER A N   1 
ATOM   308  C  CA  . SER A 1 37 ? -3.071  17.180  -13.587 1.00 37.94 ? 37  SER A CA  1 
ATOM   309  C  C   . SER A 1 37 ? -1.579  16.973  -13.292 1.00 38.30 ? 37  SER A C   1 
ATOM   310  O  O   . SER A 1 37 ? -0.718  17.442  -14.041 1.00 39.87 ? 37  SER A O   1 
ATOM   311  C  CB  . SER A 1 37 ? -3.460  18.642  -13.315 1.00 39.30 ? 37  SER A CB  1 
ATOM   312  O  OG  . SER A 1 37 ? -3.274  18.977  -11.949 1.00 43.31 ? 37  SER A OG  1 
ATOM   313  N  N   . GLU A 1 38 ? -1.264  16.246  -12.226 1.00 37.19 ? 38  GLU A N   1 
ATOM   314  C  CA  . GLU A 1 38 ? 0.138   16.017  -11.859 1.00 37.13 ? 38  GLU A CA  1 
ATOM   315  C  C   . GLU A 1 38 ? 0.745   14.690  -12.319 1.00 34.95 ? 38  GLU A C   1 
ATOM   316  O  O   . GLU A 1 38 ? 1.962   14.514  -12.282 1.00 33.79 ? 38  GLU A O   1 
ATOM   317  C  CB  . GLU A 1 38 ? 0.294   16.096  -10.344 1.00 41.66 ? 38  GLU A CB  1 
ATOM   318  C  CG  . GLU A 1 38 ? -0.075  17.429  -9.712  1.00 48.50 ? 38  GLU A CG  1 
ATOM   319  C  CD  . GLU A 1 38 ? -0.077  17.326  -8.196  1.00 52.39 ? 38  GLU A CD  1 
ATOM   320  O  OE1 . GLU A 1 38 ? 0.822   16.632  -7.657  1.00 54.66 ? 38  GLU A OE1 1 
ATOM   321  O  OE2 . GLU A 1 38 ? -0.965  17.932  -7.545  1.00 56.29 ? 38  GLU A OE2 1 
ATOM   322  N  N   . HIS A 1 39 ? -0.104  13.756  -12.728 1.00 30.60 ? 39  HIS A N   1 
ATOM   323  C  CA  . HIS A 1 39 ? 0.337   12.445  -13.165 1.00 29.33 ? 39  HIS A CA  1 
ATOM   324  C  C   . HIS A 1 39 ? 1.262   12.481  -14.384 1.00 29.59 ? 39  HIS A C   1 
ATOM   325  O  O   . HIS A 1 39 ? 0.878   12.982  -15.440 1.00 30.11 ? 39  HIS A O   1 
ATOM   326  C  CB  . HIS A 1 39 ? -0.893  11.602  -13.487 1.00 27.55 ? 39  HIS A CB  1 
ATOM   327  C  CG  . HIS A 1 39 ? -0.569  10.197  -13.879 1.00 26.37 ? 39  HIS A CG  1 
ATOM   328  N  ND1 . HIS A 1 39 ? -1.138  9.584   -14.973 1.00 25.44 ? 39  HIS A ND1 1 
ATOM   329  C  CD2 . HIS A 1 39 ? 0.240   9.275   -13.301 1.00 24.97 ? 39  HIS A CD2 1 
ATOM   330  C  CE1 . HIS A 1 39 ? -0.690  8.341   -15.055 1.00 26.42 ? 39  HIS A CE1 1 
ATOM   331  N  NE2 . HIS A 1 39 ? 0.147   8.132   -14.051 1.00 25.21 ? 39  HIS A NE2 1 
ATOM   332  N  N   . PRO A 1 40 ? 2.493   11.958  -14.257 1.00 28.99 ? 40  PRO A N   1 
ATOM   333  C  CA  . PRO A 1 40 ? 3.391   11.983  -15.422 1.00 30.08 ? 40  PRO A CA  1 
ATOM   334  C  C   . PRO A 1 40 ? 2.844   11.235  -16.642 1.00 30.63 ? 40  PRO A C   1 
ATOM   335  O  O   . PRO A 1 40 ? 3.213   11.551  -17.769 1.00 32.05 ? 40  PRO A O   1 
ATOM   336  C  CB  . PRO A 1 40 ? 4.677   11.352  -14.896 1.00 29.35 ? 40  PRO A CB  1 
ATOM   337  C  CG  . PRO A 1 40 ? 4.692   11.785  -13.469 1.00 30.21 ? 40  PRO A CG  1 
ATOM   338  C  CD  . PRO A 1 40 ? 3.231   11.611  -13.032 1.00 28.66 ? 40  PRO A CD  1 
ATOM   339  N  N   . GLY A 1 41 ? 1.999   10.227  -16.427 1.00 28.86 ? 41  GLY A N   1 
ATOM   340  C  CA  . GLY A 1 41 ? 1.436   9.505   -17.558 1.00 28.50 ? 41  GLY A CA  1 
ATOM   341  C  C   . GLY A 1 41 ? 0.224   10.207  -18.185 1.00 29.45 ? 41  GLY A C   1 
ATOM   342  O  O   . GLY A 1 41 ? -0.379  9.692   -19.139 1.00 28.96 ? 41  GLY A O   1 
ATOM   343  N  N   . GLY A 1 42 ? -0.129  11.373  -17.635 1.00 28.67 ? 42  GLY A N   1 
ATOM   344  C  CA  . GLY A 1 42 ? -1.250  12.158  -18.124 1.00 29.21 ? 42  GLY A CA  1 
ATOM   345  C  C   . GLY A 1 42 ? -2.563  11.937  -17.390 1.00 29.36 ? 42  GLY A C   1 
ATOM   346  O  O   . GLY A 1 42 ? -2.740  10.947  -16.677 1.00 28.06 ? 42  GLY A O   1 
ATOM   347  N  N   . GLU A 1 43 ? -3.515  12.842  -17.579 1.00 26.58 ? 43  GLU A N   1 
ATOM   348  C  CA  . GLU A 1 43 ? -4.798  12.697  -16.908 1.00 28.50 ? 43  GLU A CA  1 
ATOM   349  C  C   . GLU A 1 43 ? -5.789  11.792  -17.631 1.00 26.75 ? 43  GLU A C   1 
ATOM   350  O  O   . GLU A 1 43 ? -6.654  11.186  -16.998 1.00 26.77 ? 43  GLU A O   1 
ATOM   351  C  CB  . GLU A 1 43 ? -5.449  14.072  -16.711 1.00 33.19 ? 43  GLU A CB  1 
ATOM   352  C  CG  . GLU A 1 43 ? -5.696  14.815  -17.985 1.00 41.31 ? 43  GLU A CG  1 
ATOM   353  C  CD  . GLU A 1 43 ? -6.561  16.061  -17.789 1.00 45.80 ? 43  GLU A CD  1 
ATOM   354  O  OE1 . GLU A 1 43 ? -6.865  16.717  -18.808 1.00 50.02 ? 43  GLU A OE1 1 
ATOM   355  O  OE2 . GLU A 1 43 ? -6.936  16.379  -16.633 1.00 48.48 ? 43  GLU A OE2 1 
ATOM   356  N  N   . GLU A 1 44 ? -5.691  11.707  -18.959 1.00 25.22 ? 44  GLU A N   1 
ATOM   357  C  CA  . GLU A 1 44 ? -6.651  10.919  -19.724 1.00 27.09 ? 44  GLU A CA  1 
ATOM   358  C  C   . GLU A 1 44 ? -6.647  9.439   -19.392 1.00 25.87 ? 44  GLU A C   1 
ATOM   359  O  O   . GLU A 1 44 ? -7.705  8.821   -19.246 1.00 25.00 ? 44  GLU A O   1 
ATOM   360  C  CB  . GLU A 1 44 ? -6.401  11.080  -21.236 1.00 29.23 ? 44  GLU A CB  1 
ATOM   361  C  CG  . GLU A 1 44 ? -6.649  12.488  -21.786 1.00 33.69 ? 44  GLU A CG  1 
ATOM   362  C  CD  . GLU A 1 44 ? -5.536  13.473  -21.447 1.00 39.14 ? 44  GLU A CD  1 
ATOM   363  O  OE1 . GLU A 1 44 ? -4.380  13.041  -21.205 1.00 38.78 ? 44  GLU A OE1 1 
ATOM   364  O  OE2 . GLU A 1 44 ? -5.833  14.693  -21.432 1.00 44.26 ? 44  GLU A OE2 1 
ATOM   365  N  N   . ILE A 1 45 ? -5.454  8.882   -19.278 1.00 25.37 ? 45  ILE A N   1 
ATOM   366  C  CA  . ILE A 1 45 ? -5.323  7.459   -19.004 1.00 27.02 ? 45  ILE A CA  1 
ATOM   367  C  C   . ILE A 1 45 ? -5.908  7.102   -17.627 1.00 27.48 ? 45  ILE A C   1 
ATOM   368  O  O   . ILE A 1 45 ? -6.380  5.982   -17.418 1.00 26.79 ? 45  ILE A O   1 
ATOM   369  C  CB  . ILE A 1 45 ? -3.841  7.020   -19.186 1.00 27.64 ? 45  ILE A CB  1 
ATOM   370  C  CG1 . ILE A 1 45 ? -3.791  5.516   -19.497 1.00 30.67 ? 45  ILE A CG1 1 
ATOM   371  C  CG2 . ILE A 1 45 ? -3.007  7.371   -17.948 1.00 28.43 ? 45  ILE A CG2 1 
ATOM   372  C  CD1 . ILE A 1 45 ? -2.447  5.047   -20.053 1.00 31.36 ? 45  ILE A CD1 1 
ATOM   373  N  N   . LEU A 1 46 ? -5.906  8.061   -16.702 1.00 25.61 ? 46  LEU A N   1 
ATOM   374  C  CA  . LEU A 1 46 ? -6.488  7.827   -15.368 1.00 24.61 ? 46  LEU A CA  1 
ATOM   375  C  C   . LEU A 1 46 ? -8.025  7.937   -15.435 1.00 26.23 ? 46  LEU A C   1 
ATOM   376  O  O   . LEU A 1 46 ? -8.760  7.139   -14.840 1.00 26.11 ? 46  LEU A O   1 
ATOM   377  C  CB  . LEU A 1 46 ? -5.942  8.858   -14.358 1.00 25.22 ? 46  LEU A CB  1 
ATOM   378  C  CG  . LEU A 1 46 ? -4.435  8.850   -14.083 1.00 25.69 ? 46  LEU A CG  1 
ATOM   379  C  CD1 . LEU A 1 46 ? -4.051  9.963   -13.103 1.00 25.04 ? 46  LEU A CD1 1 
ATOM   380  C  CD2 . LEU A 1 46 ? -4.041  7.507   -13.506 1.00 27.35 ? 46  LEU A CD2 1 
ATOM   381  N  N   . LEU A 1 47 ? -8.530  8.936   -16.163 1.00 25.34 ? 47  LEU A N   1 
ATOM   382  C  CA  . LEU A 1 47 ? -9.974  9.115   -16.285 1.00 25.54 ? 47  LEU A CA  1 
ATOM   383  C  C   . LEU A 1 47 ? -10.631 7.922   -16.976 1.00 26.38 ? 47  LEU A C   1 
ATOM   384  O  O   . LEU A 1 47 ? -11.794 7.590   -16.706 1.00 26.98 ? 47  LEU A O   1 
ATOM   385  C  CB  . LEU A 1 47 ? -10.285 10.417  -17.040 1.00 26.73 ? 47  LEU A CB  1 
ATOM   386  C  CG  . LEU A 1 47 ? -10.087 11.646  -16.130 1.00 29.58 ? 47  LEU A CG  1 
ATOM   387  C  CD1 . LEU A 1 47 ? -10.235 12.937  -16.934 1.00 33.02 ? 47  LEU A CD1 1 
ATOM   388  C  CD2 . LEU A 1 47 ? -11.104 11.596  -14.969 1.00 30.20 ? 47  LEU A CD2 1 
ATOM   389  N  N   . GLU A 1 48 ? -9.880  7.265   -17.847 1.00 26.71 ? 48  GLU A N   1 
ATOM   390  C  CA  . GLU A 1 48 ? -10.399 6.105   -18.561 1.00 29.73 ? 48  GLU A CA  1 
ATOM   391  C  C   . GLU A 1 48 ? -10.666 4.934   -17.622 1.00 30.89 ? 48  GLU A C   1 
ATOM   392  O  O   . GLU A 1 48 ? -11.484 4.070   -17.930 1.00 31.46 ? 48  GLU A O   1 
ATOM   393  C  CB  . GLU A 1 48 ? -9.437  5.687   -19.667 1.00 30.30 ? 48  GLU A CB  1 
ATOM   394  C  CG  . GLU A 1 48 ? -9.386  6.704   -20.790 1.00 31.14 ? 48  GLU A CG  1 
ATOM   395  C  CD  . GLU A 1 48 ? -8.306  6.406   -21.819 1.00 33.81 ? 48  GLU A CD  1 
ATOM   396  O  OE1 . GLU A 1 48 ? -7.512  5.450   -21.619 1.00 34.41 ? 48  GLU A OE1 1 
ATOM   397  O  OE2 . GLU A 1 48 ? -8.257  7.141   -22.828 1.00 33.36 ? 48  GLU A OE2 1 
ATOM   398  N  N   . GLN A 1 49 ? -9.992  4.902   -16.478 1.00 30.57 ? 49  GLN A N   1 
ATOM   399  C  CA  . GLN A 1 49 ? -10.221 3.834   -15.514 1.00 32.21 ? 49  GLN A CA  1 
ATOM   400  C  C   . GLN A 1 49 ? -10.788 4.354   -14.193 1.00 32.14 ? 49  GLN A C   1 
ATOM   401  O  O   . GLN A 1 49 ? -10.768 3.654   -13.188 1.00 34.18 ? 49  GLN A O   1 
ATOM   402  C  CB  . GLN A 1 49 ? -8.925  3.083   -15.247 1.00 35.16 ? 49  GLN A CB  1 
ATOM   403  C  CG  . GLN A 1 49 ? -8.164  2.797   -16.513 1.00 41.14 ? 49  GLN A CG  1 
ATOM   404  C  CD  . GLN A 1 49 ? -7.444  1.477   -16.491 1.00 43.00 ? 49  GLN A CD  1 
ATOM   405  O  OE1 . GLN A 1 49 ? -6.475  1.297   -17.223 1.00 46.39 ? 49  GLN A OE1 1 
ATOM   406  N  NE2 . GLN A 1 49 ? -7.922  0.534   -15.675 1.00 42.92 ? 49  GLN A NE2 1 
ATOM   407  N  N   . ALA A 1 50 ? -11.300 5.577   -14.190 1.00 31.68 ? 50  ALA A N   1 
ATOM   408  C  CA  . ALA A 1 50 ? -11.852 6.144   -12.964 1.00 30.88 ? 50  ALA A CA  1 
ATOM   409  C  C   . ALA A 1 50 ? -13.086 5.376   -12.502 1.00 30.98 ? 50  ALA A C   1 
ATOM   410  O  O   . ALA A 1 50 ? -13.894 4.905   -13.317 1.00 30.11 ? 50  ALA A O   1 
ATOM   411  C  CB  . ALA A 1 50 ? -12.208 7.603   -13.174 1.00 30.75 ? 50  ALA A CB  1 
ATOM   412  N  N   . GLY A 1 51 ? -13.214 5.238   -11.186 1.00 30.09 ? 51  GLY A N   1 
ATOM   413  C  CA  . GLY A 1 51 ? -14.355 4.551   -10.609 1.00 28.15 ? 51  GLY A CA  1 
ATOM   414  C  C   . GLY A 1 51 ? -14.252 3.042   -10.657 1.00 29.18 ? 51  GLY A C   1 
ATOM   415  O  O   . GLY A 1 51 ? -15.203 2.343   -10.320 1.00 30.93 ? 51  GLY A O   1 
ATOM   416  N  N   . ALA A 1 52 ? -13.095 2.527   -11.054 1.00 29.25 ? 52  ALA A N   1 
ATOM   417  C  CA  . ALA A 1 52 ? -12.926 1.084   -11.163 1.00 28.83 ? 52  ALA A CA  1 
ATOM   418  C  C   . ALA A 1 52 ? -11.641 0.575   -10.523 1.00 29.03 ? 52  ALA A C   1 
ATOM   419  O  O   . ALA A 1 52 ? -10.840 1.346   -10.015 1.00 26.27 ? 52  ALA A O   1 
ATOM   420  C  CB  . ALA A 1 52 ? -12.939 0.682   -12.651 1.00 31.19 ? 52  ALA A CB  1 
ATOM   421  N  N   . ASP A 1 53 ? -11.468 -0.748  -10.560 1.00 28.68 ? 53  ASP A N   1 
ATOM   422  C  CA  . ASP A 1 53 ? -10.259 -1.390  -10.042 1.00 27.90 ? 53  ASP A CA  1 
ATOM   423  C  C   . ASP A 1 53 ? -9.201  -1.289  -11.161 1.00 28.05 ? 53  ASP A C   1 
ATOM   424  O  O   . ASP A 1 53 ? -9.333  -1.922  -12.222 1.00 27.67 ? 53  ASP A O   1 
ATOM   425  C  CB  . ASP A 1 53 ? -10.550 -2.860  -9.741  1.00 29.69 ? 53  ASP A CB  1 
ATOM   426  C  CG  . ASP A 1 53 ? -9.387  -3.556  -9.085  1.00 31.00 ? 53  ASP A CG  1 
ATOM   427  O  OD1 . ASP A 1 53 ? -8.236  -3.220  -9.399  1.00 31.69 ? 53  ASP A OD1 1 
ATOM   428  O  OD2 . ASP A 1 53 ? -9.623  -4.448  -8.253  1.00 34.06 ? 53  ASP A OD2 1 
ATOM   429  N  N   . ALA A 1 54 ? -8.164  -0.486  -10.943 1.00 26.90 ? 54  ALA A N   1 
ATOM   430  C  CA  . ALA A 1 54 ? -7.117  -0.306  -11.943 1.00 26.47 ? 54  ALA A CA  1 
ATOM   431  C  C   . ALA A 1 54 ? -5.817  -1.018  -11.597 1.00 25.63 ? 54  ALA A C   1 
ATOM   432  O  O   . ALA A 1 54 ? -4.783  -0.713  -12.147 1.00 26.31 ? 54  ALA A O   1 
ATOM   433  C  CB  . ALA A 1 54 ? -6.838  1.188   -12.136 1.00 28.88 ? 54  ALA A CB  1 
ATOM   434  N  N   . THR A 1 55 ? -5.863  -1.959  -10.676 1.00 26.66 ? 55  THR A N   1 
ATOM   435  C  CA  . THR A 1 55 ? -4.661  -2.676  -10.271 1.00 26.44 ? 55  THR A CA  1 
ATOM   436  C  C   . THR A 1 55 ? -3.815  -3.245  -11.420 1.00 26.86 ? 55  THR A C   1 
ATOM   437  O  O   . THR A 1 55 ? -2.602  -3.020  -11.477 1.00 26.98 ? 55  THR A O   1 
ATOM   438  C  CB  . THR A 1 55 ? -5.044  -3.820  -9.321  1.00 26.40 ? 55  THR A CB  1 
ATOM   439  O  OG1 . THR A 1 55 ? -5.835  -3.292  -8.252  1.00 25.58 ? 55  THR A OG1 1 
ATOM   440  C  CG2 . THR A 1 55 ? -3.805  -4.483  -8.751  1.00 26.98 ? 55  THR A CG2 1 
ATOM   441  N  N   . GLU A 1 56 ? -4.445  -3.994  -12.329 1.00 28.28 ? 56  GLU A N   1 
ATOM   442  C  CA  . GLU A 1 56 ? -3.720  -4.590  -13.451 1.00 30.79 ? 56  GLU A CA  1 
ATOM   443  C  C   . GLU A 1 56 ? -2.997  -3.552  -14.291 1.00 29.33 ? 56  GLU A C   1 
ATOM   444  O  O   . GLU A 1 56 ? -1.816  -3.704  -14.604 1.00 29.19 ? 56  GLU A O   1 
ATOM   445  C  CB  . GLU A 1 56 ? -4.674  -5.381  -14.344 1.00 36.47 ? 56  GLU A CB  1 
ATOM   446  C  CG  . GLU A 1 56 ? -5.460  -6.454  -13.615 1.00 45.75 ? 56  GLU A CG  1 
ATOM   447  C  CD  . GLU A 1 56 ? -4.561  -7.417  -12.854 1.00 51.49 ? 56  GLU A CD  1 
ATOM   448  O  OE1 . GLU A 1 56 ? -3.662  -8.017  -13.494 1.00 54.59 ? 56  GLU A OE1 1 
ATOM   449  O  OE2 . GLU A 1 56 ? -4.758  -7.571  -11.621 1.00 54.29 ? 56  GLU A OE2 1 
ATOM   450  N  N   . SER A 1 57 ? -3.694  -2.491  -14.680 1.00 28.70 ? 57  SER A N   1 
ATOM   451  C  CA  . SER A 1 57 ? -3.035  -1.452  -15.470 1.00 29.91 ? 57  SER A CA  1 
ATOM   452  C  C   . SER A 1 57 ? -1.899  -0.770  -14.706 1.00 28.39 ? 57  SER A C   1 
ATOM   453  O  O   . SER A 1 57 ? -0.839  -0.469  -15.269 1.00 27.82 ? 57  SER A O   1 
ATOM   454  C  CB  . SER A 1 57 ? -4.042  -0.394  -15.899 1.00 30.80 ? 57  SER A CB  1 
ATOM   455  O  OG  . SER A 1 57 ? -5.060  -0.963  -16.692 1.00 37.47 ? 57  SER A OG  1 
ATOM   456  N  N   . PHE A 1 58 ? -2.117  -0.505  -13.422 1.00 28.01 ? 58  PHE A N   1 
ATOM   457  C  CA  . PHE A 1 58 ? -1.086  0.146   -12.621 1.00 26.62 ? 58  PHE A CA  1 
ATOM   458  C  C   . PHE A 1 58 ? 0.186   -0.705  -12.577 1.00 27.96 ? 58  PHE A C   1 
ATOM   459  O  O   . PHE A 1 58 ? 1.294   -0.176  -12.672 1.00 27.01 ? 58  PHE A O   1 
ATOM   460  C  CB  . PHE A 1 58 ? -1.595  0.378   -11.196 1.00 27.86 ? 58  PHE A CB  1 
ATOM   461  C  CG  . PHE A 1 58 ? -0.582  1.008   -10.278 1.00 26.30 ? 58  PHE A CG  1 
ATOM   462  C  CD1 . PHE A 1 58 ? -0.414  2.395   -10.243 1.00 24.99 ? 58  PHE A CD1 1 
ATOM   463  C  CD2 . PHE A 1 58 ? 0.190   0.218   -9.434  1.00 26.33 ? 58  PHE A CD2 1 
ATOM   464  C  CE1 . PHE A 1 58 ? 0.504   2.988   -9.386  1.00 24.25 ? 58  PHE A CE1 1 
ATOM   465  C  CE2 . PHE A 1 58 ? 1.126   0.802   -8.558  1.00 28.03 ? 58  PHE A CE2 1 
ATOM   466  C  CZ  . PHE A 1 58 ? 1.285   2.196   -8.533  1.00 26.35 ? 58  PHE A CZ  1 
ATOM   467  N  N   . GLU A 1 59 ? 0.023   -2.017  -12.409 1.00 27.09 ? 59  GLU A N   1 
ATOM   468  C  CA  . GLU A 1 59 ? 1.183   -2.924  -12.327 1.00 28.00 ? 59  GLU A CA  1 
ATOM   469  C  C   . GLU A 1 59 ? 1.802   -3.200  -13.704 1.00 28.76 ? 59  GLU A C   1 
ATOM   470  O  O   . GLU A 1 59 ? 3.025   -3.284  -13.842 1.00 30.74 ? 59  GLU A O   1 
ATOM   471  C  CB  . GLU A 1 59 ? 0.774   -4.259  -11.664 1.00 27.44 ? 59  GLU A CB  1 
ATOM   472  C  CG  . GLU A 1 59 ? 0.381   -4.138  -10.177 1.00 25.39 ? 59  GLU A CG  1 
ATOM   473  C  CD  . GLU A 1 59 ? 1.515   -3.652  -9.280  1.00 26.93 ? 59  GLU A CD  1 
ATOM   474  O  OE1 . GLU A 1 59 ? 2.672   -3.568  -9.741  1.00 28.99 ? 59  GLU A OE1 1 
ATOM   475  O  OE2 . GLU A 1 59 ? 1.252   -3.365  -8.095  1.00 27.40 ? 59  GLU A OE2 1 
ATOM   476  N  N   . ASP A 1 60 ? 0.962   -3.338  -14.719 1.00 31.54 ? 60  ASP A N   1 
ATOM   477  C  CA  . ASP A 1 60 ? 1.446   -3.596  -16.079 1.00 35.22 ? 60  ASP A CA  1 
ATOM   478  C  C   . ASP A 1 60 ? 2.391   -2.508  -16.559 1.00 35.35 ? 60  ASP A C   1 
ATOM   479  O  O   . ASP A 1 60 ? 3.354   -2.783  -17.276 1.00 36.57 ? 60  ASP A O   1 
ATOM   480  C  CB  . ASP A 1 60 ? 0.271   -3.731  -17.057 1.00 39.02 ? 60  ASP A CB  1 
ATOM   481  C  CG  . ASP A 1 60 ? -0.449  -5.057  -16.919 1.00 45.40 ? 60  ASP A CG  1 
ATOM   482  O  OD1 . ASP A 1 60 ? 0.191   -6.027  -16.450 1.00 49.22 ? 60  ASP A OD1 1 
ATOM   483  O  OD2 . ASP A 1 60 ? -1.646  -5.138  -17.284 1.00 49.63 ? 60  ASP A OD2 1 
ATOM   484  N  N   . ILE A 1 61 ? 2.123   -1.274  -16.153 1.00 35.75 ? 61  ILE A N   1 
ATOM   485  C  CA  . ILE A 1 61 ? 2.948   -0.143  -16.539 1.00 35.83 ? 61  ILE A CA  1 
ATOM   486  C  C   . ILE A 1 61 ? 4.358   -0.258  -15.967 1.00 35.77 ? 61  ILE A C   1 
ATOM   487  O  O   . ILE A 1 61 ? 5.332   0.145   -16.599 1.00 35.43 ? 61  ILE A O   1 
ATOM   488  C  CB  . ILE A 1 61 ? 2.309   1.192   -16.058 1.00 36.22 ? 61  ILE A CB  1 
ATOM   489  C  CG1 . ILE A 1 61 ? 1.092   1.518   -16.932 1.00 37.37 ? 61  ILE A CG1 1 
ATOM   490  C  CG2 . ILE A 1 61 ? 3.343   2.302   -16.044 1.00 35.97 ? 61  ILE A CG2 1 
ATOM   491  C  CD1 . ILE A 1 61 ? 1.394   1.554   -18.429 1.00 38.73 ? 61  ILE A CD1 1 
ATOM   492  N  N   . GLY A 1 62 ? 4.466   -0.832  -14.776 1.00 34.62 ? 62  GLY A N   1 
ATOM   493  C  CA  . GLY A 1 62 ? 5.773   -0.937  -14.159 1.00 34.37 ? 62  GLY A CA  1 
ATOM   494  C  C   . GLY A 1 62 ? 6.102   0.353   -13.428 1.00 34.64 ? 62  GLY A C   1 
ATOM   495  O  O   . GLY A 1 62 ? 7.154   0.963   -13.662 1.00 36.05 ? 62  GLY A O   1 
ATOM   496  N  N   . HIS A 1 63 ? 5.199   0.786   -12.551 1.00 31.08 ? 63  HIS A N   1 
ATOM   497  C  CA  . HIS A 1 63 ? 5.430   1.996   -11.779 1.00 31.22 ? 63  HIS A CA  1 
ATOM   498  C  C   . HIS A 1 63 ? 6.604   1.815   -10.824 1.00 31.96 ? 63  HIS A C   1 
ATOM   499  O  O   . HIS A 1 63 ? 6.823   0.722   -10.288 1.00 34.28 ? 63  HIS A O   1 
ATOM   500  C  CB  . HIS A 1 63 ? 4.171   2.385   -10.983 1.00 29.32 ? 63  HIS A CB  1 
ATOM   501  C  CG  . HIS A 1 63 ? 3.104   3.007   -11.828 1.00 26.48 ? 63  HIS A CG  1 
ATOM   502  N  ND1 . HIS A 1 63 ? 2.176   2.262   -12.516 1.00 24.14 ? 63  HIS A ND1 1 
ATOM   503  C  CD2 . HIS A 1 63 ? 2.852   4.302   -12.136 1.00 27.58 ? 63  HIS A CD2 1 
ATOM   504  C  CE1 . HIS A 1 63 ? 1.396   3.068   -13.213 1.00 28.76 ? 63  HIS A CE1 1 
ATOM   505  N  NE2 . HIS A 1 63 ? 1.783   4.311   -12.999 1.00 24.29 ? 63  HIS A NE2 1 
ATOM   506  N  N   . SER A 1 64 ? 7.347   2.891   -10.606 1.00 30.59 ? 64  SER A N   1 
ATOM   507  C  CA  . SER A 1 64 ? 8.504   2.877   -9.720  1.00 30.46 ? 64  SER A CA  1 
ATOM   508  C  C   . SER A 1 64 ? 8.129   2.848   -8.229  1.00 29.41 ? 64  SER A C   1 
ATOM   509  O  O   . SER A 1 64 ? 6.958   3.051   -7.850  1.00 27.22 ? 64  SER A O   1 
ATOM   510  C  CB  . SER A 1 64 ? 9.329   4.128   -9.965  1.00 31.18 ? 64  SER A CB  1 
ATOM   511  O  OG  . SER A 1 64 ? 8.663   5.240   -9.396  1.00 28.08 ? 64  SER A OG  1 
ATOM   512  N  N   . PRO A 1 65 ? 9.123   2.574   -7.361  1.00 29.74 ? 65  PRO A N   1 
ATOM   513  C  CA  . PRO A 1 65 ? 8.874   2.540   -5.917  1.00 29.38 ? 65  PRO A CA  1 
ATOM   514  C  C   . PRO A 1 65 ? 8.397   3.928   -5.454  1.00 28.28 ? 65  PRO A C   1 
ATOM   515  O  O   . PRO A 1 65 ? 7.608   4.057   -4.521  1.00 27.45 ? 65  PRO A O   1 
ATOM   516  C  CB  . PRO A 1 65 ? 10.247  2.169   -5.341  1.00 29.96 ? 65  PRO A CB  1 
ATOM   517  C  CG  . PRO A 1 65 ? 10.830  1.301   -6.376  1.00 30.82 ? 65  PRO A CG  1 
ATOM   518  C  CD  . PRO A 1 65 ? 10.448  1.995   -7.683  1.00 30.40 ? 65  PRO A CD  1 
ATOM   519  N  N   . ASP A 1 66 ? 8.874   4.982   -6.115  1.00 30.45 ? 66  ASP A N   1 
ATOM   520  C  CA  . ASP A 1 66 ? 8.461   6.333   -5.736  1.00 31.43 ? 66  ASP A CA  1 
ATOM   521  C  C   . ASP A 1 66 ? 6.999   6.574   -6.089  1.00 29.00 ? 66  ASP A C   1 
ATOM   522  O  O   . ASP A 1 66 ? 6.298   7.261   -5.375  1.00 29.11 ? 66  ASP A O   1 
ATOM   523  C  CB  . ASP A 1 66 ? 9.337   7.384   -6.422  1.00 36.10 ? 66  ASP A CB  1 
ATOM   524  C  CG  . ASP A 1 66 ? 10.784  7.334   -5.950  1.00 41.67 ? 66  ASP A CG  1 
ATOM   525  O  OD1 . ASP A 1 66 ? 11.028  7.245   -4.720  1.00 42.93 ? 66  ASP A OD1 1 
ATOM   526  O  OD2 . ASP A 1 66 ? 11.676  7.386   -6.816  1.00 46.81 ? 66  ASP A OD2 1 
ATOM   527  N  N   . ALA A 1 67 ? 6.544   6.002   -7.195  1.00 28.72 ? 67  ALA A N   1 
ATOM   528  C  CA  . ALA A 1 67 ? 5.144   6.125   -7.591  1.00 26.96 ? 67  ALA A CA  1 
ATOM   529  C  C   . ALA A 1 67 ? 4.261   5.430   -6.530  1.00 27.25 ? 67  ALA A C   1 
ATOM   530  O  O   . ALA A 1 67 ? 3.199   5.932   -6.147  1.00 26.36 ? 67  ALA A O   1 
ATOM   531  C  CB  . ALA A 1 67 ? 4.944   5.468   -8.956  1.00 26.91 ? 67  ALA A CB  1 
ATOM   532  N  N   . ARG A 1 68 ? 4.684   4.255   -6.071  1.00 27.02 ? 68  ARG A N   1 
ATOM   533  C  CA  . ARG A 1 68 ? 3.916   3.549   -5.047  1.00 26.44 ? 68  ARG A CA  1 
ATOM   534  C  C   . ARG A 1 68 ? 3.807   4.355   -3.770  1.00 27.05 ? 68  ARG A C   1 
ATOM   535  O  O   . ARG A 1 68 ? 2.768   4.349   -3.103  1.00 26.81 ? 68  ARG A O   1 
ATOM   536  C  CB  . ARG A 1 68 ? 4.564   2.210   -4.694  1.00 26.64 ? 68  ARG A CB  1 
ATOM   537  C  CG  . ARG A 1 68 ? 4.625   1.266   -5.832  1.00 26.91 ? 68  ARG A CG  1 
ATOM   538  C  CD  . ARG A 1 68 ? 5.006   -0.120  -5.337  1.00 26.72 ? 68  ARG A CD  1 
ATOM   539  N  NE  . ARG A 1 68 ? 5.267   -0.989  -6.475  1.00 28.01 ? 68  ARG A NE  1 
ATOM   540  C  CZ  . ARG A 1 68 ? 4.346   -1.740  -7.064  1.00 27.42 ? 68  ARG A CZ  1 
ATOM   541  N  NH1 . ARG A 1 68 ? 3.090   -1.737  -6.624  1.00 27.14 ? 68  ARG A NH1 1 
ATOM   542  N  NH2 . ARG A 1 68 ? 4.684   -2.498  -8.090  1.00 30.88 ? 68  ARG A NH2 1 
ATOM   543  N  N   . GLU A 1 69 ? 4.893   5.031   -3.402  1.00 28.63 ? 69  GLU A N   1 
ATOM   544  C  CA  . GLU A 1 69 ? 4.878   5.839   -2.184  1.00 30.69 ? 69  GLU A CA  1 
ATOM   545  C  C   . GLU A 1 69 ? 3.895   6.991   -2.278  1.00 30.68 ? 69  GLU A C   1 
ATOM   546  O  O   . GLU A 1 69 ? 3.281   7.376   -1.280  1.00 29.77 ? 69  GLU A O   1 
ATOM   547  C  CB  . GLU A 1 69 ? 6.288   6.359   -1.861  1.00 35.23 ? 69  GLU A CB  1 
ATOM   548  C  CG  . GLU A 1 69 ? 7.202   5.247   -1.376  1.00 44.42 ? 69  GLU A CG  1 
ATOM   549  C  CD  . GLU A 1 69 ? 8.345   5.741   -0.508  1.00 48.57 ? 69  GLU A CD  1 
ATOM   550  O  OE1 . GLU A 1 69 ? 8.073   6.296   0.582   1.00 53.09 ? 69  GLU A OE1 1 
ATOM   551  O  OE2 . GLU A 1 69 ? 9.511   5.565   -0.919  1.00 51.77 ? 69  GLU A OE2 1 
ATOM   552  N  N   . MET A 1 70 ? 3.732   7.532   -3.479  1.00 31.22 ? 70  MET A N   1 
ATOM   553  C  CA  . MET A 1 70 ? 2.801   8.643   -3.701  1.00 33.09 ? 70  MET A CA  1 
ATOM   554  C  C   . MET A 1 70 ? 1.371   8.254   -3.379  1.00 32.42 ? 70  MET A C   1 
ATOM   555  O  O   . MET A 1 70 ? 0.559   9.104   -3.040  1.00 31.52 ? 70  MET A O   1 
ATOM   556  C  CB  . MET A 1 70 ? 2.847   9.098   -5.151  1.00 35.02 ? 70  MET A CB  1 
ATOM   557  C  CG  . MET A 1 70 ? 4.120   9.778   -5.544  1.00 41.32 ? 70  MET A CG  1 
ATOM   558  S  SD  . MET A 1 70 ? 3.916   10.380  -7.229  1.00 45.96 ? 70  MET A SD  1 
ATOM   559  C  CE  . MET A 1 70 ? 2.818   11.789  -6.942  1.00 47.61 ? 70  MET A CE  1 
ATOM   560  N  N   . LEU A 1 71 ? 1.057   6.963   -3.496  1.00 31.46 ? 71  LEU A N   1 
ATOM   561  C  CA  . LEU A 1 71 ? -0.294  6.489   -3.210  1.00 31.41 ? 71  LEU A CA  1 
ATOM   562  C  C   . LEU A 1 71 ? -0.819  6.833   -1.829  1.00 31.59 ? 71  LEU A C   1 
ATOM   563  O  O   . LEU A 1 71 ? -2.006  7.116   -1.666  1.00 31.51 ? 71  LEU A O   1 
ATOM   564  C  CB  . LEU A 1 71 ? -0.364  4.970   -3.370  1.00 31.54 ? 71  LEU A CB  1 
ATOM   565  C  CG  . LEU A 1 71 ? -0.504  4.440   -4.782  1.00 30.74 ? 71  LEU A CG  1 
ATOM   566  C  CD1 . LEU A 1 71 ? -0.410  2.900   -4.746  1.00 32.56 ? 71  LEU A CD1 1 
ATOM   567  C  CD2 . LEU A 1 71 ? -1.837  4.914   -5.357  1.00 31.42 ? 71  LEU A CD2 1 
ATOM   568  N  N   . LYS A 1 72 ? 0.055   6.797   -0.826  1.00 30.82 ? 72  LYS A N   1 
ATOM   569  C  CA  . LYS A 1 72 ? -0.350  7.074   0.536   1.00 31.80 ? 72  LYS A CA  1 
ATOM   570  C  C   . LYS A 1 72 ? -1.076  8.387   0.714   1.00 31.76 ? 72  LYS A C   1 
ATOM   571  O  O   . LYS A 1 72 ? -1.978  8.498   1.540   1.00 31.63 ? 72  LYS A O   1 
ATOM   572  C  CB  . LYS A 1 72 ? 0.854   7.056   1.470   1.00 33.68 ? 72  LYS A CB  1 
ATOM   573  C  CG  . LYS A 1 72 ? 1.543   5.728   1.571   1.00 37.47 ? 72  LYS A CG  1 
ATOM   574  C  CD  . LYS A 1 72 ? 2.841   5.938   2.305   1.00 39.15 ? 72  LYS A CD  1 
ATOM   575  C  CE  . LYS A 1 72 ? 3.714   4.716   2.283   1.00 40.98 ? 72  LYS A CE  1 
ATOM   576  N  NZ  . LYS A 1 72 ? 4.992   5.072   2.923   1.00 42.06 ? 72  LYS A NZ  1 
ATOM   577  N  N   . GLN A 1 73 ? -0.690  9.390   -0.054  1.00 31.30 ? 73  GLN A N   1 
ATOM   578  C  CA  . GLN A 1 73 ? -1.352  10.685  0.082   1.00 32.40 ? 73  GLN A CA  1 
ATOM   579  C  C   . GLN A 1 73 ? -2.829  10.637  -0.305  1.00 30.36 ? 73  GLN A C   1 
ATOM   580  O  O   . GLN A 1 73 ? -3.613  11.458  0.157   1.00 32.00 ? 73  GLN A O   1 
ATOM   581  C  CB  . GLN A 1 73 ? -0.668  11.719  -0.806  1.00 35.06 ? 73  GLN A CB  1 
ATOM   582  C  CG  . GLN A 1 73 ? 0.832   11.607  -0.869  1.00 42.39 ? 73  GLN A CG  1 
ATOM   583  C  CD  . GLN A 1 73 ? 1.451   12.731  -1.686  1.00 46.65 ? 73  GLN A CD  1 
ATOM   584  O  OE1 . GLN A 1 73 ? 2.625   12.664  -2.060  1.00 50.51 ? 73  GLN A OE1 1 
ATOM   585  N  NE2 . GLN A 1 73 ? 0.668   13.776  -1.960  1.00 46.49 ? 73  GLN A NE2 1 
ATOM   586  N  N   . TYR A 1 74 ? -3.221  9.671   -1.136  1.00 27.88 ? 74  TYR A N   1 
ATOM   587  C  CA  . TYR A 1 74 ? -4.593  9.637   -1.636  1.00 26.86 ? 74  TYR A CA  1 
ATOM   588  C  C   . TYR A 1 74 ? -5.498  8.543   -1.083  1.00 27.17 ? 74  TYR A C   1 
ATOM   589  O  O   . TYR A 1 74 ? -6.658  8.445   -1.464  1.00 25.43 ? 74  TYR A O   1 
ATOM   590  C  CB  . TYR A 1 74 ? -4.545  9.557   -3.174  1.00 26.07 ? 74  TYR A CB  1 
ATOM   591  C  CG  . TYR A 1 74 ? -3.623  10.611  -3.786  1.00 27.83 ? 74  TYR A CG  1 
ATOM   592  C  CD1 . TYR A 1 74 ? -3.966  11.965  -3.740  1.00 31.29 ? 74  TYR A CD1 1 
ATOM   593  C  CD2 . TYR A 1 74 ? -2.397  10.261  -4.351  1.00 29.36 ? 74  TYR A CD2 1 
ATOM   594  C  CE1 . TYR A 1 74 ? -3.113  12.943  -4.236  1.00 31.41 ? 74  TYR A CE1 1 
ATOM   595  C  CE2 . TYR A 1 74 ? -1.523  11.246  -4.862  1.00 31.89 ? 74  TYR A CE2 1 
ATOM   596  C  CZ  . TYR A 1 74 ? -1.901  12.581  -4.793  1.00 33.08 ? 74  TYR A CZ  1 
ATOM   597  O  OH  . TYR A 1 74 ? -1.080  13.563  -5.288  1.00 34.61 ? 74  TYR A OH  1 
ATOM   598  N  N   . TYR A 1 75 ? -4.952  7.744   -0.181  1.00 25.54 ? 75  TYR A N   1 
ATOM   599  C  CA  . TYR A 1 75 ? -5.684  6.663   0.438   1.00 25.72 ? 75  TYR A CA  1 
ATOM   600  C  C   . TYR A 1 75 ? -6.864  7.185   1.275   1.00 25.10 ? 75  TYR A C   1 
ATOM   601  O  O   . TYR A 1 75 ? -6.685  8.045   2.147   1.00 23.78 ? 75  TYR A O   1 
ATOM   602  C  CB  . TYR A 1 75 ? -4.726  5.869   1.323   1.00 26.25 ? 75  TYR A CB  1 
ATOM   603  C  CG  . TYR A 1 75 ? -5.423  4.828   2.162   1.00 26.37 ? 75  TYR A CG  1 
ATOM   604  C  CD1 . TYR A 1 75 ? -6.017  3.713   1.566   1.00 26.26 ? 75  TYR A CD1 1 
ATOM   605  C  CD2 . TYR A 1 75 ? -5.446  4.930   3.553   1.00 29.31 ? 75  TYR A CD2 1 
ATOM   606  C  CE1 . TYR A 1 75 ? -6.614  2.710   2.340   1.00 24.89 ? 75  TYR A CE1 1 
ATOM   607  C  CE2 . TYR A 1 75 ? -6.039  3.928   4.348   1.00 30.32 ? 75  TYR A CE2 1 
ATOM   608  C  CZ  . TYR A 1 75 ? -6.615  2.822   3.723   1.00 28.90 ? 75  TYR A CZ  1 
ATOM   609  O  OH  . TYR A 1 75 ? -7.137  1.813   4.497   1.00 30.73 ? 75  TYR A OH  1 
ATOM   610  N  N   . ILE A 1 76 ? -8.068  6.691   0.993   1.00 22.27 ? 76  ILE A N   1 
ATOM   611  C  CA  . ILE A 1 76 ? -9.244  7.098   1.761   1.00 23.95 ? 76  ILE A CA  1 
ATOM   612  C  C   . ILE A 1 76 ? -10.018 5.938   2.402   1.00 24.49 ? 76  ILE A C   1 
ATOM   613  O  O   . ILE A 1 76 ? -10.917 6.156   3.217   1.00 24.49 ? 76  ILE A O   1 
ATOM   614  C  CB  . ILE A 1 76 ? -10.244 7.948   0.943   1.00 25.11 ? 76  ILE A CB  1 
ATOM   615  C  CG1 . ILE A 1 76 ? -10.750 7.160   -0.279  1.00 25.81 ? 76  ILE A CG1 1 
ATOM   616  C  CG2 . ILE A 1 76 ? -9.581  9.305   0.539   1.00 26.14 ? 76  ILE A CG2 1 
ATOM   617  C  CD1 . ILE A 1 76 ? -12.017 7.794   -0.912  1.00 27.81 ? 76  ILE A CD1 1 
ATOM   618  N  N   . GLY A 1 77 ? -9.677  4.702   2.053   1.00 24.28 ? 77  GLY A N   1 
ATOM   619  C  CA  . GLY A 1 77 ? -10.399 3.600   2.653   1.00 24.30 ? 77  GLY A CA  1 
ATOM   620  C  C   . GLY A 1 77 ? -10.147 2.281   1.951   1.00 23.35 ? 77  GLY A C   1 
ATOM   621  O  O   . GLY A 1 77 ? -9.423  2.205   0.961   1.00 23.20 ? 77  GLY A O   1 
ATOM   622  N  N   . ASP A 1 78 ? -10.740 1.226   2.494   1.00 23.38 ? 78  ASP A N   1 
ATOM   623  C  CA  . ASP A 1 78 ? -10.584 -0.107  1.925   1.00 22.05 ? 78  ASP A CA  1 
ATOM   624  C  C   . ASP A 1 78 ? -11.872 -0.547  1.233   1.00 22.20 ? 78  ASP A C   1 
ATOM   625  O  O   . ASP A 1 78 ? -12.963 -0.127  1.594   1.00 22.62 ? 78  ASP A O   1 
ATOM   626  C  CB  . ASP A 1 78 ? -10.307 -1.135  3.038   1.00 22.35 ? 78  ASP A CB  1 
ATOM   627  C  CG  . ASP A 1 78 ? -8.937  -0.999  3.659   1.00 27.67 ? 78  ASP A CG  1 
ATOM   628  O  OD1 . ASP A 1 78 ? -8.177  -0.055  3.329   1.00 26.16 ? 78  ASP A OD1 1 
ATOM   629  O  OD2 . ASP A 1 78 ? -8.621  -1.865  4.503   1.00 27.40 ? 78  ASP A OD2 1 
ATOM   630  N  N   . VAL A 1 79 ? -11.740 -1.427  0.252   1.00 22.20 ? 79  VAL A N   1 
ATOM   631  C  CA  . VAL A 1 79 ? -12.912 -1.975  -0.402  1.00 22.87 ? 79  VAL A CA  1 
ATOM   632  C  C   . VAL A 1 79 ? -13.472 -3.035  0.572   1.00 23.13 ? 79  VAL A C   1 
ATOM   633  O  O   . VAL A 1 79 ? -12.721 -3.795  1.164   1.00 23.21 ? 79  VAL A O   1 
ATOM   634  C  CB  . VAL A 1 79 ? -12.536 -2.664  -1.731  1.00 23.85 ? 79  VAL A CB  1 
ATOM   635  C  CG1 . VAL A 1 79 ? -13.763 -3.362  -2.330  1.00 23.92 ? 79  VAL A CG1 1 
ATOM   636  C  CG2 . VAL A 1 79 ? -11.962 -1.620  -2.727  1.00 26.86 ? 79  VAL A CG2 1 
ATOM   637  N  N   . HIS A 1 80 ? -14.784 -3.071  0.718   1.00 22.39 ? 80  HIS A N   1 
ATOM   638  C  CA  . HIS A 1 80 ? -15.457 -4.042  1.596   1.00 23.59 ? 80  HIS A CA  1 
ATOM   639  C  C   . HIS A 1 80 ? -15.032 -5.458  1.134   1.00 23.95 ? 80  HIS A C   1 
ATOM   640  O  O   . HIS A 1 80 ? -15.034 -5.742  -0.060  1.00 23.02 ? 80  HIS A O   1 
ATOM   641  C  CB  . HIS A 1 80 ? -16.961 -3.842  1.426   1.00 23.21 ? 80  HIS A CB  1 
ATOM   642  C  CG  . HIS A 1 80 ? -17.792 -4.633  2.385   1.00 26.11 ? 80  HIS A CG  1 
ATOM   643  N  ND1 . HIS A 1 80 ? -17.890 -6.010  2.330   1.00 26.24 ? 80  HIS A ND1 1 
ATOM   644  C  CD2 . HIS A 1 80 ? -18.570 -4.236  3.420   1.00 25.19 ? 80  HIS A CD2 1 
ATOM   645  C  CE1 . HIS A 1 80 ? -18.698 -6.424  3.295   1.00 26.86 ? 80  HIS A CE1 1 
ATOM   646  N  NE2 . HIS A 1 80 ? -19.118 -5.368  3.970   1.00 25.08 ? 80  HIS A NE2 1 
ATOM   647  N  N   . PRO A 1 81 ? -14.674 -6.359  2.070   1.00 24.93 ? 81  PRO A N   1 
ATOM   648  C  CA  . PRO A 1 81 ? -14.245 -7.718  1.694   1.00 27.99 ? 81  PRO A CA  1 
ATOM   649  C  C   . PRO A 1 81 ? -15.197 -8.490  0.787   1.00 29.40 ? 81  PRO A C   1 
ATOM   650  O  O   . PRO A 1 81 ? -14.752 -9.305  -0.035  1.00 30.81 ? 81  PRO A O   1 
ATOM   651  C  CB  . PRO A 1 81 ? -14.063 -8.426  3.044   1.00 29.95 ? 81  PRO A CB  1 
ATOM   652  C  CG  . PRO A 1 81 ? -13.843 -7.319  4.006   1.00 31.77 ? 81  PRO A CG  1 
ATOM   653  C  CD  . PRO A 1 81 ? -14.762 -6.234  3.532   1.00 26.85 ? 81  PRO A CD  1 
ATOM   654  N  N   . ASN A 1 82 ? -16.497 -8.264  0.944   1.00 29.11 ? 82  ASN A N   1 
ATOM   655  C  CA  . ASN A 1 82 ? -17.483 -8.959  0.117   1.00 31.55 ? 82  ASN A CA  1 
ATOM   656  C  C   . ASN A 1 82 ? -17.378 -8.585  -1.354  1.00 32.09 ? 82  ASN A C   1 
ATOM   657  O  O   . ASN A 1 82 ? -17.903 -9.308  -2.200  1.00 30.74 ? 82  ASN A O   1 
ATOM   658  C  CB  . ASN A 1 82 ? -18.916 -8.679  0.588   1.00 32.06 ? 82  ASN A CB  1 
ATOM   659  C  CG  . ASN A 1 82 ? -19.281 -9.463  1.843   1.00 35.76 ? 82  ASN A CG  1 
ATOM   660  O  OD1 . ASN A 1 82 ? -18.524 -10.323 2.290   1.00 36.91 ? 82  ASN A OD1 1 
ATOM   661  N  ND2 . ASN A 1 82 ? -20.440 -9.169  2.409   1.00 36.56 ? 82  ASN A ND2 1 
ATOM   662  N  N   . ASP A 1 83 ? -16.731 -7.458  -1.661  1.00 31.01 ? 83  ASP A N   1 
ATOM   663  C  CA  . ASP A 1 83 ? -16.586 -7.037  -3.059  1.00 32.23 ? 83  ASP A CA  1 
ATOM   664  C  C   . ASP A 1 83 ? -15.228 -7.398  -3.660  1.00 34.37 ? 83  ASP A C   1 
ATOM   665  O  O   . ASP A 1 83 ? -14.980 -7.111  -4.824  1.00 32.71 ? 83  ASP A O   1 
ATOM   666  C  CB  . ASP A 1 83 ? -16.804 -5.525  -3.222  1.00 30.62 ? 83  ASP A CB  1 
ATOM   667  C  CG  . ASP A 1 83 ? -18.234 -5.113  -2.994  1.00 33.16 ? 83  ASP A CG  1 
ATOM   668  O  OD1 . ASP A 1 83 ? -19.136 -5.974  -3.124  1.00 31.12 ? 83  ASP A OD1 1 
ATOM   669  O  OD2 . ASP A 1 83 ? -18.463 -3.918  -2.698  1.00 31.03 ? 83  ASP A OD2 1 
ATOM   670  N  N   . LEU A 1 84 ? -14.346 -8.011  -2.880  1.00 38.58 ? 84  LEU A N   1 
ATOM   671  C  CA  . LEU A 1 84 ? -13.036 -8.395  -3.411  1.00 44.69 ? 84  LEU A CA  1 
ATOM   672  C  C   . LEU A 1 84 ? -13.168 -9.724  -4.152  1.00 49.17 ? 84  LEU A C   1 
ATOM   673  O  O   . LEU A 1 84 ? -13.859 -10.629 -3.697  1.00 48.88 ? 84  LEU A O   1 
ATOM   674  C  CB  . LEU A 1 84 ? -12.009 -8.491  -2.285  1.00 43.72 ? 84  LEU A CB  1 
ATOM   675  C  CG  . LEU A 1 84 ? -11.763 -7.124  -1.642  1.00 44.71 ? 84  LEU A CG  1 
ATOM   676  C  CD1 . LEU A 1 84 ? -10.768 -7.260  -0.514  1.00 47.39 ? 84  LEU A CD1 1 
ATOM   677  C  CD2 . LEU A 1 84 ? -11.262 -6.141  -2.694  1.00 44.64 ? 84  LEU A CD2 1 
ATOM   678  N  N   . LYS A 1 85 ? -12.509 -9.831  -5.301  1.00 56.24 ? 85  LYS A N   1 
ATOM   679  C  CA  . LYS A 1 85 ? -12.596 -11.041 -6.114  1.00 62.83 ? 85  LYS A CA  1 
ATOM   680  C  C   . LYS A 1 85 ? -11.495 -12.087 -5.962  1.00 66.58 ? 85  LYS A C   1 
ATOM   681  O  O   . LYS A 1 85 ? -10.382 -11.790 -5.501  1.00 67.07 ? 85  LYS A O   1 
ATOM   682  C  CB  . LYS A 1 85 ? -12.706 -10.667 -7.593  1.00 63.92 ? 85  LYS A CB  1 
ATOM   683  C  CG  . LYS A 1 85 ? -14.114 -10.343 -8.050  1.00 66.05 ? 85  LYS A CG  1 
ATOM   684  C  CD  . LYS A 1 85 ? -14.116 -9.936  -9.509  1.00 67.05 ? 85  LYS A CD  1 
ATOM   685  C  CE  . LYS A 1 85 ? -15.508 -9.556  -9.973  1.00 68.38 ? 85  LYS A CE  1 
ATOM   686  N  NZ  . LYS A 1 85 ? -15.498 -9.056  -11.375 1.00 69.53 ? 85  LYS A NZ  1 
ATOM   687  N  N   . PRO A 1 86 ? -11.812 -13.341 -6.348  1.00 69.79 ? 86  PRO A N   1 
ATOM   688  C  CA  . PRO A 1 86 ? -10.935 -14.519 -6.313  1.00 71.85 ? 86  PRO A CA  1 
ATOM   689  C  C   . PRO A 1 86 ? -10.136 -14.685 -7.621  1.00 73.34 ? 86  PRO A C   1 
ATOM   690  O  O   . PRO A 1 86 ? -10.286 -13.843 -8.541  1.00 73.70 ? 86  PRO A O   1 
ATOM   691  C  CB  . PRO A 1 86 ? -11.917 -15.684 -6.102  1.00 71.48 ? 86  PRO A CB  1 
ATOM   692  C  CG  . PRO A 1 86 ? -13.210 -15.016 -5.656  1.00 71.33 ? 86  PRO A CG  1 
ATOM   693  C  CD  . PRO A 1 86 ? -13.216 -13.767 -6.474  1.00 70.13 ? 86  PRO A CD  1 
ATOM   694  O  OXT . PRO A 1 86 ? -9.373  -15.675 -7.712  1.00 74.99 ? 86  PRO A OXT 1 
ATOM   695  N  N   . ASP B 1 1  ? 20.205  -21.524 -5.409  1.00 57.99 ? 1   ASP B N   1 
ATOM   696  C  CA  . ASP B 1 1  ? 20.136  -21.781 -3.935  1.00 56.58 ? 1   ASP B CA  1 
ATOM   697  C  C   . ASP B 1 1  ? 20.485  -20.572 -3.053  1.00 54.53 ? 1   ASP B C   1 
ATOM   698  O  O   . ASP B 1 1  ? 21.189  -20.718 -2.046  1.00 53.65 ? 1   ASP B O   1 
ATOM   699  C  CB  . ASP B 1 1  ? 21.055  -22.957 -3.567  1.00 58.05 ? 1   ASP B CB  1 
ATOM   700  C  CG  . ASP B 1 1  ? 22.407  -22.888 -4.268  1.00 60.16 ? 1   ASP B CG  1 
ATOM   701  O  OD1 . ASP B 1 1  ? 22.689  -21.840 -4.891  1.00 61.19 ? 1   ASP B OD1 1 
ATOM   702  O  OD2 . ASP B 1 1  ? 23.185  -23.872 -4.194  1.00 59.82 ? 1   ASP B OD2 1 
ATOM   703  N  N   . PRO B 1 2  ? 20.019  -19.361 -3.426  1.00 52.08 ? 2   PRO B N   1 
ATOM   704  C  CA  . PRO B 1 2  ? 20.330  -18.186 -2.596  1.00 50.31 ? 2   PRO B CA  1 
ATOM   705  C  C   . PRO B 1 2  ? 19.843  -18.374 -1.151  1.00 48.41 ? 2   PRO B C   1 
ATOM   706  O  O   . PRO B 1 2  ? 18.874  -19.102 -0.894  1.00 47.73 ? 2   PRO B O   1 
ATOM   707  C  CB  . PRO B 1 2  ? 19.593  -17.049 -3.314  1.00 50.18 ? 2   PRO B CB  1 
ATOM   708  C  CG  . PRO B 1 2  ? 19.694  -17.454 -4.748  1.00 51.43 ? 2   PRO B CG  1 
ATOM   709  C  CD  . PRO B 1 2  ? 19.382  -18.949 -4.692  1.00 51.42 ? 2   PRO B CD  1 
ATOM   710  N  N   . ALA B 1 3  ? 20.514  -17.714 -0.214  1.00 46.18 ? 3   ALA B N   1 
ATOM   711  C  CA  . ALA B 1 3  ? 20.155  -17.809 1.202   1.00 44.23 ? 3   ALA B CA  1 
ATOM   712  C  C   . ALA B 1 3  ? 19.032  -16.842 1.565   1.00 43.20 ? 3   ALA B C   1 
ATOM   713  O  O   . ALA B 1 3  ? 18.492  -16.888 2.667   1.00 43.69 ? 3   ALA B O   1 
ATOM   714  C  CB  . ALA B 1 3  ? 21.377  -17.508 2.056   1.00 43.50 ? 3   ALA B CB  1 
ATOM   715  N  N   . VAL B 1 4  ? 18.677  -15.977 0.623   1.00 40.64 ? 4   VAL B N   1 
ATOM   716  C  CA  . VAL B 1 4  ? 17.659  -14.956 0.850   1.00 37.57 ? 4   VAL B CA  1 
ATOM   717  C  C   . VAL B 1 4  ? 16.454  -15.123 -0.055  1.00 34.97 ? 4   VAL B C   1 
ATOM   718  O  O   . VAL B 1 4  ? 16.592  -15.505 -1.214  1.00 34.48 ? 4   VAL B O   1 
ATOM   719  C  CB  . VAL B 1 4  ? 18.253  -13.534 0.567   1.00 37.91 ? 4   VAL B CB  1 
ATOM   720  C  CG1 . VAL B 1 4  ? 17.262  -12.464 0.933   1.00 38.54 ? 4   VAL B CG1 1 
ATOM   721  C  CG2 . VAL B 1 4  ? 19.544  -13.340 1.330   1.00 39.80 ? 4   VAL B CG2 1 
ATOM   722  N  N   . THR B 1 5  ? 15.268  -14.835 0.465   1.00 33.54 ? 5   THR B N   1 
ATOM   723  C  CA  . THR B 1 5  ? 14.076  -14.895 -0.364  1.00 33.50 ? 5   THR B CA  1 
ATOM   724  C  C   . THR B 1 5  ? 13.792  -13.443 -0.745  1.00 31.42 ? 5   THR B C   1 
ATOM   725  O  O   . THR B 1 5  ? 13.778  -12.560 0.120   1.00 30.48 ? 5   THR B O   1 
ATOM   726  C  CB  . THR B 1 5  ? 12.845  -15.420 0.394   1.00 36.22 ? 5   THR B CB  1 
ATOM   727  O  OG1 . THR B 1 5  ? 13.071  -16.772 0.807   1.00 39.83 ? 5   THR B OG1 1 
ATOM   728  C  CG2 . THR B 1 5  ? 11.612  -15.357 -0.508  1.00 36.69 ? 5   THR B CG2 1 
ATOM   729  N  N   . TYR B 1 6  ? 13.569  -13.195 -2.026  1.00 30.68 ? 6   TYR B N   1 
ATOM   730  C  CA  . TYR B 1 6  ? 13.280  -11.842 -2.487  1.00 28.89 ? 6   TYR B CA  1 
ATOM   731  C  C   . TYR B 1 6  ? 11.807  -11.692 -2.837  1.00 29.70 ? 6   TYR B C   1 
ATOM   732  O  O   . TYR B 1 6  ? 11.201  -12.615 -3.381  1.00 30.63 ? 6   TYR B O   1 
ATOM   733  C  CB  . TYR B 1 6  ? 14.138  -11.519 -3.700  1.00 28.24 ? 6   TYR B CB  1 
ATOM   734  C  CG  . TYR B 1 6  ? 15.600  -11.419 -3.375  1.00 27.05 ? 6   TYR B CG  1 
ATOM   735  C  CD1 . TYR B 1 6  ? 16.142  -10.266 -2.780  1.00 25.98 ? 6   TYR B CD1 1 
ATOM   736  C  CD2 . TYR B 1 6  ? 16.448  -12.491 -3.616  1.00 28.28 ? 6   TYR B CD2 1 
ATOM   737  C  CE1 . TYR B 1 6  ? 17.495  -10.204 -2.436  1.00 24.37 ? 6   TYR B CE1 1 
ATOM   738  C  CE2 . TYR B 1 6  ? 17.799  -12.442 -3.272  1.00 25.01 ? 6   TYR B CE2 1 
ATOM   739  C  CZ  . TYR B 1 6  ? 18.313  -11.310 -2.683  1.00 26.50 ? 6   TYR B CZ  1 
ATOM   740  O  OH  . TYR B 1 6  ? 19.627  -11.310 -2.294  1.00 24.92 ? 6   TYR B OH  1 
ATOM   741  N  N   . TYR B 1 7  ? 11.228  -10.530 -2.533  1.00 27.55 ? 7   TYR B N   1 
ATOM   742  C  CA  . TYR B 1 7  ? 9.823   -10.273 -2.844  1.00 26.92 ? 7   TYR B CA  1 
ATOM   743  C  C   . TYR B 1 7  ? 9.702   -9.003  -3.671  1.00 26.01 ? 7   TYR B C   1 
ATOM   744  O  O   . TYR B 1 7  ? 10.345  -8.012  -3.371  1.00 26.16 ? 7   TYR B O   1 
ATOM   745  C  CB  . TYR B 1 7  ? 9.010   -10.083 -1.567  1.00 28.25 ? 7   TYR B CB  1 
ATOM   746  C  CG  . TYR B 1 7  ? 8.828   -11.345 -0.757  1.00 31.85 ? 7   TYR B CG  1 
ATOM   747  C  CD1 . TYR B 1 7  ? 7.932   -12.325 -1.172  1.00 32.32 ? 7   TYR B CD1 1 
ATOM   748  C  CD2 . TYR B 1 7  ? 9.551   -11.557 0.415   1.00 33.37 ? 7   TYR B CD2 1 
ATOM   749  C  CE1 . TYR B 1 7  ? 7.751   -13.491 -0.445  1.00 34.90 ? 7   TYR B CE1 1 
ATOM   750  C  CE2 . TYR B 1 7  ? 9.378   -12.741 1.162   1.00 37.00 ? 7   TYR B CE2 1 
ATOM   751  C  CZ  . TYR B 1 7  ? 8.469   -13.695 0.712   1.00 37.12 ? 7   TYR B CZ  1 
ATOM   752  O  OH  . TYR B 1 7  ? 8.253   -14.858 1.409   1.00 39.11 ? 7   TYR B OH  1 
ATOM   753  N  N   . ARG B 1 8  ? 8.877   -9.037  -4.705  1.00 26.28 ? 8   ARG B N   1 
ATOM   754  C  CA  . ARG B 1 8  ? 8.643   -7.842  -5.530  1.00 28.88 ? 8   ARG B CA  1 
ATOM   755  C  C   . ARG B 1 8  ? 7.649   -6.944  -4.772  1.00 25.01 ? 8   ARG B C   1 
ATOM   756  O  O   . ARG B 1 8  ? 6.857   -7.439  -3.985  1.00 23.48 ? 8   ARG B O   1 
ATOM   757  C  CB  . ARG B 1 8  ? 8.069   -8.275  -6.881  1.00 32.88 ? 8   ARG B CB  1 
ATOM   758  C  CG  . ARG B 1 8  ? 8.958   -9.298  -7.591  1.00 39.43 ? 8   ARG B CG  1 
ATOM   759  C  CD  . ARG B 1 8  ? 9.330   -8.812  -8.969  1.00 47.07 ? 8   ARG B CD  1 
ATOM   760  N  NE  . ARG B 1 8  ? 9.841   -7.447  -8.911  1.00 51.36 ? 8   ARG B NE  1 
ATOM   761  C  CZ  . ARG B 1 8  ? 9.949   -6.639  -9.964  1.00 54.47 ? 8   ARG B CZ  1 
ATOM   762  N  NH1 . ARG B 1 8  ? 9.586   -7.053  -11.171 1.00 56.44 ? 8   ARG B NH1 1 
ATOM   763  N  NH2 . ARG B 1 8  ? 10.418  -5.409  -9.809  1.00 57.44 ? 8   ARG B NH2 1 
ATOM   764  N  N   . LEU B 1 9  ? 7.684   -5.626  -4.981  1.00 26.17 ? 9   LEU B N   1 
ATOM   765  C  CA  . LEU B 1 9  ? 6.755   -4.748  -4.262  1.00 25.03 ? 9   LEU B CA  1 
ATOM   766  C  C   . LEU B 1 9  ? 5.306   -5.044  -4.620  1.00 25.97 ? 9   LEU B C   1 
ATOM   767  O  O   . LEU B 1 9  ? 4.409   -4.848  -3.813  1.00 26.91 ? 9   LEU B O   1 
ATOM   768  C  CB  . LEU B 1 9  ? 7.097   -3.273  -4.529  1.00 26.04 ? 9   LEU B CB  1 
ATOM   769  C  CG  . LEU B 1 9  ? 8.385   -2.844  -3.813  1.00 27.17 ? 9   LEU B CG  1 
ATOM   770  C  CD1 . LEU B 1 9  ? 8.691   -1.365  -4.154  1.00 28.24 ? 9   LEU B CD1 1 
ATOM   771  C  CD2 . LEU B 1 9  ? 8.218   -3.032  -2.297  1.00 26.33 ? 9   LEU B CD2 1 
ATOM   772  N  N   . GLU B 1 10 ? 5.075   -5.516  -5.835  1.00 25.42 ? 10  GLU B N   1 
ATOM   773  C  CA  . GLU B 1 10 ? 3.733   -5.882  -6.250  1.00 27.78 ? 10  GLU B CA  1 
ATOM   774  C  C   . GLU B 1 10 ? 3.187   -6.980  -5.328  1.00 27.79 ? 10  GLU B C   1 
ATOM   775  O  O   . GLU B 1 10 ? 1.990   -7.022  -5.023  1.00 26.59 ? 10  GLU B O   1 
ATOM   776  C  CB  . GLU B 1 10 ? 3.753   -6.363  -7.708  1.00 30.44 ? 10  GLU B CB  1 
ATOM   777  C  CG  . GLU B 1 10 ? 2.522   -7.162  -8.080  1.00 35.69 ? 10  GLU B CG  1 
ATOM   778  C  CD  . GLU B 1 10 ? 2.432   -7.460  -9.560  1.00 38.49 ? 10  GLU B CD  1 
ATOM   779  O  OE1 . GLU B 1 10 ? 3.489   -7.477  -10.249 1.00 39.98 ? 10  GLU B OE1 1 
ATOM   780  O  OE2 . GLU B 1 10 ? 1.296   -7.683  -10.024 1.00 40.82 ? 10  GLU B OE2 1 
ATOM   781  N  N   . GLU B 1 11 ? 4.058   -7.879  -4.874  1.00 27.68 ? 11  GLU B N   1 
ATOM   782  C  CA  . GLU B 1 11 ? 3.608   -8.943  -3.964  1.00 27.96 ? 11  GLU B CA  1 
ATOM   783  C  C   . GLU B 1 11 ? 3.333   -8.428  -2.559  1.00 25.87 ? 11  GLU B C   1 
ATOM   784  O  O   . GLU B 1 11 ? 2.345   -8.820  -1.916  1.00 26.75 ? 11  GLU B O   1 
ATOM   785  C  CB  . GLU B 1 11 ? 4.649   -10.073 -3.905  1.00 32.05 ? 11  GLU B CB  1 
ATOM   786  C  CG  . GLU B 1 11 ? 4.663   -10.914 -5.158  1.00 39.28 ? 11  GLU B CG  1 
ATOM   787  C  CD  . GLU B 1 11 ? 3.311   -11.588 -5.405  1.00 45.26 ? 11  GLU B CD  1 
ATOM   788  O  OE1 . GLU B 1 11 ? 2.853   -12.353 -4.516  1.00 48.23 ? 11  GLU B OE1 1 
ATOM   789  O  OE2 . GLU B 1 11 ? 2.701   -11.352 -6.483  1.00 49.19 ? 11  GLU B OE2 1 
ATOM   790  N  N   . VAL B 1 12 ? 4.197   -7.534  -2.085  1.00 23.55 ? 12  VAL B N   1 
ATOM   791  C  CA  . VAL B 1 12 ? 4.052   -6.951  -0.761  1.00 22.59 ? 12  VAL B CA  1 
ATOM   792  C  C   . VAL B 1 12 ? 2.757   -6.150  -0.721  1.00 22.12 ? 12  VAL B C   1 
ATOM   793  O  O   . VAL B 1 12 ? 2.028   -6.199  0.270   1.00 23.88 ? 12  VAL B O   1 
ATOM   794  C  CB  . VAL B 1 12 ? 5.257   -6.006  -0.441  1.00 24.50 ? 12  VAL B CB  1 
ATOM   795  C  CG1 . VAL B 1 12 ? 5.084   -5.367  0.918   1.00 23.39 ? 12  VAL B CG1 1 
ATOM   796  C  CG2 . VAL B 1 12 ? 6.584   -6.802  -0.507  1.00 23.53 ? 12  VAL B CG2 1 
ATOM   797  N  N   . ALA B 1 13 ? 2.474   -5.439  -1.808  1.00 22.26 ? 13  ALA B N   1 
ATOM   798  C  CA  . ALA B 1 13 ? 1.287   -4.572  -1.877  1.00 23.95 ? 13  ALA B CA  1 
ATOM   799  C  C   . ALA B 1 13 ? -0.023  -5.304  -1.591  1.00 26.10 ? 13  ALA B C   1 
ATOM   800  O  O   . ALA B 1 13 ? -0.984  -4.712  -1.103  1.00 25.12 ? 13  ALA B O   1 
ATOM   801  C  CB  . ALA B 1 13 ? 1.230   -3.877  -3.265  1.00 21.67 ? 13  ALA B CB  1 
ATOM   802  N  N   . LYS B 1 14 ? -0.050  -6.607  -1.860  1.00 25.55 ? 14  LYS B N   1 
ATOM   803  C  CA  . LYS B 1 14 ? -1.241  -7.426  -1.620  1.00 29.01 ? 14  LYS B CA  1 
ATOM   804  C  C   . LYS B 1 14 ? -1.506  -7.804  -0.156  1.00 29.17 ? 14  LYS B C   1 
ATOM   805  O  O   . LYS B 1 14 ? -2.631  -8.150  0.196   1.00 29.72 ? 14  LYS B O   1 
ATOM   806  C  CB  . LYS B 1 14 ? -1.157  -8.717  -2.442  1.00 28.89 ? 14  LYS B CB  1 
ATOM   807  C  CG  . LYS B 1 14 ? -1.085  -8.507  -3.940  1.00 32.88 ? 14  LYS B CG  1 
ATOM   808  C  CD  . LYS B 1 14 ? -0.874  -9.852  -4.635  1.00 37.48 ? 14  LYS B CD  1 
ATOM   809  C  CE  . LYS B 1 14 ? -0.530  -9.674  -6.106  1.00 41.72 ? 14  LYS B CE  1 
ATOM   810  N  NZ  . LYS B 1 14 ? -0.228  -10.997 -6.745  1.00 44.30 ? 14  LYS B NZ  1 
ATOM   811  N  N   . ARG B 1 15 ? -0.485  -7.746  0.699   1.00 27.19 ? 15  ARG B N   1 
ATOM   812  C  CA  . ARG B 1 15 ? -0.663  -8.107  2.104   1.00 26.28 ? 15  ARG B CA  1 
ATOM   813  C  C   . ARG B 1 15 ? -0.882  -6.828  2.867   1.00 26.01 ? 15  ARG B C   1 
ATOM   814  O  O   . ARG B 1 15 ? -0.014  -6.371  3.606   1.00 24.67 ? 15  ARG B O   1 
ATOM   815  C  CB  . ARG B 1 15 ? 0.581   -8.831  2.627   1.00 27.57 ? 15  ARG B CB  1 
ATOM   816  C  CG  . ARG B 1 15 ? 0.637   -10.331 2.238   1.00 27.37 ? 15  ARG B CG  1 
ATOM   817  C  CD  . ARG B 1 15 ? 1.108   -10.553 0.823   1.00 30.29 ? 15  ARG B CD  1 
ATOM   818  N  NE  . ARG B 1 15 ? 1.186   -11.983 0.505   1.00 31.95 ? 15  ARG B NE  1 
ATOM   819  C  CZ  . ARG B 1 15 ? 1.615   -12.468 -0.653  1.00 34.69 ? 15  ARG B CZ  1 
ATOM   820  N  NH1 . ARG B 1 15 ? 2.018   -11.639 -1.609  1.00 33.27 ? 15  ARG B NH1 1 
ATOM   821  N  NH2 . ARG B 1 15 ? 1.619   -13.787 -0.868  1.00 34.91 ? 15  ARG B NH2 1 
ATOM   822  N  N   . ASN B 1 16 ? -2.067  -6.259  2.668   1.00 25.07 ? 16  ASN B N   1 
ATOM   823  C  CA  . ASN B 1 16 ? -2.403  -4.972  3.237   1.00 26.16 ? 16  ASN B CA  1 
ATOM   824  C  C   . ASN B 1 16 ? -3.623  -4.938  4.158   1.00 27.09 ? 16  ASN B C   1 
ATOM   825  O  O   . ASN B 1 16 ? -4.269  -3.899  4.285   1.00 27.35 ? 16  ASN B O   1 
ATOM   826  C  CB  . ASN B 1 16 ? -2.570  -3.952  2.078   1.00 25.83 ? 16  ASN B CB  1 
ATOM   827  C  CG  . ASN B 1 16 ? -3.723  -4.309  1.126   1.00 26.98 ? 16  ASN B CG  1 
ATOM   828  O  OD1 . ASN B 1 16 ? -3.965  -3.612  0.130   1.00 28.05 ? 16  ASN B OD1 1 
ATOM   829  N  ND2 . ASN B 1 16 ? -4.434  -5.379  1.427   1.00 23.40 ? 16  ASN B ND2 1 
ATOM   830  N  N   . THR B 1 17 ? -3.934  -6.057  4.812   1.00 28.60 ? 17  THR B N   1 
ATOM   831  C  CA  . THR B 1 17 ? -5.067  -6.092  5.743   1.00 30.56 ? 17  THR B CA  1 
ATOM   832  C  C   . THR B 1 17 ? -4.610  -6.721  7.055   1.00 32.17 ? 17  THR B C   1 
ATOM   833  O  O   . THR B 1 17 ? -3.514  -7.295  7.128   1.00 31.38 ? 17  THR B O   1 
ATOM   834  C  CB  . THR B 1 17 ? -6.259  -6.925  5.203   1.00 30.45 ? 17  THR B CB  1 
ATOM   835  O  OG1 . THR B 1 17 ? -5.885  -8.308  5.132   1.00 32.53 ? 17  THR B OG1 1 
ATOM   836  C  CG2 . THR B 1 17 ? -6.669  -6.447  3.811   1.00 30.34 ? 17  THR B CG2 1 
ATOM   837  N  N   . ALA B 1 18 ? -5.452  -6.608  8.083   1.00 33.30 ? 18  ALA B N   1 
ATOM   838  C  CA  . ALA B 1 18 ? -5.145  -7.157  9.394   1.00 35.51 ? 18  ALA B CA  1 
ATOM   839  C  C   . ALA B 1 18 ? -4.974  -8.669  9.360   1.00 35.66 ? 18  ALA B C   1 
ATOM   840  O  O   . ALA B 1 18 ? -4.377  -9.232  10.271  1.00 37.50 ? 18  ALA B O   1 
ATOM   841  C  CB  . ALA B 1 18 ? -6.236  -6.771  10.398  1.00 36.43 ? 18  ALA B CB  1 
ATOM   842  N  N   . GLU B 1 19 ? -5.486  -9.326  8.323   1.00 37.21 ? 19  GLU B N   1 
ATOM   843  C  CA  . GLU B 1 19 ? -5.364  -10.780 8.206   1.00 39.00 ? 19  GLU B CA  1 
ATOM   844  C  C   . GLU B 1 19 ? -3.976  -11.272 7.801   1.00 39.11 ? 19  GLU B C   1 
ATOM   845  O  O   . GLU B 1 19 ? -3.597  -12.405 8.108   1.00 37.01 ? 19  GLU B O   1 
ATOM   846  C  CB  . GLU B 1 19 ? -6.394  -11.314 7.223   1.00 44.07 ? 19  GLU B CB  1 
ATOM   847  C  CG  . GLU B 1 19 ? -7.811  -11.245 7.773   1.00 51.24 ? 19  GLU B CG  1 
ATOM   848  C  CD  . GLU B 1 19 ? -8.806  -11.866 6.830   1.00 55.89 ? 19  GLU B CD  1 
ATOM   849  O  OE1 . GLU B 1 19 ? -8.466  -12.922 6.244   1.00 57.76 ? 19  GLU B OE1 1 
ATOM   850  O  OE2 . GLU B 1 19 ? -9.918  -11.305 6.684   1.00 58.07 ? 19  GLU B OE2 1 
ATOM   851  N  N   . GLU B 1 20 ? -3.225  -10.430 7.097   1.00 36.56 ? 20  GLU B N   1 
ATOM   852  C  CA  . GLU B 1 20 ? -1.861  -10.773 6.679   1.00 36.08 ? 20  GLU B CA  1 
ATOM   853  C  C   . GLU B 1 20 ? -1.242  -9.440  6.285   1.00 34.83 ? 20  GLU B C   1 
ATOM   854  O  O   . GLU B 1 20 ? -1.472  -8.933  5.192   1.00 31.72 ? 20  GLU B O   1 
ATOM   855  C  CB  . GLU B 1 20 ? -1.846  -11.711 5.482   1.00 38.40 ? 20  GLU B CB  1 
ATOM   856  C  CG  . GLU B 1 20 ? -0.536  -12.487 5.378   1.00 43.17 ? 20  GLU B CG  1 
ATOM   857  C  CD  . GLU B 1 20 ? -0.417  -13.295 4.103   1.00 45.81 ? 20  GLU B CD  1 
ATOM   858  O  OE1 . GLU B 1 20 ? -1.454  -13.566 3.468   1.00 49.68 ? 20  GLU B OE1 1 
ATOM   859  O  OE2 . GLU B 1 20 ? 0.719   -13.666 3.735   1.00 48.05 ? 20  GLU B OE2 1 
ATOM   860  N  N   . THR B 1 21 ? -0.465  -8.897  7.209   1.00 32.84 ? 21  THR B N   1 
ATOM   861  C  CA  . THR B 1 21 ? 0.147   -7.596  7.069   1.00 32.18 ? 21  THR B CA  1 
ATOM   862  C  C   . THR B 1 21 ? 1.648   -7.641  6.822   1.00 29.26 ? 21  THR B C   1 
ATOM   863  O  O   . THR B 1 21 ? 2.388   -8.115  7.677   1.00 27.54 ? 21  THR B O   1 
ATOM   864  C  CB  . THR B 1 21 ? -0.087  -6.819  8.366   1.00 33.32 ? 21  THR B CB  1 
ATOM   865  O  OG1 . THR B 1 21 ? -1.352  -7.213  8.911   1.00 37.76 ? 21  THR B OG1 1 
ATOM   866  C  CG2 . THR B 1 21 ? -0.068  -5.312  8.121   1.00 37.10 ? 21  THR B CG2 1 
ATOM   867  N  N   . TRP B 1 22 ? 2.080   -7.138  5.669   1.00 25.63 ? 22  TRP B N   1 
ATOM   868  C  CA  . TRP B 1 22 ? 3.502   -7.055  5.336   1.00 25.06 ? 22  TRP B CA  1 
ATOM   869  C  C   . TRP B 1 22 ? 3.850   -5.568  5.222   1.00 27.10 ? 22  TRP B C   1 
ATOM   870  O  O   . TRP B 1 22 ? 2.986   -4.743  4.914   1.00 24.76 ? 22  TRP B O   1 
ATOM   871  C  CB  . TRP B 1 22 ? 3.815   -7.707  4.006   1.00 26.14 ? 22  TRP B CB  1 
ATOM   872  C  CG  . TRP B 1 22 ? 3.764   -9.194  4.011   1.00 28.01 ? 22  TRP B CG  1 
ATOM   873  C  CD1 . TRP B 1 22 ? 3.253   -10.004 4.982   1.00 28.54 ? 22  TRP B CD1 1 
ATOM   874  C  CD2 . TRP B 1 22 ? 4.186   -10.046 2.951   1.00 27.72 ? 22  TRP B CD2 1 
ATOM   875  N  NE1 . TRP B 1 22 ? 3.329   -11.320 4.581   1.00 26.94 ? 22  TRP B NE1 1 
ATOM   876  C  CE2 . TRP B 1 22 ? 3.898   -11.370 3.338   1.00 27.95 ? 22  TRP B CE2 1 
ATOM   877  C  CE3 . TRP B 1 22 ? 4.779   -9.815  1.698   1.00 28.27 ? 22  TRP B CE3 1 
ATOM   878  C  CZ2 . TRP B 1 22 ? 4.181   -12.469 2.513   1.00 30.01 ? 22  TRP B CZ2 1 
ATOM   879  C  CZ3 . TRP B 1 22 ? 5.060   -10.905 0.876   1.00 32.17 ? 22  TRP B CZ3 1 
ATOM   880  C  CH2 . TRP B 1 22 ? 4.757   -12.221 1.294   1.00 29.49 ? 22  TRP B CH2 1 
ATOM   881  N  N   . MET B 1 23 ? 5.114   -5.257  5.445   1.00 25.56 ? 23  MET B N   1 
ATOM   882  C  CA  . MET B 1 23 ? 5.587   -3.881  5.416   1.00 25.65 ? 23  MET B CA  1 
ATOM   883  C  C   . MET B 1 23 ? 7.052   -3.925  5.052   1.00 26.27 ? 23  MET B C   1 
ATOM   884  O  O   . MET B 1 23 ? 7.775   -4.860  5.420   1.00 25.72 ? 23  MET B O   1 
ATOM   885  C  CB  . MET B 1 23 ? 5.411   -3.274  6.811   1.00 25.74 ? 23  MET B CB  1 
ATOM   886  C  CG  . MET B 1 23 ? 5.719   -1.806  6.960   1.00 29.94 ? 23  MET B CG  1 
ATOM   887  S  SD  . MET B 1 23 ? 5.250   -1.325  8.624   1.00 29.78 ? 23  MET B SD  1 
ATOM   888  C  CE  . MET B 1 23 ? 3.545   -1.152  8.438   1.00 27.26 ? 23  MET B CE  1 
ATOM   889  N  N   . VAL B 1 24 ? 7.502   -2.922  4.316   1.00 24.27 ? 24  VAL B N   1 
ATOM   890  C  CA  . VAL B 1 24 ? 8.915   -2.849  3.945   1.00 22.83 ? 24  VAL B CA  1 
ATOM   891  C  C   . VAL B 1 24 ? 9.544   -1.752  4.788   1.00 23.82 ? 24  VAL B C   1 
ATOM   892  O  O   . VAL B 1 24 ? 8.974   -0.673  4.925   1.00 23.08 ? 24  VAL B O   1 
ATOM   893  C  CB  . VAL B 1 24 ? 9.073   -2.480  2.438   1.00 23.30 ? 24  VAL B CB  1 
ATOM   894  C  CG1 . VAL B 1 24 ? 10.519  -2.074  2.118   1.00 23.13 ? 24  VAL B CG1 1 
ATOM   895  C  CG2 . VAL B 1 24 ? 8.648   -3.680  1.575   1.00 23.79 ? 24  VAL B CG2 1 
ATOM   896  N  N   . ILE B 1 25 ? 10.708  -2.038  5.358   1.00 22.60 ? 25  ILE B N   1 
ATOM   897  C  CA  . ILE B 1 25 ? 11.454  -1.064  6.143   1.00 23.29 ? 25  ILE B CA  1 
ATOM   898  C  C   . ILE B 1 25 ? 12.919  -1.233  5.709   1.00 23.84 ? 25  ILE B C   1 
ATOM   899  O  O   . ILE B 1 25 ? 13.496  -2.327  5.834   1.00 22.65 ? 25  ILE B O   1 
ATOM   900  C  CB  . ILE B 1 25 ? 11.344  -1.328  7.669   1.00 25.28 ? 25  ILE B CB  1 
ATOM   901  C  CG1 . ILE B 1 25 ? 9.896   -1.210  8.163   1.00 26.01 ? 25  ILE B CG1 1 
ATOM   902  C  CG2 . ILE B 1 25 ? 12.230  -0.346  8.429   1.00 24.32 ? 25  ILE B CG2 1 
ATOM   903  C  CD1 . ILE B 1 25 ? 9.342   0.195   8.187   1.00 36.00 ? 25  ILE B CD1 1 
ATOM   904  N  N   . HIS B 1 26 ? 13.523  -0.170  5.192   1.00 20.35 ? 26  HIS B N   1 
ATOM   905  C  CA  . HIS B 1 26 ? 14.919  -0.217  4.740   1.00 22.18 ? 26  HIS B CA  1 
ATOM   906  C  C   . HIS B 1 26 ? 15.268  -1.417  3.823   1.00 23.37 ? 26  HIS B C   1 
ATOM   907  O  O   . HIS B 1 26 ? 16.243  -2.138  4.083   1.00 23.71 ? 26  HIS B O   1 
ATOM   908  C  CB  . HIS B 1 26 ? 15.902  -0.215  5.937   1.00 24.49 ? 26  HIS B CB  1 
ATOM   909  C  CG  . HIS B 1 26 ? 15.962  1.084   6.693   1.00 22.88 ? 26  HIS B CG  1 
ATOM   910  N  ND1 . HIS B 1 26 ? 16.410  2.257   6.124   1.00 26.11 ? 26  HIS B ND1 1 
ATOM   911  C  CD2 . HIS B 1 26 ? 15.629  1.388   7.970   1.00 24.70 ? 26  HIS B CD2 1 
ATOM   912  C  CE1 . HIS B 1 26 ? 16.350  3.234   7.019   1.00 25.22 ? 26  HIS B CE1 1 
ATOM   913  N  NE2 . HIS B 1 26 ? 15.879  2.733   8.149   1.00 26.11 ? 26  HIS B NE2 1 
ATOM   914  N  N   . GLY B 1 27 ? 14.470  -1.637  2.777   1.00 22.20 ? 27  GLY B N   1 
ATOM   915  C  CA  . GLY B 1 27 ? 14.764  -2.691  1.812   1.00 22.11 ? 27  GLY B CA  1 
ATOM   916  C  C   . GLY B 1 27 ? 14.521  -4.130  2.242   1.00 24.20 ? 27  GLY B C   1 
ATOM   917  O  O   . GLY B 1 27 ? 14.904  -5.077  1.525   1.00 23.70 ? 27  GLY B O   1 
ATOM   918  N  N   . ARG B 1 28 ? 13.899  -4.302  3.400   1.00 22.06 ? 28  ARG B N   1 
ATOM   919  C  CA  . ARG B 1 28 ? 13.593  -5.636  3.890   1.00 25.19 ? 28  ARG B CA  1 
ATOM   920  C  C   . ARG B 1 28 ? 12.086  -5.769  4.138   1.00 24.24 ? 28  ARG B C   1 
ATOM   921  O  O   . ARG B 1 28 ? 11.403  -4.801  4.489   1.00 23.20 ? 28  ARG B O   1 
ATOM   922  C  CB  . ARG B 1 28 ? 14.393  -5.925  5.167   1.00 25.46 ? 28  ARG B CB  1 
ATOM   923  C  CG  . ARG B 1 28 ? 15.904  -5.952  4.945   1.00 30.21 ? 28  ARG B CG  1 
ATOM   924  C  CD  . ARG B 1 28 ? 16.612  -6.257  6.265   1.00 36.67 ? 28  ARG B CD  1 
ATOM   925  N  NE  . ARG B 1 28 ? 18.070  -6.151  6.187   1.00 43.36 ? 28  ARG B NE  1 
ATOM   926  C  CZ  . ARG B 1 28 ? 18.870  -7.075  5.665   1.00 46.54 ? 28  ARG B CZ  1 
ATOM   927  N  NH1 . ARG B 1 28 ? 18.360  -8.191  5.159   1.00 49.00 ? 28  ARG B NH1 1 
ATOM   928  N  NH2 . ARG B 1 28 ? 20.186  -6.898  5.674   1.00 47.49 ? 28  ARG B NH2 1 
ATOM   929  N  N   . VAL B 1 29 ? 11.572  -6.981  3.958   1.00 23.36 ? 29  VAL B N   1 
ATOM   930  C  CA  . VAL B 1 29 ? 10.148  -7.253  4.120   1.00 22.88 ? 29  VAL B CA  1 
ATOM   931  C  C   . VAL B 1 29 ? 9.842   -7.925  5.445   1.00 24.19 ? 29  VAL B C   1 
ATOM   932  O  O   . VAL B 1 29 ? 10.516  -8.889  5.843   1.00 22.87 ? 29  VAL B O   1 
ATOM   933  C  CB  . VAL B 1 29 ? 9.644   -8.140  2.992   1.00 23.37 ? 29  VAL B CB  1 
ATOM   934  C  CG1 . VAL B 1 29 ? 8.091   -8.278  3.075   1.00 25.59 ? 29  VAL B CG1 1 
ATOM   935  C  CG2 . VAL B 1 29 ? 10.070  -7.545  1.646   1.00 25.83 ? 29  VAL B CG2 1 
ATOM   936  N  N   . TYR B 1 30 ? 8.825   -7.410  6.126   1.00 24.38 ? 30  TYR B N   1 
ATOM   937  C  CA  . TYR B 1 30 ? 8.422   -7.940  7.429   1.00 25.00 ? 30  TYR B CA  1 
ATOM   938  C  C   . TYR B 1 30 ? 6.959   -8.343  7.446   1.00 26.82 ? 30  TYR B C   1 
ATOM   939  O  O   . TYR B 1 30 ? 6.119   -7.635  6.889   1.00 25.60 ? 30  TYR B O   1 
ATOM   940  C  CB  . TYR B 1 30 ? 8.668   -6.888  8.527   1.00 22.85 ? 30  TYR B CB  1 
ATOM   941  C  CG  . TYR B 1 30 ? 10.123  -6.478  8.625   1.00 25.54 ? 30  TYR B CG  1 
ATOM   942  C  CD1 . TYR B 1 30 ? 10.635  -5.415  7.851   1.00 23.72 ? 30  TYR B CD1 1 
ATOM   943  C  CD2 . TYR B 1 30 ? 11.006  -7.192  9.441   1.00 24.30 ? 30  TYR B CD2 1 
ATOM   944  C  CE1 . TYR B 1 30 ? 12.002  -5.089  7.898   1.00 25.36 ? 30  TYR B CE1 1 
ATOM   945  C  CE2 . TYR B 1 30 ? 12.361  -6.876  9.497   1.00 24.73 ? 30  TYR B CE2 1 
ATOM   946  C  CZ  . TYR B 1 30 ? 12.855  -5.828  8.727   1.00 26.72 ? 30  TYR B CZ  1 
ATOM   947  O  OH  . TYR B 1 30 ? 14.197  -5.530  8.789   1.00 26.01 ? 30  TYR B OH  1 
ATOM   948  N  N   . ASP B 1 31 ? 6.658   -9.495  8.057   1.00 26.10 ? 31  ASP B N   1 
ATOM   949  C  CA  . ASP B 1 31 ? 5.272   -9.940  8.199   1.00 26.29 ? 31  ASP B CA  1 
ATOM   950  C  C   . ASP B 1 31 ? 4.937   -9.544  9.639   1.00 27.53 ? 31  ASP B C   1 
ATOM   951  O  O   . ASP B 1 31 ? 5.344   -10.226 10.588  1.00 27.86 ? 31  ASP B O   1 
ATOM   952  C  CB  . ASP B 1 31 ? 5.154   -11.467 8.046   1.00 30.52 ? 31  ASP B CB  1 
ATOM   953  C  CG  . ASP B 1 31 ? 3.721   -11.960 8.256   1.00 33.40 ? 31  ASP B CG  1 
ATOM   954  O  OD1 . ASP B 1 31 ? 2.965   -11.292 8.990   1.00 34.60 ? 31  ASP B OD1 1 
ATOM   955  O  OD2 . ASP B 1 31 ? 3.355   -13.009 7.689   1.00 36.92 ? 31  ASP B OD2 1 
ATOM   956  N  N   . ILE B 1 32 ? 4.224   -8.439  9.823   1.00 25.82 ? 32  ILE B N   1 
ATOM   957  C  CA  . ILE B 1 32 ? 3.912   -7.980  11.171  1.00 27.69 ? 32  ILE B CA  1 
ATOM   958  C  C   . ILE B 1 32 ? 2.495   -8.304  11.672  1.00 28.47 ? 32  ILE B C   1 
ATOM   959  O  O   . ILE B 1 32 ? 2.029   -7.723  12.652  1.00 30.93 ? 32  ILE B O   1 
ATOM   960  C  CB  . ILE B 1 32 ? 4.158   -6.445  11.301  1.00 28.99 ? 32  ILE B CB  1 
ATOM   961  C  CG1 . ILE B 1 32 ? 3.287   -5.696  10.295  1.00 30.10 ? 32  ILE B CG1 1 
ATOM   962  C  CG2 . ILE B 1 32 ? 5.651   -6.120  11.071  1.00 29.66 ? 32  ILE B CG2 1 
ATOM   963  C  CD1 . ILE B 1 32 ? 3.246   -4.200  10.537  1.00 32.60 ? 32  ILE B CD1 1 
ATOM   964  N  N   . THR B 1 33 ? 1.837   -9.251  11.015  1.00 31.07 ? 33  THR B N   1 
ATOM   965  C  CA  . THR B 1 33 ? 0.474   -9.650  11.363  1.00 33.16 ? 33  THR B CA  1 
ATOM   966  C  C   . THR B 1 33 ? 0.255   -9.851  12.857  1.00 35.71 ? 33  THR B C   1 
ATOM   967  O  O   . THR B 1 33 ? -0.692  -9.305  13.421  1.00 36.72 ? 33  THR B O   1 
ATOM   968  C  CB  . THR B 1 33 ? 0.068   -10.951 10.638  1.00 31.55 ? 33  THR B CB  1 
ATOM   969  O  OG1 . THR B 1 33 ? 0.318   -10.820 9.233   1.00 30.14 ? 33  THR B OG1 1 
ATOM   970  C  CG2 . THR B 1 33 ? -1.440  -11.237 10.845  1.00 32.52 ? 33  THR B CG2 1 
ATOM   971  N  N   . ARG B 1 34 ? 1.135   -10.613 13.503  1.00 38.92 ? 34  ARG B N   1 
ATOM   972  C  CA  . ARG B 1 34 ? 0.994   -10.892 14.937  1.00 41.83 ? 34  ARG B CA  1 
ATOM   973  C  C   . ARG B 1 34 ? 1.358   -9.726  15.850  1.00 41.80 ? 34  ARG B C   1 
ATOM   974  O  O   . ARG B 1 34 ? 0.893   -9.657  16.991  1.00 43.52 ? 34  ARG B O   1 
ATOM   975  C  CB  . ARG B 1 34 ? 1.853   -12.095 15.327  1.00 44.88 ? 34  ARG B CB  1 
ATOM   976  C  CG  . ARG B 1 34 ? 1.610   -13.334 14.472  1.00 51.09 ? 34  ARG B CG  1 
ATOM   977  C  CD  . ARG B 1 34 ? 2.503   -14.487 14.911  1.00 53.72 ? 34  ARG B CD  1 
ATOM   978  N  NE  . ARG B 1 34 ? 3.915   -14.111 14.896  1.00 58.55 ? 34  ARG B NE  1 
ATOM   979  C  CZ  . ARG B 1 34 ? 4.653   -14.000 13.794  1.00 59.24 ? 34  ARG B CZ  1 
ATOM   980  N  NH1 . ARG B 1 34 ? 4.116   -14.246 12.604  1.00 62.45 ? 34  ARG B NH1 1 
ATOM   981  N  NH2 . ARG B 1 34 ? 5.926   -13.639 13.878  1.00 59.21 ? 34  ARG B NH2 1 
ATOM   982  N  N   . PHE B 1 35 ? 2.197   -8.823  15.359  1.00 39.28 ? 35  PHE B N   1 
ATOM   983  C  CA  . PHE B 1 35 ? 2.646   -7.678  16.142  1.00 38.44 ? 35  PHE B CA  1 
ATOM   984  C  C   . PHE B 1 35 ? 1.634   -6.535  16.224  1.00 37.97 ? 35  PHE B C   1 
ATOM   985  O  O   . PHE B 1 35 ? 1.743   -5.672  17.092  1.00 37.38 ? 35  PHE B O   1 
ATOM   986  C  CB  . PHE B 1 35 ? 3.973   -7.150  15.553  1.00 37.47 ? 35  PHE B CB  1 
ATOM   987  C  CG  . PHE B 1 35 ? 4.522   -5.928  16.254  1.00 38.87 ? 35  PHE B CG  1 
ATOM   988  C  CD1 . PHE B 1 35 ? 5.047   -6.019  17.544  1.00 39.13 ? 35  PHE B CD1 1 
ATOM   989  C  CD2 . PHE B 1 35 ? 4.523   -4.691  15.619  1.00 37.79 ? 35  PHE B CD2 1 
ATOM   990  C  CE1 . PHE B 1 35 ? 5.562   -4.901  18.186  1.00 39.72 ? 35  PHE B CE1 1 
ATOM   991  C  CE2 . PHE B 1 35 ? 5.033   -3.566  16.249  1.00 38.44 ? 35  PHE B CE2 1 
ATOM   992  C  CZ  . PHE B 1 35 ? 5.557   -3.667  17.539  1.00 40.58 ? 35  PHE B CZ  1 
ATOM   993  N  N   . LEU B 1 36 ? 0.657   -6.522  15.319  1.00 38.76 ? 36  LEU B N   1 
ATOM   994  C  CA  . LEU B 1 36 ? -0.331  -5.446  15.291  1.00 40.78 ? 36  LEU B CA  1 
ATOM   995  C  C   . LEU B 1 36 ? -0.909  -5.062  16.641  1.00 42.38 ? 36  LEU B C   1 
ATOM   996  O  O   . LEU B 1 36 ? -0.961  -3.884  16.982  1.00 42.88 ? 36  LEU B O   1 
ATOM   997  C  CB  . LEU B 1 36 ? -1.487  -5.783  14.342  1.00 38.85 ? 36  LEU B CB  1 
ATOM   998  C  CG  . LEU B 1 36 ? -1.174  -5.724  12.843  1.00 39.38 ? 36  LEU B CG  1 
ATOM   999  C  CD1 . LEU B 1 36 ? -2.427  -6.075  12.053  1.00 38.08 ? 36  LEU B CD1 1 
ATOM   1000 C  CD2 . LEU B 1 36 ? -0.680  -4.326  12.468  1.00 40.56 ? 36  LEU B CD2 1 
ATOM   1001 N  N   . SER B 1 37 ? -1.336  -6.058  17.407  1.00 45.10 ? 37  SER B N   1 
ATOM   1002 C  CA  . SER B 1 37 ? -1.936  -5.805  18.715  1.00 47.80 ? 37  SER B CA  1 
ATOM   1003 C  C   . SER B 1 37 ? -0.931  -5.484  19.814  1.00 47.73 ? 37  SER B C   1 
ATOM   1004 O  O   . SER B 1 37 ? -1.324  -5.119  20.923  1.00 48.72 ? 37  SER B O   1 
ATOM   1005 C  CB  . SER B 1 37 ? -2.781  -7.009  19.135  1.00 47.93 ? 37  SER B CB  1 
ATOM   1006 O  OG  . SER B 1 37 ? -1.967  -8.161  19.283  1.00 50.62 ? 37  SER B OG  1 
ATOM   1007 N  N   . GLU B 1 38 ? 0.359   -5.611  19.514  1.00 47.68 ? 38  GLU B N   1 
ATOM   1008 C  CA  . GLU B 1 38 ? 1.409   -5.351  20.502  1.00 47.22 ? 38  GLU B CA  1 
ATOM   1009 C  C   . GLU B 1 38 ? 2.116   -4.017  20.309  1.00 44.94 ? 38  GLU B C   1 
ATOM   1010 O  O   . GLU B 1 38 ? 2.815   -3.547  21.201  1.00 44.75 ? 38  GLU B O   1 
ATOM   1011 C  CB  . GLU B 1 38 ? 2.464   -6.462  20.467  1.00 50.23 ? 38  GLU B CB  1 
ATOM   1012 C  CG  . GLU B 1 38 ? 1.928   -7.872  20.640  1.00 55.15 ? 38  GLU B CG  1 
ATOM   1013 C  CD  . GLU B 1 38 ? 0.998   -7.996  21.832  1.00 58.62 ? 38  GLU B CD  1 
ATOM   1014 O  OE1 . GLU B 1 38 ? 1.280   -7.370  22.879  1.00 59.33 ? 38  GLU B OE1 1 
ATOM   1015 O  OE2 . GLU B 1 38 ? -0.015  -8.728  21.726  1.00 61.58 ? 38  GLU B OE2 1 
ATOM   1016 N  N   . HIS B 1 39 ? 1.942   -3.413  19.142  1.00 42.17 ? 39  HIS B N   1 
ATOM   1017 C  CA  . HIS B 1 39 ? 2.586   -2.144  18.834  1.00 40.99 ? 39  HIS B CA  1 
ATOM   1018 C  C   . HIS B 1 39 ? 2.216   -1.007  19.780  1.00 42.10 ? 39  HIS B C   1 
ATOM   1019 O  O   . HIS B 1 39 ? 1.062   -0.578  19.835  1.00 41.51 ? 39  HIS B O   1 
ATOM   1020 C  CB  . HIS B 1 39 ? 2.271   -1.730  17.390  1.00 37.02 ? 39  HIS B CB  1 
ATOM   1021 C  CG  . HIS B 1 39 ? 2.978   -0.485  16.957  1.00 33.57 ? 39  HIS B CG  1 
ATOM   1022 N  ND1 . HIS B 1 39 ? 2.319   0.588   16.401  1.00 32.48 ? 39  HIS B ND1 1 
ATOM   1023 C  CD2 . HIS B 1 39 ? 4.287   -0.143  17.001  1.00 32.62 ? 39  HIS B CD2 1 
ATOM   1024 C  CE1 . HIS B 1 39 ? 3.191   1.540   16.117  1.00 31.87 ? 39  HIS B CE1 1 
ATOM   1025 N  NE2 . HIS B 1 39 ? 4.392   1.122   16.473  1.00 33.47 ? 39  HIS B NE2 1 
ATOM   1026 N  N   . PRO B 1 40 ? 3.210   -0.473  20.515  1.00 43.13 ? 40  PRO B N   1 
ATOM   1027 C  CA  . PRO B 1 40 ? 2.946   0.619   21.455  1.00 43.65 ? 40  PRO B CA  1 
ATOM   1028 C  C   . PRO B 1 40 ? 2.308   1.832   20.801  1.00 44.57 ? 40  PRO B C   1 
ATOM   1029 O  O   . PRO B 1 40 ? 1.601   2.593   21.455  1.00 45.08 ? 40  PRO B O   1 
ATOM   1030 C  CB  . PRO B 1 40 ? 4.332   0.933   22.024  1.00 43.07 ? 40  PRO B CB  1 
ATOM   1031 C  CG  . PRO B 1 40 ? 5.013   -0.382  21.993  1.00 43.02 ? 40  PRO B CG  1 
ATOM   1032 C  CD  . PRO B 1 40 ? 4.606   -0.933  20.634  1.00 42.32 ? 40  PRO B CD  1 
ATOM   1033 N  N   . GLY B 1 41 ? 2.572   2.020   19.512  1.00 43.42 ? 41  GLY B N   1 
ATOM   1034 C  CA  . GLY B 1 41 ? 2.007   3.155   18.809  1.00 41.94 ? 41  GLY B CA  1 
ATOM   1035 C  C   . GLY B 1 41 ? 0.601   2.894   18.281  1.00 41.02 ? 41  GLY B C   1 
ATOM   1036 O  O   . GLY B 1 41 ? 0.025   3.748   17.607  1.00 41.75 ? 41  GLY B O   1 
ATOM   1037 N  N   . GLY B 1 42 ? 0.049   1.720   18.569  1.00 39.22 ? 42  GLY B N   1 
ATOM   1038 C  CA  . GLY B 1 42 ? -1.294  1.410   18.099  1.00 40.05 ? 42  GLY B CA  1 
ATOM   1039 C  C   . GLY B 1 42 ? -1.354  0.610   16.802  1.00 40.42 ? 42  GLY B C   1 
ATOM   1040 O  O   . GLY B 1 42 ? -0.379  0.547   16.043  1.00 38.02 ? 42  GLY B O   1 
ATOM   1041 N  N   . GLU B 1 43 ? -2.512  0.016   16.535  1.00 39.65 ? 43  GLU B N   1 
ATOM   1042 C  CA  . GLU B 1 43 ? -2.702  -0.811  15.345  1.00 41.15 ? 43  GLU B CA  1 
ATOM   1043 C  C   . GLU B 1 43 ? -3.035  -0.038  14.063  1.00 40.12 ? 43  GLU B C   1 
ATOM   1044 O  O   . GLU B 1 43 ? -2.554  -0.367  12.983  1.00 39.09 ? 43  GLU B O   1 
ATOM   1045 C  CB  . GLU B 1 43 ? -3.805  -1.839  15.631  1.00 43.56 ? 43  GLU B CB  1 
ATOM   1046 C  CG  . GLU B 1 43 ? -3.981  -2.906  14.577  1.00 48.72 ? 43  GLU B CG  1 
ATOM   1047 C  CD  . GLU B 1 43 ? -5.118  -3.869  14.907  1.00 51.55 ? 43  GLU B CD  1 
ATOM   1048 O  OE1 . GLU B 1 43 ? -5.439  -4.729  14.059  1.00 53.13 ? 43  GLU B OE1 1 
ATOM   1049 O  OE2 . GLU B 1 43 ? -5.686  -3.765  16.017  1.00 54.17 ? 43  GLU B OE2 1 
ATOM   1050 N  N   . GLU B 1 44 ? -3.855  0.994   14.195  1.00 39.59 ? 44  GLU B N   1 
ATOM   1051 C  CA  . GLU B 1 44 ? -4.301  1.789   13.059  1.00 40.08 ? 44  GLU B CA  1 
ATOM   1052 C  C   . GLU B 1 44 ? -3.214  2.458   12.242  1.00 37.72 ? 44  GLU B C   1 
ATOM   1053 O  O   . GLU B 1 44 ? -3.293  2.501   11.014  1.00 36.54 ? 44  GLU B O   1 
ATOM   1054 C  CB  . GLU B 1 44 ? -5.288  2.852   13.533  1.00 43.40 ? 44  GLU B CB  1 
ATOM   1055 C  CG  . GLU B 1 44 ? -5.800  3.759   12.422  1.00 50.68 ? 44  GLU B CG  1 
ATOM   1056 C  CD  . GLU B 1 44 ? -6.910  4.695   12.885  1.00 55.00 ? 44  GLU B CD  1 
ATOM   1057 O  OE1 . GLU B 1 44 ? -7.356  5.545   12.074  1.00 58.72 ? 44  GLU B OE1 1 
ATOM   1058 O  OE2 . GLU B 1 44 ? -7.338  4.578   14.059  1.00 57.54 ? 44  GLU B OE2 1 
ATOM   1059 N  N   . ILE B 1 45 ? -2.206  2.990   12.923  1.00 36.02 ? 45  ILE B N   1 
ATOM   1060 C  CA  . ILE B 1 45 ? -1.120  3.684   12.251  1.00 34.56 ? 45  ILE B CA  1 
ATOM   1061 C  C   . ILE B 1 45 ? -0.282  2.707   11.419  1.00 33.07 ? 45  ILE B C   1 
ATOM   1062 O  O   . ILE B 1 45 ? 0.347   3.091   10.426  1.00 32.69 ? 45  ILE B O   1 
ATOM   1063 C  CB  . ILE B 1 45 ? -0.271  4.455   13.303  1.00 36.21 ? 45  ILE B CB  1 
ATOM   1064 C  CG1 . ILE B 1 45 ? 0.297   5.720   12.674  1.00 38.74 ? 45  ILE B CG1 1 
ATOM   1065 C  CG2 . ILE B 1 45 ? 0.808   3.566   13.890  1.00 35.89 ? 45  ILE B CG2 1 
ATOM   1066 C  CD1 . ILE B 1 45 ? -0.775  6.648   12.154  1.00 41.85 ? 45  ILE B CD1 1 
ATOM   1067 N  N   . LEU B 1 46 ? -0.293  1.440   11.823  1.00 31.24 ? 46  LEU B N   1 
ATOM   1068 C  CA  . LEU B 1 46 ? 0.442   0.397   11.113  1.00 30.69 ? 46  LEU B CA  1 
ATOM   1069 C  C   . LEU B 1 46 ? -0.315  -0.083  9.883   1.00 30.20 ? 46  LEU B C   1 
ATOM   1070 O  O   . LEU B 1 46 ? 0.262   -0.247  8.802   1.00 30.06 ? 46  LEU B O   1 
ATOM   1071 C  CB  . LEU B 1 46 ? 0.703   -0.794  12.038  1.00 31.79 ? 46  LEU B CB  1 
ATOM   1072 C  CG  . LEU B 1 46 ? 1.725   -0.604  13.163  1.00 33.90 ? 46  LEU B CG  1 
ATOM   1073 C  CD1 . LEU B 1 46 ? 1.851   -1.892  13.984  1.00 34.23 ? 46  LEU B CD1 1 
ATOM   1074 C  CD2 . LEU B 1 46 ? 3.066   -0.252  12.555  1.00 35.54 ? 46  LEU B CD2 1 
ATOM   1075 N  N   . LEU B 1 47 ? -1.616  -0.306  10.043  1.00 29.15 ? 47  LEU B N   1 
ATOM   1076 C  CA  . LEU B 1 47 ? -2.454  -0.777  8.941   1.00 29.94 ? 47  LEU B CA  1 
ATOM   1077 C  C   . LEU B 1 47 ? -2.479  0.234   7.804   1.00 30.02 ? 47  LEU B C   1 
ATOM   1078 O  O   . LEU B 1 47 ? -2.517  -0.120  6.628   1.00 28.88 ? 47  LEU B O   1 
ATOM   1079 C  CB  . LEU B 1 47 ? -3.884  -1.022  9.431   1.00 31.44 ? 47  LEU B CB  1 
ATOM   1080 C  CG  . LEU B 1 47 ? -4.064  -2.277  10.284  1.00 33.67 ? 47  LEU B CG  1 
ATOM   1081 C  CD1 . LEU B 1 47 ? -5.479  -2.301  10.852  1.00 34.91 ? 47  LEU B CD1 1 
ATOM   1082 C  CD2 . LEU B 1 47 ? -3.786  -3.528  9.420   1.00 35.12 ? 47  LEU B CD2 1 
ATOM   1083 N  N   . GLU B 1 48 ? -2.442  1.504   8.160   1.00 28.04 ? 48  GLU B N   1 
ATOM   1084 C  CA  . GLU B 1 48 ? -2.471  2.536   7.152   1.00 28.40 ? 48  GLU B CA  1 
ATOM   1085 C  C   . GLU B 1 48 ? -1.362  2.318   6.119   1.00 28.06 ? 48  GLU B C   1 
ATOM   1086 O  O   . GLU B 1 48 ? -1.543  2.566   4.922   1.00 26.89 ? 48  GLU B O   1 
ATOM   1087 C  CB  . GLU B 1 48 ? -2.288  3.889   7.826   1.00 31.56 ? 48  GLU B CB  1 
ATOM   1088 C  CG  . GLU B 1 48 ? -2.385  5.054   6.891   1.00 39.19 ? 48  GLU B CG  1 
ATOM   1089 C  CD  . GLU B 1 48 ? -2.556  6.353   7.655   1.00 44.98 ? 48  GLU B CD  1 
ATOM   1090 O  OE1 . GLU B 1 48 ? -1.641  6.704   8.433   1.00 46.09 ? 48  GLU B OE1 1 
ATOM   1091 O  OE2 . GLU B 1 48 ? -3.613  7.005   7.483   1.00 49.41 ? 48  GLU B OE2 1 
ATOM   1092 N  N   . GLN B 1 49 ? -0.210  1.866   6.587   1.00 26.53 ? 49  GLN B N   1 
ATOM   1093 C  CA  . GLN B 1 49 ? 0.914   1.654   5.695   1.00 27.23 ? 49  GLN B CA  1 
ATOM   1094 C  C   . GLN B 1 49 ? 1.275   0.204   5.401   1.00 25.63 ? 49  GLN B C   1 
ATOM   1095 O  O   . GLN B 1 49 ? 2.378   -0.084  4.925   1.00 26.67 ? 49  GLN B O   1 
ATOM   1096 C  CB  . GLN B 1 49 ? 2.113   2.419   6.216   1.00 29.06 ? 49  GLN B CB  1 
ATOM   1097 C  CG  . GLN B 1 49 ? 1.863   3.930   6.113   1.00 33.06 ? 49  GLN B CG  1 
ATOM   1098 C  CD  . GLN B 1 49 ? 3.112   4.725   6.313   1.00 33.22 ? 49  GLN B CD  1 
ATOM   1099 O  OE1 . GLN B 1 49 ? 4.041   4.651   5.510   1.00 34.91 ? 49  GLN B OE1 1 
ATOM   1100 N  NE2 . GLN B 1 49 ? 3.153   5.486   7.385   1.00 35.89 ? 49  GLN B NE2 1 
ATOM   1101 N  N   . ALA B 1 50 ? 0.323   -0.686  5.667   1.00 26.49 ? 50  ALA B N   1 
ATOM   1102 C  CA  . ALA B 1 50 ? 0.490   -2.113  5.391   1.00 26.33 ? 50  ALA B CA  1 
ATOM   1103 C  C   . ALA B 1 50 ? 0.569   -2.249  3.874   1.00 27.16 ? 50  ALA B C   1 
ATOM   1104 O  O   . ALA B 1 50 ? -0.116  -1.517  3.140   1.00 27.20 ? 50  ALA B O   1 
ATOM   1105 C  CB  . ALA B 1 50 ? -0.710  -2.890  5.933   1.00 27.18 ? 50  ALA B CB  1 
ATOM   1106 N  N   . GLY B 1 51 ? 1.403   -3.177  3.399   1.00 25.38 ? 51  GLY B N   1 
ATOM   1107 C  CA  . GLY B 1 51 ? 1.556   -3.371  1.968   1.00 24.92 ? 51  GLY B CA  1 
ATOM   1108 C  C   . GLY B 1 51 ? 2.452   -2.329  1.312   1.00 25.01 ? 51  GLY B C   1 
ATOM   1109 O  O   . GLY B 1 51 ? 2.576   -2.303  0.089   1.00 26.62 ? 51  GLY B O   1 
ATOM   1110 N  N   . ALA B 1 52 ? 3.090   -1.484  2.120   1.00 24.07 ? 52  ALA B N   1 
ATOM   1111 C  CA  . ALA B 1 52 ? 3.949   -0.426  1.592   1.00 25.25 ? 52  ALA B CA  1 
ATOM   1112 C  C   . ALA B 1 52 ? 5.303   -0.284  2.294   1.00 25.15 ? 52  ALA B C   1 
ATOM   1113 O  O   . ALA B 1 52 ? 5.603   -0.969  3.277   1.00 25.35 ? 52  ALA B O   1 
ATOM   1114 C  CB  . ALA B 1 52 ? 3.192   0.933   1.655   1.00 25.55 ? 52  ALA B CB  1 
ATOM   1115 N  N   . ASP B 1 53 ? 6.118   0.625   1.765   1.00 24.07 ? 53  ASP B N   1 
ATOM   1116 C  CA  . ASP B 1 53 ? 7.417   0.939   2.341   1.00 24.29 ? 53  ASP B CA  1 
ATOM   1117 C  C   . ASP B 1 53 ? 7.118   2.000   3.391   1.00 25.15 ? 53  ASP B C   1 
ATOM   1118 O  O   . ASP B 1 53 ? 6.705   3.110   3.046   1.00 24.90 ? 53  ASP B O   1 
ATOM   1119 C  CB  . ASP B 1 53 ? 8.340   1.528   1.264   1.00 24.73 ? 53  ASP B CB  1 
ATOM   1120 C  CG  . ASP B 1 53 ? 9.753   1.754   1.772   1.00 23.07 ? 53  ASP B CG  1 
ATOM   1121 O  OD1 . ASP B 1 53 ? 9.903   2.051   2.963   1.00 25.69 ? 53  ASP B OD1 1 
ATOM   1122 O  OD2 . ASP B 1 53 ? 10.712  1.659   0.988   1.00 24.15 ? 53  ASP B OD2 1 
ATOM   1123 N  N   . ALA B 1 54 ? 7.303   1.663   4.664   1.00 23.65 ? 54  ALA B N   1 
ATOM   1124 C  CA  . ALA B 1 54 ? 7.030   2.597   5.765   1.00 25.73 ? 54  ALA B CA  1 
ATOM   1125 C  C   . ALA B 1 54 ? 8.322   3.140   6.397   1.00 24.29 ? 54  ALA B C   1 
ATOM   1126 O  O   . ALA B 1 54 ? 8.318   3.626   7.533   1.00 26.59 ? 54  ALA B O   1 
ATOM   1127 C  CB  . ALA B 1 54 ? 6.180   1.893   6.830   1.00 26.78 ? 54  ALA B CB  1 
ATOM   1128 N  N   . THR B 1 55 ? 9.420   3.063   5.658   1.00 23.95 ? 55  THR B N   1 
ATOM   1129 C  CA  . THR B 1 55 ? 10.709  3.507   6.172   1.00 25.73 ? 55  THR B CA  1 
ATOM   1130 C  C   . THR B 1 55 ? 10.724  4.958   6.660   1.00 28.12 ? 55  THR B C   1 
ATOM   1131 O  O   . THR B 1 55 ? 11.250  5.241   7.727   1.00 27.97 ? 55  THR B O   1 
ATOM   1132 C  CB  . THR B 1 55 ? 11.815  3.357   5.104   1.00 25.70 ? 55  THR B CB  1 
ATOM   1133 O  OG1 . THR B 1 55 ? 11.906  1.980   4.710   1.00 24.98 ? 55  THR B OG1 1 
ATOM   1134 C  CG2 . THR B 1 55 ? 13.183  3.789   5.673   1.00 24.25 ? 55  THR B CG2 1 
ATOM   1135 N  N   . GLU B 1 56 ? 10.153  5.867   5.874   1.00 29.27 ? 56  GLU B N   1 
ATOM   1136 C  CA  . GLU B 1 56 ? 10.159  7.294   6.234   1.00 33.51 ? 56  GLU B CA  1 
ATOM   1137 C  C   . GLU B 1 56 ? 9.451   7.558   7.561   1.00 32.90 ? 56  GLU B C   1 
ATOM   1138 O  O   . GLU B 1 56 ? 10.002  8.219   8.458   1.00 31.97 ? 56  GLU B O   1 
ATOM   1139 C  CB  . GLU B 1 56 ? 9.514   8.101   5.107   1.00 38.59 ? 56  GLU B CB  1 
ATOM   1140 C  CG  . GLU B 1 56 ? 9.695   9.594   5.248   1.00 46.97 ? 56  GLU B CG  1 
ATOM   1141 C  CD  . GLU B 1 56 ? 9.142   10.343  4.058   1.00 51.18 ? 56  GLU B CD  1 
ATOM   1142 O  OE1 . GLU B 1 56 ? 7.899   10.420  3.916   1.00 54.71 ? 56  GLU B OE1 1 
ATOM   1143 O  OE2 . GLU B 1 56 ? 9.956   10.848  3.256   1.00 55.85 ? 56  GLU B OE2 1 
ATOM   1144 N  N   . SER B 1 57 ? 8.239   7.030   7.698   1.00 31.52 ? 57  SER B N   1 
ATOM   1145 C  CA  . SER B 1 57 ? 7.483   7.177   8.929   1.00 32.43 ? 57  SER B CA  1 
ATOM   1146 C  C   . SER B 1 57 ? 8.189   6.496   10.108  1.00 33.32 ? 57  SER B C   1 
ATOM   1147 O  O   . SER B 1 57 ? 8.210   7.026   11.224  1.00 32.94 ? 57  SER B O   1 
ATOM   1148 C  CB  . SER B 1 57 ? 6.078   6.577   8.769   1.00 32.72 ? 57  SER B CB  1 
ATOM   1149 O  OG  . SER B 1 57 ? 5.250   7.433   7.990   1.00 35.80 ? 57  SER B OG  1 
ATOM   1150 N  N   . PHE B 1 58 ? 8.747   5.309   9.869   1.00 30.54 ? 58  PHE B N   1 
ATOM   1151 C  CA  . PHE B 1 58 ? 9.442   4.576   10.925  1.00 32.32 ? 58  PHE B CA  1 
ATOM   1152 C  C   . PHE B 1 58 ? 10.588  5.435   11.492  1.00 32.80 ? 58  PHE B C   1 
ATOM   1153 O  O   . PHE B 1 58 ? 10.766  5.540   12.708  1.00 33.08 ? 58  PHE B O   1 
ATOM   1154 C  CB  . PHE B 1 58 ? 10.000  3.265   10.352  1.00 30.39 ? 58  PHE B CB  1 
ATOM   1155 C  CG  . PHE B 1 58 ? 10.689  2.394   11.362  1.00 29.14 ? 58  PHE B CG  1 
ATOM   1156 C  CD1 . PHE B 1 58 ? 9.956   1.601   12.218  1.00 28.66 ? 58  PHE B CD1 1 
ATOM   1157 C  CD2 . PHE B 1 58 ? 12.083  2.368   11.446  1.00 29.43 ? 58  PHE B CD2 1 
ATOM   1158 C  CE1 . PHE B 1 58 ? 10.593  0.782   13.157  1.00 30.68 ? 58  PHE B CE1 1 
ATOM   1159 C  CE2 . PHE B 1 58 ? 12.727  1.559   12.373  1.00 29.54 ? 58  PHE B CE2 1 
ATOM   1160 C  CZ  . PHE B 1 58 ? 11.980  0.763   13.231  1.00 30.06 ? 58  PHE B CZ  1 
ATOM   1161 N  N   . GLU B 1 59 ? 11.346  6.059   10.602  1.00 32.94 ? 59  GLU B N   1 
ATOM   1162 C  CA  . GLU B 1 59 ? 12.460  6.886   11.023  1.00 36.35 ? 59  GLU B CA  1 
ATOM   1163 C  C   . GLU B 1 59 ? 12.023  8.265   11.555  1.00 38.81 ? 59  GLU B C   1 
ATOM   1164 O  O   . GLU B 1 59 ? 12.623  8.781   12.488  1.00 38.79 ? 59  GLU B O   1 
ATOM   1165 C  CB  . GLU B 1 59 ? 13.452  7.060   9.866   1.00 35.02 ? 59  GLU B CB  1 
ATOM   1166 C  CG  . GLU B 1 59 ? 14.205  5.784   9.465   1.00 31.59 ? 59  GLU B CG  1 
ATOM   1167 C  CD  . GLU B 1 59 ? 14.988  5.162   10.600  1.00 32.43 ? 59  GLU B CD  1 
ATOM   1168 O  OE1 . GLU B 1 59 ? 15.294  5.861   11.598  1.00 30.95 ? 59  GLU B OE1 1 
ATOM   1169 O  OE2 . GLU B 1 59 ? 15.324  3.968   10.492  1.00 28.52 ? 59  GLU B OE2 1 
ATOM   1170 N  N   . ASP B 1 60 ? 10.987  8.849   10.963  1.00 41.70 ? 60  ASP B N   1 
ATOM   1171 C  CA  . ASP B 1 60 ? 10.493  10.168  11.376  1.00 44.86 ? 60  ASP B CA  1 
ATOM   1172 C  C   . ASP B 1 60 ? 9.975   10.227  12.806  1.00 45.83 ? 60  ASP B C   1 
ATOM   1173 O  O   . ASP B 1 60 ? 10.295  11.155  13.550  1.00 44.51 ? 60  ASP B O   1 
ATOM   1174 C  CB  . ASP B 1 60 ? 9.394   10.644  10.422  1.00 47.89 ? 60  ASP B CB  1 
ATOM   1175 C  CG  . ASP B 1 60 ? 9.950   11.208  9.137   1.00 52.16 ? 60  ASP B CG  1 
ATOM   1176 O  OD1 . ASP B 1 60 ? 11.012  10.728  8.679   1.00 55.80 ? 60  ASP B OD1 1 
ATOM   1177 O  OD2 . ASP B 1 60 ? 9.327   12.131  8.570   1.00 56.07 ? 60  ASP B OD2 1 
ATOM   1178 N  N   . ILE B 1 61 ? 9.180   9.246   13.205  1.00 45.98 ? 61  ILE B N   1 
ATOM   1179 C  CA  . ILE B 1 61 ? 8.655   9.277   14.553  1.00 47.83 ? 61  ILE B CA  1 
ATOM   1180 C  C   . ILE B 1 61 ? 9.777   8.836   15.480  1.00 48.04 ? 61  ILE B C   1 
ATOM   1181 O  O   . ILE B 1 61 ? 9.698   8.979   16.701  1.00 48.63 ? 61  ILE B O   1 
ATOM   1182 C  CB  . ILE B 1 61 ? 7.387   8.368   14.705  1.00 48.79 ? 61  ILE B CB  1 
ATOM   1183 C  CG1 . ILE B 1 61 ? 7.782   6.921   14.949  1.00 48.41 ? 61  ILE B CG1 1 
ATOM   1184 C  CG2 . ILE B 1 61 ? 6.507   8.476   13.468  1.00 49.05 ? 61  ILE B CG2 1 
ATOM   1185 C  CD1 . ILE B 1 61 ? 7.939   6.615   16.403  1.00 48.05 ? 61  ILE B CD1 1 
ATOM   1186 N  N   . GLY B 1 62 ? 10.846  8.332   14.878  1.00 47.59 ? 62  GLY B N   1 
ATOM   1187 C  CA  . GLY B 1 62 ? 11.972  7.877   15.660  1.00 45.48 ? 62  GLY B CA  1 
ATOM   1188 C  C   . GLY B 1 62 ? 11.595  6.597   16.369  1.00 44.49 ? 62  GLY B C   1 
ATOM   1189 O  O   . GLY B 1 62 ? 10.544  6.509   17.007  1.00 47.04 ? 62  GLY B O   1 
ATOM   1190 N  N   . HIS B 1 63 ? 12.432  5.584   16.223  1.00 39.95 ? 63  HIS B N   1 
ATOM   1191 C  CA  . HIS B 1 63 ? 12.207  4.310   16.881  1.00 37.55 ? 63  HIS B CA  1 
ATOM   1192 C  C   . HIS B 1 63 ? 13.520  3.930   17.507  1.00 36.65 ? 63  HIS B C   1 
ATOM   1193 O  O   . HIS B 1 63 ? 14.562  4.039   16.874  1.00 36.23 ? 63  HIS B O   1 
ATOM   1194 C  CB  . HIS B 1 63 ? 11.794  3.228   15.887  1.00 35.05 ? 63  HIS B CB  1 
ATOM   1195 C  CG  . HIS B 1 63 ? 10.324  3.181   15.646  1.00 32.38 ? 63  HIS B CG  1 
ATOM   1196 N  ND1 . HIS B 1 63 ? 9.692   4.002   14.739  1.00 32.15 ? 63  HIS B ND1 1 
ATOM   1197 C  CD2 . HIS B 1 63 ? 9.354   2.448   16.233  1.00 31.44 ? 63  HIS B CD2 1 
ATOM   1198 C  CE1 . HIS B 1 63 ? 8.393   3.777   14.778  1.00 30.31 ? 63  HIS B CE1 1 
ATOM   1199 N  NE2 . HIS B 1 63 ? 8.162   2.840   15.677  1.00 31.28 ? 63  HIS B NE2 1 
ATOM   1200 N  N   . SER B 1 64 ? 13.452  3.468   18.745  1.00 36.07 ? 64  SER B N   1 
ATOM   1201 C  CA  . SER B 1 64 ? 14.626  3.092   19.516  1.00 37.59 ? 64  SER B CA  1 
ATOM   1202 C  C   . SER B 1 64 ? 15.360  1.838   19.063  1.00 37.58 ? 64  SER B C   1 
ATOM   1203 O  O   . SER B 1 64 ? 14.838  1.039   18.270  1.00 36.95 ? 64  SER B O   1 
ATOM   1204 C  CB  . SER B 1 64 ? 14.212  2.865   20.968  1.00 37.65 ? 64  SER B CB  1 
ATOM   1205 O  OG  . SER B 1 64 ? 13.564  1.617   21.077  1.00 36.07 ? 64  SER B OG  1 
ATOM   1206 N  N   . PRO B 1 65 ? 16.600  1.656   19.561  1.00 35.96 ? 65  PRO B N   1 
ATOM   1207 C  CA  . PRO B 1 65 ? 17.392  0.480   19.221  1.00 35.24 ? 65  PRO B CA  1 
ATOM   1208 C  C   . PRO B 1 65 ? 16.614  -0.787  19.621  1.00 35.29 ? 65  PRO B C   1 
ATOM   1209 O  O   . PRO B 1 65 ? 16.744  -1.822  18.981  1.00 34.75 ? 65  PRO B O   1 
ATOM   1210 C  CB  . PRO B 1 65 ? 18.663  0.680   20.050  1.00 34.91 ? 65  PRO B CB  1 
ATOM   1211 C  CG  . PRO B 1 65 ? 18.846  2.176   19.999  1.00 35.65 ? 65  PRO B CG  1 
ATOM   1212 C  CD  . PRO B 1 65 ? 17.436  2.676   20.231  1.00 35.80 ? 65  PRO B CD  1 
ATOM   1213 N  N   . ASP B 1 66 ? 15.798  -0.694  20.675  1.00 36.16 ? 66  ASP B N   1 
ATOM   1214 C  CA  . ASP B 1 66 ? 15.005  -1.843  21.134  1.00 37.62 ? 66  ASP B CA  1 
ATOM   1215 C  C   . ASP B 1 66 ? 13.922  -2.185  20.108  1.00 35.56 ? 66  ASP B C   1 
ATOM   1216 O  O   . ASP B 1 66 ? 13.656  -3.361  19.826  1.00 34.33 ? 66  ASP B O   1 
ATOM   1217 C  CB  . ASP B 1 66 ? 14.352  -1.546  22.499  1.00 41.66 ? 66  ASP B CB  1 
ATOM   1218 C  CG  . ASP B 1 66 ? 15.378  -1.182  23.572  1.00 46.68 ? 66  ASP B CG  1 
ATOM   1219 O  OD1 . ASP B 1 66 ? 16.289  -2.002  23.826  1.00 47.97 ? 66  ASP B OD1 1 
ATOM   1220 O  OD2 . ASP B 1 66 ? 15.274  -0.075  24.152  1.00 50.16 ? 66  ASP B OD2 1 
ATOM   1221 N  N   . ALA B 1 67 ? 13.304  -1.149  19.553  1.00 34.10 ? 67  ALA B N   1 
ATOM   1222 C  CA  . ALA B 1 67 ? 12.271  -1.326  18.535  1.00 33.52 ? 67  ALA B CA  1 
ATOM   1223 C  C   . ALA B 1 67 ? 12.900  -2.012  17.311  1.00 33.48 ? 67  ALA B C   1 
ATOM   1224 O  O   . ALA B 1 67 ? 12.307  -2.924  16.719  1.00 31.52 ? 67  ALA B O   1 
ATOM   1225 C  CB  . ALA B 1 67 ? 11.696  0.038   18.143  1.00 32.34 ? 67  ALA B CB  1 
ATOM   1226 N  N   . ARG B 1 68 ? 14.101  -1.560  16.936  1.00 32.93 ? 68  ARG B N   1 
ATOM   1227 C  CA  . ARG B 1 68 ? 14.831  -2.134  15.798  1.00 32.83 ? 68  ARG B CA  1 
ATOM   1228 C  C   . ARG B 1 68 ? 15.213  -3.601  16.022  1.00 34.91 ? 68  ARG B C   1 
ATOM   1229 O  O   . ARG B 1 68 ? 15.237  -4.387  15.078  1.00 34.92 ? 68  ARG B O   1 
ATOM   1230 C  CB  . ARG B 1 68 ? 16.073  -1.277  15.496  1.00 30.92 ? 68  ARG B CB  1 
ATOM   1231 C  CG  . ARG B 1 68 ? 15.674  0.144   15.114  1.00 28.45 ? 68  ARG B CG  1 
ATOM   1232 C  CD  . ARG B 1 68 ? 16.823  1.161   15.214  1.00 26.46 ? 68  ARG B CD  1 
ATOM   1233 N  NE  . ARG B 1 68 ? 16.260  2.501   15.068  1.00 27.00 ? 68  ARG B NE  1 
ATOM   1234 C  CZ  . ARG B 1 68 ? 16.058  3.140   13.921  1.00 29.17 ? 68  ARG B CZ  1 
ATOM   1235 N  NH1 . ARG B 1 68 ? 16.392  2.592   12.754  1.00 31.28 ? 68  ARG B NH1 1 
ATOM   1236 N  NH2 . ARG B 1 68 ? 15.456  4.322   13.933  1.00 30.08 ? 68  ARG B NH2 1 
ATOM   1237 N  N   . GLU B 1 69 ? 15.521  -3.979  17.263  1.00 36.25 ? 69  GLU B N   1 
ATOM   1238 C  CA  . GLU B 1 69 ? 15.859  -5.371  17.567  1.00 38.44 ? 69  GLU B CA  1 
ATOM   1239 C  C   . GLU B 1 69 ? 14.612  -6.245  17.458  1.00 38.35 ? 69  GLU B C   1 
ATOM   1240 O  O   . GLU B 1 69 ? 14.679  -7.384  16.994  1.00 36.72 ? 69  GLU B O   1 
ATOM   1241 C  CB  . GLU B 1 69 ? 16.446  -5.487  18.977  1.00 42.79 ? 69  GLU B CB  1 
ATOM   1242 C  CG  . GLU B 1 69 ? 17.879  -5.036  19.045  1.00 48.22 ? 69  GLU B CG  1 
ATOM   1243 C  CD  . GLU B 1 69 ? 18.769  -5.910  18.191  1.00 51.58 ? 69  GLU B CD  1 
ATOM   1244 O  OE1 . GLU B 1 69 ? 19.797  -5.403  17.691  1.00 55.53 ? 69  GLU B OE1 1 
ATOM   1245 O  OE2 . GLU B 1 69 ? 18.446  -7.109  18.029  1.00 53.39 ? 69  GLU B OE2 1 
ATOM   1246 N  N   . MET B 1 70 ? 13.480  -5.693  17.895  1.00 39.72 ? 70  MET B N   1 
ATOM   1247 C  CA  . MET B 1 70 ? 12.177  -6.369  17.842  1.00 41.89 ? 70  MET B CA  1 
ATOM   1248 C  C   . MET B 1 70 ? 11.819  -6.688  16.398  1.00 40.42 ? 70  MET B C   1 
ATOM   1249 O  O   . MET B 1 70 ? 11.224  -7.718  16.087  1.00 38.77 ? 70  MET B O   1 
ATOM   1250 C  CB  . MET B 1 70 ? 11.088  -5.453  18.392  1.00 43.92 ? 70  MET B CB  1 
ATOM   1251 C  CG  . MET B 1 70 ? 10.693  -5.681  19.826  1.00 50.19 ? 70  MET B CG  1 
ATOM   1252 S  SD  . MET B 1 70 ? 9.390   -4.511  20.266  1.00 55.11 ? 70  MET B SD  1 
ATOM   1253 C  CE  . MET B 1 70 ? 10.275  -3.529  21.529  1.00 53.94 ? 70  MET B CE  1 
ATOM   1254 N  N   . LEU B 1 71 ? 12.174  -5.759  15.521  1.00 40.22 ? 71  LEU B N   1 
ATOM   1255 C  CA  . LEU B 1 71 ? 11.911  -5.886  14.100  1.00 39.74 ? 71  LEU B CA  1 
ATOM   1256 C  C   . LEU B 1 71 ? 12.387  -7.194  13.508  1.00 39.49 ? 71  LEU B C   1 
ATOM   1257 O  O   . LEU B 1 71 ? 11.671  -7.837  12.750  1.00 37.65 ? 71  LEU B O   1 
ATOM   1258 C  CB  . LEU B 1 71 ? 12.611  -4.755  13.357  1.00 40.97 ? 71  LEU B CB  1 
ATOM   1259 C  CG  . LEU B 1 71 ? 11.774  -3.851  12.484  1.00 39.96 ? 71  LEU B CG  1 
ATOM   1260 C  CD1 . LEU B 1 71 ? 12.718  -3.190  11.507  1.00 40.24 ? 71  LEU B CD1 1 
ATOM   1261 C  CD2 . LEU B 1 71 ? 10.703  -4.638  11.765  1.00 38.65 ? 71  LEU B CD2 1 
ATOM   1262 N  N   . LYS B 1 72 ? 13.611  -7.578  13.856  1.00 41.11 ? 72  LYS B N   1 
ATOM   1263 C  CA  . LYS B 1 72 ? 14.233  -8.786  13.337  1.00 41.29 ? 72  LYS B CA  1 
ATOM   1264 C  C   . LYS B 1 72 ? 13.426  -10.078 13.431  1.00 40.96 ? 72  LYS B C   1 
ATOM   1265 O  O   . LYS B 1 72 ? 13.591  -10.964 12.596  1.00 41.45 ? 72  LYS B O   1 
ATOM   1266 C  CB  . LYS B 1 72 ? 15.608  -8.982  14.000  1.00 43.89 ? 72  LYS B CB  1 
ATOM   1267 C  CG  . LYS B 1 72 ? 16.531  -7.781  13.832  1.00 47.16 ? 72  LYS B CG  1 
ATOM   1268 C  CD  . LYS B 1 72 ? 17.879  -7.945  14.542  1.00 49.77 ? 72  LYS B CD  1 
ATOM   1269 C  CE  . LYS B 1 72 ? 18.765  -6.713  14.293  1.00 51.02 ? 72  LYS B CE  1 
ATOM   1270 N  NZ  . LYS B 1 72 ? 20.116  -6.805  14.940  1.00 51.78 ? 72  LYS B NZ  1 
ATOM   1271 N  N   . GLN B 1 73 ? 12.550  -10.208 14.421  1.00 40.18 ? 73  GLN B N   1 
ATOM   1272 C  CA  . GLN B 1 73 ? 11.785  -11.449 14.525  1.00 40.18 ? 73  GLN B CA  1 
ATOM   1273 C  C   . GLN B 1 73 ? 10.671  -11.582 13.494  1.00 38.21 ? 73  GLN B C   1 
ATOM   1274 O  O   . GLN B 1 73 ? 10.136  -12.669 13.276  1.00 36.63 ? 73  GLN B O   1 
ATOM   1275 C  CB  . GLN B 1 73 ? 11.212  -11.605 15.934  1.00 44.30 ? 73  GLN B CB  1 
ATOM   1276 C  CG  . GLN B 1 73 ? 10.338  -10.474 16.390  1.00 48.34 ? 73  GLN B CG  1 
ATOM   1277 C  CD  . GLN B 1 73 ? 10.009  -10.578 17.875  1.00 52.37 ? 73  GLN B CD  1 
ATOM   1278 O  OE1 . GLN B 1 73 ? 9.451   -11.583 18.328  1.00 53.58 ? 73  GLN B OE1 1 
ATOM   1279 N  NE2 . GLN B 1 73 ? 10.351  -9.538  18.638  1.00 52.61 ? 73  GLN B NE2 1 
ATOM   1280 N  N   . TYR B 1 74 ? 10.336  -10.480 12.834  1.00 35.08 ? 74  TYR B N   1 
ATOM   1281 C  CA  . TYR B 1 74 ? 9.279   -10.507 11.832  1.00 32.32 ? 74  TYR B CA  1 
ATOM   1282 C  C   . TYR B 1 74 ? 9.805   -10.522 10.406  1.00 30.04 ? 74  TYR B C   1 
ATOM   1283 O  O   . TYR B 1 74 ? 9.037   -10.493 9.447   1.00 29.97 ? 74  TYR B O   1 
ATOM   1284 C  CB  . TYR B 1 74 ? 8.370   -9.306  12.045  1.00 32.59 ? 74  TYR B CB  1 
ATOM   1285 C  CG  . TYR B 1 74 ? 7.763   -9.298  13.423  1.00 33.02 ? 74  TYR B CG  1 
ATOM   1286 C  CD1 . TYR B 1 74 ? 6.772   -10.221 13.771  1.00 34.01 ? 74  TYR B CD1 1 
ATOM   1287 C  CD2 . TYR B 1 74 ? 8.222   -8.421  14.393  1.00 33.25 ? 74  TYR B CD2 1 
ATOM   1288 C  CE1 . TYR B 1 74 ? 6.253   -10.272 15.065  1.00 34.22 ? 74  TYR B CE1 1 
ATOM   1289 C  CE2 . TYR B 1 74 ? 7.710   -8.459  15.685  1.00 35.87 ? 74  TYR B CE2 1 
ATOM   1290 C  CZ  . TYR B 1 74 ? 6.727   -9.387  16.012  1.00 34.05 ? 74  TYR B CZ  1 
ATOM   1291 O  OH  . TYR B 1 74 ? 6.205   -9.392  17.289  1.00 37.63 ? 74  TYR B OH  1 
ATOM   1292 N  N   . TYR B 1 75 ? 11.123  -10.581 10.267  1.00 29.85 ? 75  TYR B N   1 
ATOM   1293 C  CA  . TYR B 1 75 ? 11.760  -10.597 8.953   1.00 28.53 ? 75  TYR B CA  1 
ATOM   1294 C  C   . TYR B 1 75 ? 11.392  -11.812 8.095   1.00 31.02 ? 75  TYR B C   1 
ATOM   1295 O  O   . TYR B 1 75 ? 11.476  -12.960 8.564   1.00 28.94 ? 75  TYR B O   1 
ATOM   1296 C  CB  . TYR B 1 75 ? 13.279  -10.570 9.138   1.00 30.02 ? 75  TYR B CB  1 
ATOM   1297 C  CG  . TYR B 1 75 ? 14.055  -10.730 7.851   1.00 30.33 ? 75  TYR B CG  1 
ATOM   1298 C  CD1 . TYR B 1 75 ? 14.219  -9.657  6.970   1.00 28.22 ? 75  TYR B CD1 1 
ATOM   1299 C  CD2 . TYR B 1 75 ? 14.613  -11.958 7.501   1.00 32.00 ? 75  TYR B CD2 1 
ATOM   1300 C  CE1 . TYR B 1 75 ? 14.922  -9.807  5.783   1.00 28.57 ? 75  TYR B CE1 1 
ATOM   1301 C  CE2 . TYR B 1 75 ? 15.314  -12.114 6.309   1.00 31.96 ? 75  TYR B CE2 1 
ATOM   1302 C  CZ  . TYR B 1 75 ? 15.472  -11.031 5.460   1.00 29.70 ? 75  TYR B CZ  1 
ATOM   1303 O  OH  . TYR B 1 75 ? 16.236  -11.159 4.315   1.00 31.33 ? 75  TYR B OH  1 
ATOM   1304 N  N   . ILE B 1 76 ? 11.034  -11.583 6.827   1.00 27.39 ? 76  ILE B N   1 
ATOM   1305 C  CA  . ILE B 1 76 ? 10.727  -12.705 5.946   1.00 28.26 ? 76  ILE B CA  1 
ATOM   1306 C  C   . ILE B 1 76 ? 11.498  -12.690 4.627   1.00 28.92 ? 76  ILE B C   1 
ATOM   1307 O  O   . ILE B 1 76 ? 11.527  -13.691 3.908   1.00 29.91 ? 76  ILE B O   1 
ATOM   1308 C  CB  . ILE B 1 76 ? 9.201   -12.834 5.643   1.00 28.35 ? 76  ILE B CB  1 
ATOM   1309 C  CG1 . ILE B 1 76 ? 8.657   -11.567 4.957   1.00 28.09 ? 76  ILE B CG1 1 
ATOM   1310 C  CG2 . ILE B 1 76 ? 8.435   -13.127 6.938   1.00 28.70 ? 76  ILE B CG2 1 
ATOM   1311 C  CD1 . ILE B 1 76 ? 7.244   -11.752 4.380   1.00 30.76 ? 76  ILE B CD1 1 
ATOM   1312 N  N   . GLY B 1 77 ? 12.143  -11.573 4.293   1.00 26.44 ? 77  GLY B N   1 
ATOM   1313 C  CA  . GLY B 1 77 ? 12.856  -11.539 3.029   1.00 25.89 ? 77  GLY B CA  1 
ATOM   1314 C  C   . GLY B 1 77 ? 13.301  -10.146 2.637   1.00 24.61 ? 77  GLY B C   1 
ATOM   1315 O  O   . GLY B 1 77 ? 13.046  -9.189  3.376   1.00 24.44 ? 77  GLY B O   1 
ATOM   1316 N  N   . ASP B 1 78 ? 13.959  -10.024 1.488   1.00 23.49 ? 78  ASP B N   1 
ATOM   1317 C  CA  . ASP B 1 78 ? 14.426  -8.714  1.050   1.00 25.43 ? 78  ASP B CA  1 
ATOM   1318 C  C   . ASP B 1 78 ? 13.631  -8.271  -0.158  1.00 24.35 ? 78  ASP B C   1 
ATOM   1319 O  O   . ASP B 1 78 ? 13.053  -9.094  -0.870  1.00 24.56 ? 78  ASP B O   1 
ATOM   1320 C  CB  . ASP B 1 78 ? 15.917  -8.757  0.669   1.00 25.59 ? 78  ASP B CB  1 
ATOM   1321 C  CG  . ASP B 1 78 ? 16.841  -8.871  1.873   1.00 26.45 ? 78  ASP B CG  1 
ATOM   1322 O  OD1 . ASP B 1 78 ? 18.069  -8.812  1.660   1.00 30.56 ? 78  ASP B OD1 1 
ATOM   1323 O  OD2 . ASP B 1 78 ? 16.372  -9.002  3.016   1.00 26.93 ? 78  ASP B OD2 1 
ATOM   1324 N  N   . VAL B 1 79 ? 13.636  -6.969  -0.413  1.00 23.39 ? 79  VAL B N   1 
ATOM   1325 C  CA  . VAL B 1 79 ? 12.938  -6.442  -1.573  1.00 22.32 ? 79  VAL B CA  1 
ATOM   1326 C  C   . VAL B 1 79 ? 13.745  -6.850  -2.799  1.00 24.55 ? 79  VAL B C   1 
ATOM   1327 O  O   . VAL B 1 79 ? 14.972  -6.762  -2.790  1.00 24.93 ? 79  VAL B O   1 
ATOM   1328 C  CB  . VAL B 1 79 ? 12.861  -4.891  -1.517  1.00 22.70 ? 79  VAL B CB  1 
ATOM   1329 C  CG1 . VAL B 1 79 ? 12.333  -4.347  -2.846  1.00 24.05 ? 79  VAL B CG1 1 
ATOM   1330 C  CG2 . VAL B 1 79 ? 11.958  -4.472  -0.339  1.00 21.95 ? 79  VAL B CG2 1 
ATOM   1331 N  N   . HIS B 1 80 ? 13.054  -7.298  -3.843  1.00 24.36 ? 80  HIS B N   1 
ATOM   1332 C  CA  . HIS B 1 80 ? 13.716  -7.706  -5.085  1.00 26.84 ? 80  HIS B CA  1 
ATOM   1333 C  C   . HIS B 1 80 ? 14.548  -6.566  -5.663  1.00 27.72 ? 80  HIS B C   1 
ATOM   1334 O  O   . HIS B 1 80 ? 14.103  -5.408  -5.675  1.00 27.79 ? 80  HIS B O   1 
ATOM   1335 C  CB  . HIS B 1 80 ? 12.657  -8.137  -6.104  1.00 28.48 ? 80  HIS B CB  1 
ATOM   1336 C  CG  . HIS B 1 80 ? 13.224  -8.838  -7.298  1.00 29.41 ? 80  HIS B CG  1 
ATOM   1337 N  ND1 . HIS B 1 80 ? 13.877  -8.176  -8.314  1.00 29.35 ? 80  HIS B ND1 1 
ATOM   1338 C  CD2 . HIS B 1 80 ? 13.257  -10.153 -7.624  1.00 31.64 ? 80  HIS B CD2 1 
ATOM   1339 C  CE1 . HIS B 1 80 ? 14.286  -9.052  -9.216  1.00 31.83 ? 80  HIS B CE1 1 
ATOM   1340 N  NE2 . HIS B 1 80 ? 13.923  -10.258 -8.819  1.00 30.25 ? 80  HIS B NE2 1 
ATOM   1341 N  N   . PRO B 1 81 ? 15.771  -6.871  -6.154  1.00 29.22 ? 81  PRO B N   1 
ATOM   1342 C  CA  . PRO B 1 81 ? 16.693  -5.888  -6.744  1.00 30.23 ? 81  PRO B CA  1 
ATOM   1343 C  C   . PRO B 1 81 ? 16.046  -4.945  -7.752  1.00 31.00 ? 81  PRO B C   1 
ATOM   1344 O  O   . PRO B 1 81 ? 16.380  -3.753  -7.783  1.00 32.13 ? 81  PRO B O   1 
ATOM   1345 C  CB  . PRO B 1 81 ? 17.773  -6.775  -7.378  1.00 32.04 ? 81  PRO B CB  1 
ATOM   1346 C  CG  . PRO B 1 81 ? 17.881  -7.876  -6.378  1.00 30.25 ? 81  PRO B CG  1 
ATOM   1347 C  CD  . PRO B 1 81 ? 16.420  -8.198  -6.079  1.00 29.62 ? 81  PRO B CD  1 
ATOM   1348 N  N   . ASN B 1 82 ? 15.120  -5.467  -8.557  1.00 31.89 ? 82  ASN B N   1 
ATOM   1349 C  CA  . ASN B 1 82 ? 14.433  -4.647  -9.556  1.00 35.20 ? 82  ASN B CA  1 
ATOM   1350 C  C   . ASN B 1 82 ? 13.621  -3.525  -8.923  1.00 35.24 ? 82  ASN B C   1 
ATOM   1351 O  O   . ASN B 1 82 ? 13.376  -2.501  -9.569  1.00 35.30 ? 82  ASN B O   1 
ATOM   1352 C  CB  . ASN B 1 82 ? 13.476  -5.484  -10.411 1.00 38.70 ? 82  ASN B CB  1 
ATOM   1353 C  CG  . ASN B 1 82 ? 14.192  -6.457  -11.326 1.00 42.35 ? 82  ASN B CG  1 
ATOM   1354 O  OD1 . ASN B 1 82 ? 15.368  -6.286  -11.645 1.00 45.64 ? 82  ASN B OD1 1 
ATOM   1355 N  ND2 . ASN B 1 82 ? 13.473  -7.482  -11.768 1.00 44.81 ? 82  ASN B ND2 1 
ATOM   1356 N  N   . ASP B 1 83 ? 13.192  -3.715  -7.672  1.00 33.61 ? 83  ASP B N   1 
ATOM   1357 C  CA  . ASP B 1 83 ? 12.380  -2.703  -6.992  1.00 34.46 ? 83  ASP B CA  1 
ATOM   1358 C  C   . ASP B 1 83 ? 13.097  -1.852  -5.962  1.00 36.05 ? 83  ASP B C   1 
ATOM   1359 O  O   . ASP B 1 83 ? 12.449  -1.247  -5.113  1.00 32.74 ? 83  ASP B O   1 
ATOM   1360 C  CB  . ASP B 1 83 ? 11.158  -3.337  -6.316  1.00 34.80 ? 83  ASP B CB  1 
ATOM   1361 C  CG  . ASP B 1 83 ? 10.161  -3.903  -7.319  1.00 37.53 ? 83  ASP B CG  1 
ATOM   1362 O  OD1 . ASP B 1 83 ? 9.953   -3.274  -8.377  1.00 40.57 ? 83  ASP B OD1 1 
ATOM   1363 O  OD2 . ASP B 1 83 ? 9.574   -4.967  -7.055  1.00 35.64 ? 83  ASP B OD2 1 
ATOM   1364 N  N   . LEU B 1 84 ? 14.423  -1.809  -6.013  1.00 37.97 ? 84  LEU B N   1 
ATOM   1365 C  CA  . LEU B 1 84 ? 15.163  -1.000  -5.053  1.00 43.65 ? 84  LEU B CA  1 
ATOM   1366 C  C   . LEU B 1 84 ? 15.341  0.419   -5.585  1.00 48.62 ? 84  LEU B C   1 
ATOM   1367 O  O   . LEU B 1 84 ? 15.361  0.634   -6.790  1.00 48.73 ? 84  LEU B O   1 
ATOM   1368 C  CB  . LEU B 1 84 ? 16.541  -1.607  -4.789  1.00 41.02 ? 84  LEU B CB  1 
ATOM   1369 C  CG  . LEU B 1 84 ? 16.579  -2.966  -4.090  1.00 39.86 ? 84  LEU B CG  1 
ATOM   1370 C  CD1 . LEU B 1 84 ? 18.023  -3.444  -3.977  1.00 39.17 ? 84  LEU B CD1 1 
ATOM   1371 C  CD2 . LEU B 1 84 ? 15.939  -2.856  -2.725  1.00 37.34 ? 84  LEU B CD2 1 
ATOM   1372 N  N   . LYS B 1 85 ? 15.452  1.385   -4.679  1.00 55.67 ? 85  LYS B N   1 
ATOM   1373 C  CA  . LYS B 1 85 ? 15.682  2.770   -5.075  1.00 61.42 ? 85  LYS B CA  1 
ATOM   1374 C  C   . LYS B 1 85 ? 17.024  2.808   -5.808  1.00 64.40 ? 85  LYS B C   1 
ATOM   1375 O  O   . LYS B 1 85 ? 18.020  2.269   -5.319  1.00 64.52 ? 85  LYS B O   1 
ATOM   1376 C  CB  . LYS B 1 85 ? 15.755  3.673   -3.846  1.00 63.33 ? 85  LYS B CB  1 
ATOM   1377 C  CG  . LYS B 1 85 ? 16.365  5.052   -4.109  1.00 65.28 ? 85  LYS B CG  1 
ATOM   1378 C  CD  . LYS B 1 85 ? 16.456  5.849   -2.816  1.00 66.72 ? 85  LYS B CD  1 
ATOM   1379 C  CE  . LYS B 1 85 ? 16.954  7.266   -3.052  1.00 67.90 ? 85  LYS B CE  1 
ATOM   1380 N  NZ  . LYS B 1 85 ? 16.921  8.050   -1.780  1.00 68.10 ? 85  LYS B NZ  1 
ATOM   1381 N  N   . PRO B 1 86 ? 17.064  3.462   -6.981  1.00 67.69 ? 86  PRO B N   1 
ATOM   1382 C  CA  . PRO B 1 86 ? 18.238  3.621   -7.851  1.00 69.19 ? 86  PRO B CA  1 
ATOM   1383 C  C   . PRO B 1 86 ? 19.587  3.509   -7.140  1.00 70.58 ? 86  PRO B C   1 
ATOM   1384 O  O   . PRO B 1 86 ? 20.023  4.516   -6.529  1.00 70.36 ? 86  PRO B O   1 
ATOM   1385 C  CB  . PRO B 1 86 ? 18.016  4.997   -8.464  1.00 70.05 ? 86  PRO B CB  1 
ATOM   1386 C  CG  . PRO B 1 86 ? 16.530  4.994   -8.680  1.00 69.77 ? 86  PRO B CG  1 
ATOM   1387 C  CD  . PRO B 1 86 ? 15.993  4.396   -7.385  1.00 68.90 ? 86  PRO B CD  1 
ATOM   1388 O  OXT . PRO B 1 86 ? 20.180  2.404   -7.195  1.00 71.45 ? 86  PRO B OXT 1 
HETATM 1389 C  CHA . HEM C 2 .  ? 3.993   7.273   -15.031 1.00 28.12 ? 201 HEM A CHA 1 
HETATM 1390 C  CHB . HEM C 2 .  ? 2.183   7.678   -10.555 1.00 26.31 ? 201 HEM A CHB 1 
HETATM 1391 C  CHC . HEM C 2 .  ? -1.816  5.313   -11.881 1.00 23.18 ? 201 HEM A CHC 1 
HETATM 1392 C  CHD . HEM C 2 .  ? -0.075  5.003   -16.382 1.00 24.62 ? 201 HEM A CHD 1 
HETATM 1393 C  C1A . HEM C 2 .  ? 3.869   7.557   -13.679 1.00 28.31 ? 201 HEM A C1A 1 
HETATM 1394 C  C2A . HEM C 2 .  ? 4.884   8.135   -12.883 1.00 30.57 ? 201 HEM A C2A 1 
HETATM 1395 C  C3A . HEM C 2 .  ? 4.372   8.274   -11.616 1.00 29.69 ? 201 HEM A C3A 1 
HETATM 1396 C  C4A . HEM C 2 .  ? 3.035   7.751   -11.639 1.00 27.05 ? 201 HEM A C4A 1 
HETATM 1397 C  CMA . HEM C 2 .  ? 5.048   8.823   -10.498 1.00 28.92 ? 201 HEM A CMA 1 
HETATM 1398 C  CAA . HEM C 2 .  ? 6.312   8.519   -13.357 1.00 35.37 ? 201 HEM A CAA 1 
HETATM 1399 C  CBA . HEM C 2 .  ? 7.203   7.236   -13.356 1.00 44.98 ? 201 HEM A CBA 1 
HETATM 1400 C  CGA . HEM C 2 .  ? 8.635   7.403   -13.794 1.00 53.93 ? 201 HEM A CGA 1 
HETATM 1401 O  O1A . HEM C 2 .  ? 9.119   6.515   -14.575 1.00 57.27 ? 201 HEM A O1A 1 
HETATM 1402 O  O2A . HEM C 2 .  ? 9.298   8.400   -13.342 1.00 58.48 ? 201 HEM A O2A 1 
HETATM 1403 C  C1B . HEM C 2 .  ? 0.943   7.091   -10.570 1.00 24.97 ? 201 HEM A C1B 1 
HETATM 1404 C  C2B . HEM C 2 .  ? 0.093   7.023   -9.414  1.00 26.30 ? 201 HEM A C2B 1 
HETATM 1405 C  C3B . HEM C 2 .  ? -1.038  6.373   -9.731  1.00 26.66 ? 201 HEM A C3B 1 
HETATM 1406 C  C4B . HEM C 2 .  ? -0.872  6.031   -11.146 1.00 25.79 ? 201 HEM A C4B 1 
HETATM 1407 C  CMB . HEM C 2 .  ? 0.457   7.599   -8.054  1.00 25.87 ? 201 HEM A CMB 1 
HETATM 1408 C  CAB . HEM C 2 .  ? -2.153  6.086   -8.805  1.00 29.47 ? 201 HEM A CAB 1 
HETATM 1409 C  CBB . HEM C 2 .  ? -3.489  6.690   -9.188  1.00 35.02 ? 201 HEM A CBB 1 
HETATM 1410 C  C1C . HEM C 2 .  ? -1.681  4.977   -13.192 1.00 25.43 ? 201 HEM A C1C 1 
HETATM 1411 C  C2C . HEM C 2 .  ? -2.663  4.231   -13.963 1.00 25.94 ? 201 HEM A C2C 1 
HETATM 1412 C  C3C . HEM C 2 .  ? -2.208  4.153   -15.240 1.00 27.11 ? 201 HEM A C3C 1 
HETATM 1413 C  C4C . HEM C 2 .  ? -0.914  4.850   -15.252 1.00 25.55 ? 201 HEM A C4C 1 
HETATM 1414 C  CMC . HEM C 2 .  ? -3.985  3.633   -13.468 1.00 28.84 ? 201 HEM A CMC 1 
HETATM 1415 C  CAC . HEM C 2 .  ? -2.903  3.486   -16.411 1.00 31.43 ? 201 HEM A CAC 1 
HETATM 1416 C  CBC . HEM C 2 .  ? -2.435  2.440   -17.123 1.00 39.99 ? 201 HEM A CBC 1 
HETATM 1417 C  C1D . HEM C 2 .  ? 1.173   5.615   -16.405 1.00 27.99 ? 201 HEM A C1D 1 
HETATM 1418 C  C2D . HEM C 2 .  ? 2.005   5.733   -17.601 1.00 29.01 ? 201 HEM A C2D 1 
HETATM 1419 C  C3D . HEM C 2 .  ? 3.170   6.365   -17.235 1.00 30.84 ? 201 HEM A C3D 1 
HETATM 1420 C  C4D . HEM C 2 .  ? 3.020   6.641   -15.800 1.00 30.30 ? 201 HEM A C4D 1 
HETATM 1421 C  CMD . HEM C 2 .  ? 1.653   5.240   -18.999 1.00 29.24 ? 201 HEM A CMD 1 
HETATM 1422 C  CAD . HEM C 2 .  ? 4.381   6.711   -18.139 1.00 35.00 ? 201 HEM A CAD 1 
HETATM 1423 C  CBD . HEM C 2 .  ? 5.532   5.679   -17.986 1.00 43.97 ? 201 HEM A CBD 1 
HETATM 1424 C  CGD . HEM C 2 .  ? 6.598   5.837   -19.043 1.00 49.02 ? 201 HEM A CGD 1 
HETATM 1425 O  O1D . HEM C 2 .  ? 7.287   6.891   -19.033 1.00 53.02 ? 201 HEM A O1D 1 
HETATM 1426 O  O2D . HEM C 2 .  ? 6.720   4.906   -19.887 1.00 52.84 ? 201 HEM A O2D 1 
HETATM 1427 N  NA  . HEM C 2 .  ? 2.728   7.276   -12.911 1.00 27.81 ? 201 HEM A NA  1 
HETATM 1428 N  NB  . HEM C 2 .  ? 0.355   6.493   -11.660 1.00 23.82 ? 201 HEM A NB  1 
HETATM 1429 N  NC  . HEM C 2 .  ? -0.583  5.346   -13.980 1.00 25.70 ? 201 HEM A NC  1 
HETATM 1430 N  ND  . HEM C 2 .  ? 1.783   6.190   -15.291 1.00 28.22 ? 201 HEM A ND  1 
HETATM 1431 FE FE  . HEM C 2 .  ? 1.070   6.323   -13.467 1.00 27.01 ? 201 HEM A FE  1 
HETATM 1432 C  CHA . HEM D 2 .  ? 6.357   3.403   19.269  1.00 39.88 ? 201 HEM B CHA 1 
HETATM 1433 C  CHB . HEM D 2 .  ? 7.918   -0.773  17.326  1.00 35.38 ? 201 HEM B CHB 1 
HETATM 1434 C  CHC . HEM D 2 .  ? 6.381   0.572   12.949  1.00 30.84 ? 201 HEM B CHC 1 
HETATM 1435 C  CHD . HEM D 2 .  ? 4.735   4.675   14.856  1.00 36.37 ? 201 HEM B CHD 1 
HETATM 1436 C  C1A . HEM D 2 .  ? 6.965   2.143   19.117  1.00 39.50 ? 201 HEM B C1A 1 
HETATM 1437 C  C2A . HEM D 2 .  ? 7.649   1.434   20.132  1.00 41.39 ? 201 HEM B C2A 1 
HETATM 1438 C  C3A . HEM D 2 .  ? 8.069   0.247   19.580  1.00 39.09 ? 201 HEM B C3A 1 
HETATM 1439 C  C4A . HEM D 2 .  ? 7.662   0.239   18.219  1.00 36.84 ? 201 HEM B C4A 1 
HETATM 1440 C  CMA . HEM D 2 .  ? 8.781   -0.772  20.231  1.00 37.84 ? 201 HEM B CMA 1 
HETATM 1441 C  CAA . HEM D 2 .  ? 7.901   1.893   21.584  1.00 46.84 ? 201 HEM B CAA 1 
HETATM 1442 C  CBA . HEM D 2 .  ? 9.233   2.713   21.635  1.00 55.86 ? 201 HEM B CBA 1 
HETATM 1443 C  CGA . HEM D 2 .  ? 9.632   3.222   22.995  1.00 62.84 ? 201 HEM B CGA 1 
HETATM 1444 O  O1A . HEM D 2 .  ? 9.367   4.434   23.290  1.00 66.00 ? 201 HEM B O1A 1 
HETATM 1445 O  O2A . HEM D 2 .  ? 10.249  2.411   23.767  1.00 64.83 ? 201 HEM B O2A 1 
HETATM 1446 C  C1B . HEM D 2 .  ? 7.603   -0.750  15.993  1.00 34.82 ? 201 HEM B C1B 1 
HETATM 1447 C  C2B . HEM D 2 .  ? 7.907   -1.831  15.088  1.00 34.83 ? 201 HEM B C2B 1 
HETATM 1448 C  C3B . HEM D 2 .  ? 7.486   -1.508  13.843  1.00 34.28 ? 201 HEM B C3B 1 
HETATM 1449 C  C4B . HEM D 2 .  ? 6.907   -0.163  13.999  1.00 32.93 ? 201 HEM B C4B 1 
HETATM 1450 C  CMB . HEM D 2 .  ? 8.600   -3.119  15.505  1.00 34.88 ? 201 HEM B CMB 1 
HETATM 1451 C  CAB . HEM D 2 .  ? 7.618   -2.356  12.642  1.00 36.94 ? 201 HEM B CAB 1 
HETATM 1452 C  CBB . HEM D 2 .  ? 8.678   -1.881  11.664  1.00 43.52 ? 201 HEM B CBB 1 
HETATM 1453 C  C1C . HEM D 2 .  ? 5.844   1.804   13.067  1.00 32.19 ? 201 HEM B C1C 1 
HETATM 1454 C  C2C . HEM D 2 .  ? 5.285   2.586   11.960  1.00 33.80 ? 201 HEM B C2C 1 
HETATM 1455 C  C3C . HEM D 2 .  ? 4.797   3.760   12.496  1.00 35.16 ? 201 HEM B C3C 1 
HETATM 1456 C  C4C . HEM D 2 .  ? 5.062   3.680   13.929  1.00 34.17 ? 201 HEM B C4C 1 
HETATM 1457 C  CMC . HEM D 2 .  ? 5.254   2.194   10.480  1.00 35.63 ? 201 HEM B CMC 1 
HETATM 1458 C  CAC . HEM D 2 .  ? 4.136   4.929   11.783  1.00 35.73 ? 201 HEM B CAC 1 
HETATM 1459 C  CBC . HEM D 2 .  ? 3.049   4.897   10.999  1.00 41.00 ? 201 HEM B CBC 1 
HETATM 1460 C  C1D . HEM D 2 .  ? 5.013   4.662   16.223  1.00 39.13 ? 201 HEM B C1D 1 
HETATM 1461 C  C2D . HEM D 2 .  ? 4.646   5.757   17.133  1.00 40.40 ? 201 HEM B C2D 1 
HETATM 1462 C  C3D . HEM D 2 .  ? 5.083   5.445   18.378  1.00 41.73 ? 201 HEM B C3D 1 
HETATM 1463 C  C4D . HEM D 2 .  ? 5.739   4.111   18.228  1.00 39.90 ? 201 HEM B C4D 1 
HETATM 1464 C  CMD . HEM D 2 .  ? 3.908   7.041   16.763  1.00 42.26 ? 201 HEM B CMD 1 
HETATM 1465 C  CAD . HEM D 2 .  ? 4.906   6.350   19.647  1.00 47.65 ? 201 HEM B CAD 1 
HETATM 1466 C  CBD . HEM D 2 .  ? 6.203   6.720   20.415  1.00 54.49 ? 201 HEM B CBD 1 
HETATM 1467 C  CGD . HEM D 2 .  ? 7.008   7.932   19.897  1.00 58.83 ? 201 HEM B CGD 1 
HETATM 1468 O  O1D . HEM D 2 .  ? 8.067   8.258   20.531  1.00 59.71 ? 201 HEM B O1D 1 
HETATM 1469 O  O2D . HEM D 2 .  ? 6.579   8.547   18.863  1.00 61.97 ? 201 HEM B O2D 1 
HETATM 1470 N  NA  . HEM D 2 .  ? 7.000   1.416   17.908  1.00 37.01 ? 201 HEM B NA  1 
HETATM 1471 N  NB  . HEM D 2 .  ? 6.971   0.283   15.343  1.00 33.56 ? 201 HEM B NB  1 
HETATM 1472 N  NC  . HEM D 2 .  ? 5.726   2.485   14.286  1.00 33.85 ? 201 HEM B NC  1 
HETATM 1473 N  ND  . HEM D 2 .  ? 5.669   3.636   16.882  1.00 38.35 ? 201 HEM B ND  1 
HETATM 1474 FE FE  . HEM D 2 .  ? 6.344   1.946   16.126  1.00 36.40 ? 201 HEM B FE  1 
HETATM 1475 O  O   . HOH E 3 .  ? -3.105  -0.269  -2.576  1.00 28.34 ? 202 HOH A O   1 
HETATM 1476 O  O   . HOH E 3 .  ? -8.239  -4.238  1.166   1.00 28.89 ? 203 HOH A O   1 
HETATM 1477 O  O   . HOH E 3 .  ? -2.986  10.039  -20.360 1.00 29.33 ? 204 HOH A O   1 
HETATM 1478 O  O   . HOH E 3 .  ? -10.631 -5.180  2.464   1.00 31.10 ? 205 HOH A O   1 
HETATM 1479 O  O   . HOH E 3 .  ? 7.568   1.993   -2.601  1.00 31.75 ? 206 HOH A O   1 
HETATM 1480 O  O   . HOH E 3 .  ? -20.745 -3.121  -4.444  1.00 31.95 ? 207 HOH A O   1 
HETATM 1481 O  O   . HOH E 3 .  ? -17.420 11.999  -10.166 1.00 32.03 ? 208 HOH A O   1 
HETATM 1482 O  O   . HOH E 3 .  ? -8.119  -4.556  -6.179  1.00 32.21 ? 209 HOH A O   1 
HETATM 1483 O  O   . HOH E 3 .  ? -16.608 2.566   7.235   1.00 32.93 ? 210 HOH A O   1 
HETATM 1484 O  O   . HOH E 3 .  ? -5.905  0.876   7.040   1.00 33.40 ? 211 HOH A O   1 
HETATM 1485 O  O   . HOH E 3 .  ? 8.865   5.220   3.103   1.00 33.80 ? 212 HOH A O   1 
HETATM 1486 O  O   . HOH E 3 .  ? -6.766  -2.491  -14.729 1.00 35.39 ? 213 HOH A O   1 
HETATM 1487 O  O   . HOH E 3 .  ? -20.848 -8.422  -3.377  1.00 35.61 ? 214 HOH A O   1 
HETATM 1488 O  O   . HOH E 3 .  ? 7.783   -0.786  -7.996  1.00 36.14 ? 215 HOH A O   1 
HETATM 1489 O  O   . HOH E 3 .  ? -9.320  3.459   6.247   1.00 36.73 ? 216 HOH A O   1 
HETATM 1490 O  O   . HOH E 3 .  ? -9.469  -4.183  5.357   1.00 38.03 ? 217 HOH A O   1 
HETATM 1491 O  O   . HOH E 3 .  ? -6.654  -1.786  6.437   1.00 38.85 ? 218 HOH A O   1 
HETATM 1492 O  O   . HOH E 3 .  ? -7.457  -4.558  -12.395 1.00 38.91 ? 219 HOH A O   1 
HETATM 1493 O  O   . HOH E 3 .  ? -7.255  14.071  -4.549  1.00 39.20 ? 220 HOH A O   1 
HETATM 1494 O  O   . HOH E 3 .  ? 1.605   -0.334  -4.493  1.00 39.59 ? 221 HOH A O   1 
HETATM 1495 O  O   . HOH E 3 .  ? -2.682  14.863  -19.642 1.00 39.64 ? 222 HOH A O   1 
HETATM 1496 O  O   . HOH E 3 .  ? -1.413  14.875  -15.931 1.00 40.00 ? 223 HOH A O   1 
HETATM 1497 O  O   . HOH E 3 .  ? -16.865 -7.344  -6.980  1.00 40.20 ? 224 HOH A O   1 
HETATM 1498 O  O   . HOH E 3 .  ? -20.810 -4.197  -6.816  1.00 40.30 ? 225 HOH A O   1 
HETATM 1499 O  O   . HOH E 3 .  ? -2.156  2.536   0.641   1.00 40.49 ? 226 HOH A O   1 
HETATM 1500 O  O   . HOH E 3 .  ? -1.906  6.969   3.882   1.00 42.04 ? 227 HOH A O   1 
HETATM 1501 O  O   . HOH E 3 .  ? 9.180   8.810   -10.737 1.00 42.21 ? 228 HOH A O   1 
HETATM 1502 O  O   . HOH E 3 .  ? -4.337  -7.287  -5.299  1.00 42.22 ? 229 HOH A O   1 
HETATM 1503 O  O   . HOH E 3 .  ? -19.284 -6.364  -6.078  1.00 43.00 ? 230 HOH A O   1 
HETATM 1504 O  O   . HOH E 3 .  ? -20.339 6.816   -0.760  1.00 43.85 ? 231 HOH A O   1 
HETATM 1505 O  O   . HOH E 3 .  ? -22.789 2.501   -8.875  1.00 44.57 ? 232 HOH A O   1 
HETATM 1506 O  O   . HOH E 3 .  ? -12.163 14.858  -3.649  1.00 44.88 ? 233 HOH A O   1 
HETATM 1507 O  O   . HOH E 3 .  ? -15.989 0.079   -8.839  1.00 45.71 ? 234 HOH A O   1 
HETATM 1508 O  O   . HOH E 3 .  ? -22.802 -9.908  4.445   1.00 46.35 ? 235 HOH A O   1 
HETATM 1509 O  O   . HOH E 3 .  ? 2.444   2.555   -1.125  1.00 46.46 ? 236 HOH A O   1 
HETATM 1510 O  O   . HOH E 3 .  ? -13.552 0.115   11.025  1.00 46.71 ? 237 HOH A O   1 
HETATM 1511 O  O   . HOH E 3 .  ? 3.640   13.939  -18.859 1.00 46.95 ? 238 HOH A O   1 
HETATM 1512 O  O   . HOH E 3 .  ? -6.553  3.658   -19.105 1.00 47.04 ? 239 HOH A O   1 
HETATM 1513 O  O   . HOH E 3 .  ? -10.130 10.266  -20.832 1.00 47.88 ? 240 HOH A O   1 
HETATM 1514 O  O   . HOH E 3 .  ? -4.762  3.488   -22.944 1.00 48.02 ? 241 HOH A O   1 
HETATM 1515 O  O   . HOH E 3 .  ? -13.501 16.304  -5.441  1.00 48.78 ? 242 HOH A O   1 
HETATM 1516 O  O   . HOH E 3 .  ? 4.128   -1.316  -11.121 1.00 49.38 ? 243 HOH A O   1 
HETATM 1517 O  O   . HOH E 3 .  ? -0.495  14.249  -20.933 1.00 49.83 ? 244 HOH A O   1 
HETATM 1518 O  O   . HOH E 3 .  ? -9.882  8.924   -23.277 1.00 50.94 ? 245 HOH A O   1 
HETATM 1519 O  O   . HOH E 3 .  ? 4.675   -4.437  -11.550 1.00 51.01 ? 246 HOH A O   1 
HETATM 1520 O  O   . HOH E 3 .  ? -5.452  17.714  -10.725 1.00 53.55 ? 247 HOH A O   1 
HETATM 1521 O  O   . HOH E 3 .  ? -13.915 12.750  -1.946  1.00 61.35 ? 248 HOH A O   1 
HETATM 1522 O  O   . HOH E 3 .  ? 5.906   15.563  -17.421 1.00 70.82 ? 249 HOH A O   1 
HETATM 1523 O  O   . HOH F 3 .  ? 17.521  -6.709  -1.713  1.00 25.60 ? 202 HOH B O   1 
HETATM 1524 O  O   . HOH F 3 .  ? 13.123  0.660   1.836   1.00 26.08 ? 203 HOH B O   1 
HETATM 1525 O  O   . HOH F 3 .  ? -6.459  -2.848  2.873   1.00 28.22 ? 204 HOH B O   1 
HETATM 1526 O  O   . HOH F 3 .  ? 20.809  -13.716 -2.332  1.00 28.50 ? 205 HOH B O   1 
HETATM 1527 O  O   . HOH F 3 .  ? 15.207  -3.358  7.875   1.00 29.26 ? 206 HOH B O   1 
HETATM 1528 O  O   . HOH F 3 .  ? 10.165  1.483   -1.742  1.00 31.05 ? 207 HOH B O   1 
HETATM 1529 O  O   . HOH F 3 .  ? -0.669  -0.262  0.754   1.00 31.22 ? 208 HOH B O   1 
HETATM 1530 O  O   . HOH F 3 .  ? -1.642  -2.105  -1.065  1.00 31.23 ? 209 HOH B O   1 
HETATM 1531 O  O   . HOH F 3 .  ? -6.667  -6.312  0.093   1.00 31.87 ? 210 HOH B O   1 
HETATM 1532 O  O   . HOH F 3 .  ? 6.499   6.076   5.411   1.00 33.62 ? 211 HOH B O   1 
HETATM 1533 O  O   . HOH F 3 .  ? 17.503  -4.898  0.273   1.00 34.04 ? 212 HOH B O   1 
HETATM 1534 O  O   . HOH F 3 .  ? 4.501   -2.385  -2.057  1.00 34.68 ? 213 HOH B O   1 
HETATM 1535 O  O   . HOH F 3 .  ? 6.862   -4.768  -8.059  1.00 35.07 ? 214 HOH B O   1 
HETATM 1536 O  O   . HOH F 3 .  ? -3.816  -9.261  3.695   1.00 35.55 ? 215 HOH B O   1 
HETATM 1537 O  O   . HOH F 3 .  ? 13.764  -0.555  -0.680  1.00 35.85 ? 216 HOH B O   1 
HETATM 1538 O  O   . HOH F 3 .  ? 20.002  -9.683  0.053   1.00 35.93 ? 217 HOH B O   1 
HETATM 1539 O  O   . HOH F 3 .  ? 3.500   -11.829 12.183  1.00 37.43 ? 218 HOH B O   1 
HETATM 1540 O  O   . HOH F 3 .  ? -2.412  3.469   15.902  1.00 38.58 ? 219 HOH B O   1 
HETATM 1541 O  O   . HOH F 3 .  ? 5.352   2.185   -0.743  1.00 38.65 ? 220 HOH B O   1 
HETATM 1542 O  O   . HOH F 3 .  ? 0.679   5.643   9.156   1.00 38.88 ? 221 HOH B O   1 
HETATM 1543 O  O   . HOH F 3 .  ? 15.941  -16.234 -3.998  1.00 39.15 ? 222 HOH B O   1 
HETATM 1544 O  O   . HOH F 3 .  ? 12.320  0.048   -2.867  1.00 41.29 ? 223 HOH B O   1 
HETATM 1545 O  O   . HOH F 3 .  ? 13.593  -15.201 -4.132  1.00 42.30 ? 224 HOH B O   1 
HETATM 1546 O  O   . HOH F 3 .  ? 1.599   0.070   -1.647  1.00 42.43 ? 225 HOH B O   1 
HETATM 1547 O  O   . HOH F 3 .  ? -7.441  -4.193  7.838   1.00 42.45 ? 226 HOH B O   1 
HETATM 1548 O  O   . HOH F 3 .  ? -1.640  4.554   2.763   1.00 43.82 ? 227 HOH B O   1 
HETATM 1549 O  O   . HOH F 3 .  ? -5.652  2.383   9.594   1.00 44.20 ? 228 HOH B O   1 
HETATM 1550 O  O   . HOH F 3 .  ? 14.933  2.654   2.412   1.00 44.38 ? 229 HOH B O   1 
HETATM 1551 O  O   . HOH F 3 .  ? 19.081  -6.358  2.147   1.00 44.78 ? 230 HOH B O   1 
HETATM 1552 O  O   . HOH F 3 .  ? 15.714  -7.012  10.288  1.00 45.81 ? 231 HOH B O   1 
HETATM 1553 O  O   . HOH F 3 .  ? 6.739   -12.712 10.875  1.00 45.83 ? 232 HOH B O   1 
HETATM 1554 O  O   . HOH F 3 .  ? 18.563  -3.510  3.150   1.00 46.37 ? 233 HOH B O   1 
HETATM 1555 O  O   . HOH F 3 .  ? 16.192  8.289   12.020  1.00 46.62 ? 234 HOH B O   1 
HETATM 1556 O  O   . HOH F 3 .  ? 15.564  -13.956 3.295   1.00 49.13 ? 235 HOH B O   1 
HETATM 1557 O  O   . HOH F 3 .  ? 6.139   -7.059  -10.427 1.00 50.03 ? 236 HOH B O   1 
HETATM 1558 O  O   . HOH F 3 .  ? -1.941  -8.714  16.137  1.00 50.08 ? 237 HOH B O   1 
HETATM 1559 O  O   . HOH F 3 .  ? -1.121  -1.997  18.902  1.00 51.95 ? 238 HOH B O   1 
HETATM 1560 O  O   . HOH F 3 .  ? -5.042  -7.807  14.465  1.00 56.01 ? 239 HOH B O   1 
HETATM 1561 O  O   . HOH F 3 .  ? 4.995   -15.028 6.431   1.00 56.73 ? 240 HOH B O   1 
HETATM 1562 O  O   . HOH F 3 .  ? -1.201  -7.605  -8.772  1.00 57.66 ? 241 HOH B O   1 
# 
loop_
_pdbx_poly_seq_scheme.asym_id 
_pdbx_poly_seq_scheme.entity_id 
_pdbx_poly_seq_scheme.seq_id 
_pdbx_poly_seq_scheme.mon_id 
_pdbx_poly_seq_scheme.ndb_seq_num 
_pdbx_poly_seq_scheme.pdb_seq_num 
_pdbx_poly_seq_scheme.auth_seq_num 
_pdbx_poly_seq_scheme.pdb_mon_id 
_pdbx_poly_seq_scheme.auth_mon_id 
_pdbx_poly_seq_scheme.pdb_strand_id 
_pdbx_poly_seq_scheme.pdb_ins_code 
_pdbx_poly_seq_scheme.hetero 
A 1 1  ASP 1  1  1  ASP ASP A . n 
A 1 2  PRO 2  2  2  PRO PRO A . n 
A 1 3  ALA 3  3  3  ALA ALA A . n 
A 1 4  VAL 4  4  4  VAL VAL A . n 
A 1 5  THR 5  5  5  THR THR A . n 
A 1 6  TYR 6  6  6  TYR TYR A . n 
A 1 7  TYR 7  7  7  TYR TYR A . n 
A 1 8  ARG 8  8  8  ARG ARG A . n 
A 1 9  LEU 9  9  9  LEU LEU A . n 
A 1 10 GLU 10 10 10 GLU GLU A . n 
A 1 11 GLU 11 11 11 GLU GLU A . n 
A 1 12 VAL 12 12 12 VAL VAL A . n 
A 1 13 ALA 13 13 13 ALA ALA A . n 
A 1 14 LYS 14 14 14 LYS LYS A . n 
A 1 15 ARG 15 15 15 ARG ARG A . n 
A 1 16 ASN 16 16 16 ASN ASN A . n 
A 1 17 THR 17 17 17 THR THR A . n 
A 1 18 ALA 18 18 18 ALA ALA A . n 
A 1 19 GLU 19 19 19 GLU GLU A . n 
A 1 20 GLU 20 20 20 GLU GLU A . n 
A 1 21 THR 21 21 21 THR THR A . n 
A 1 22 TRP 22 22 22 TRP TRP A . n 
A 1 23 MET 23 23 23 MET MET A . n 
A 1 24 VAL 24 24 24 VAL VAL A . n 
A 1 25 ILE 25 25 25 ILE ILE A . n 
A 1 26 HIS 26 26 26 HIS HIS A . n 
A 1 27 GLY 27 27 27 GLY GLY A . n 
A 1 28 ARG 28 28 28 ARG ARG A . n 
A 1 29 VAL 29 29 29 VAL VAL A . n 
A 1 30 TYR 30 30 30 TYR TYR A . n 
A 1 31 ASP 31 31 31 ASP ASP A . n 
A 1 32 ILE 32 32 32 ILE ILE A . n 
A 1 33 THR 33 33 33 THR THR A . n 
A 1 34 ARG 34 34 34 ARG ARG A . n 
A 1 35 PHE 35 35 35 PHE PHE A . n 
A 1 36 LEU 36 36 36 LEU LEU A . n 
A 1 37 SER 37 37 37 SER SER A . n 
A 1 38 GLU 38 38 38 GLU GLU A . n 
A 1 39 HIS 39 39 39 HIS HIS A . n 
A 1 40 PRO 40 40 40 PRO PRO A . n 
A 1 41 GLY 41 41 41 GLY GLY A . n 
A 1 42 GLY 42 42 42 GLY GLY A . n 
A 1 43 GLU 43 43 43 GLU GLU A . n 
A 1 44 GLU 44 44 44 GLU GLU A . n 
A 1 45 ILE 45 45 45 ILE ILE A . n 
A 1 46 LEU 46 46 46 LEU LEU A . n 
A 1 47 LEU 47 47 47 LEU LEU A . n 
A 1 48 GLU 48 48 48 GLU GLU A . n 
A 1 49 GLN 49 49 49 GLN GLN A . n 
A 1 50 ALA 50 50 50 ALA ALA A . n 
A 1 51 GLY 51 51 51 GLY GLY A . n 
A 1 52 ALA 52 52 52 ALA ALA A . n 
A 1 53 ASP 53 53 53 ASP ASP A . n 
A 1 54 ALA 54 54 54 ALA ALA A . n 
A 1 55 THR 55 55 55 THR THR A . n 
A 1 56 GLU 56 56 56 GLU GLU A . n 
A 1 57 SER 57 57 57 SER SER A . n 
A 1 58 PHE 58 58 58 PHE PHE A . n 
A 1 59 GLU 59 59 59 GLU GLU A . n 
A 1 60 ASP 60 60 60 ASP ASP A . n 
A 1 61 ILE 61 61 61 ILE ILE A . n 
A 1 62 GLY 62 62 62 GLY GLY A . n 
A 1 63 HIS 63 63 63 HIS HIS A . n 
A 1 64 SER 64 64 64 SER SER A . n 
A 1 65 PRO 65 65 65 PRO PRO A . n 
A 1 66 ASP 66 66 66 ASP ASP A . n 
A 1 67 ALA 67 67 67 ALA ALA A . n 
A 1 68 ARG 68 68 68 ARG ARG A . n 
A 1 69 GLU 69 69 69 GLU GLU A . n 
A 1 70 MET 70 70 70 MET MET A . n 
A 1 71 LEU 71 71 71 LEU LEU A . n 
A 1 72 LYS 72 72 72 LYS LYS A . n 
A 1 73 GLN 73 73 73 GLN GLN A . n 
A 1 74 TYR 74 74 74 TYR TYR A . n 
A 1 75 TYR 75 75 75 TYR TYR A . n 
A 1 76 ILE 76 76 76 ILE ILE A . n 
A 1 77 GLY 77 77 77 GLY GLY A . n 
A 1 78 ASP 78 78 78 ASP ASP A . n 
A 1 79 VAL 79 79 79 VAL VAL A . n 
A 1 80 HIS 80 80 80 HIS HIS A . n 
A 1 81 PRO 81 81 81 PRO PRO A . n 
A 1 82 ASN 82 82 82 ASN ASN A . n 
A 1 83 ASP 83 83 83 ASP ASP A . n 
A 1 84 LEU 84 84 84 LEU LEU A . n 
A 1 85 LYS 85 85 85 LYS LYS A . n 
A 1 86 PRO 86 86 86 PRO PRO A . n 
B 1 1  ASP 1  1  1  ASP ASP B . n 
B 1 2  PRO 2  2  2  PRO PRO B . n 
B 1 3  ALA 3  3  3  ALA ALA B . n 
B 1 4  VAL 4  4  4  VAL VAL B . n 
B 1 5  THR 5  5  5  THR THR B . n 
B 1 6  TYR 6  6  6  TYR TYR B . n 
B 1 7  TYR 7  7  7  TYR TYR B . n 
B 1 8  ARG 8  8  8  ARG ARG B . n 
B 1 9  LEU 9  9  9  LEU LEU B . n 
B 1 10 GLU 10 10 10 GLU GLU B . n 
B 1 11 GLU 11 11 11 GLU GLU B . n 
B 1 12 VAL 12 12 12 VAL VAL B . n 
B 1 13 ALA 13 13 13 ALA ALA B . n 
B 1 14 LYS 14 14 14 LYS LYS B . n 
B 1 15 ARG 15 15 15 ARG ARG B . n 
B 1 16 ASN 16 16 16 ASN ASN B . n 
B 1 17 THR 17 17 17 THR THR B . n 
B 1 18 ALA 18 18 18 ALA ALA B . n 
B 1 19 GLU 19 19 19 GLU GLU B . n 
B 1 20 GLU 20 20 20 GLU GLU B . n 
B 1 21 THR 21 21 21 THR THR B . n 
B 1 22 TRP 22 22 22 TRP TRP B . n 
B 1 23 MET 23 23 23 MET MET B . n 
B 1 24 VAL 24 24 24 VAL VAL B . n 
B 1 25 ILE 25 25 25 ILE ILE B . n 
B 1 26 HIS 26 26 26 HIS HIS B . n 
B 1 27 GLY 27 27 27 GLY GLY B . n 
B 1 28 ARG 28 28 28 ARG ARG B . n 
B 1 29 VAL 29 29 29 VAL VAL B . n 
B 1 30 TYR 30 30 30 TYR TYR B . n 
B 1 31 ASP 31 31 31 ASP ASP B . n 
B 1 32 ILE 32 32 32 ILE ILE B . n 
B 1 33 THR 33 33 33 THR THR B . n 
B 1 34 ARG 34 34 34 ARG ARG B . n 
B 1 35 PHE 35 35 35 PHE PHE B . n 
B 1 36 LEU 36 36 36 LEU LEU B . n 
B 1 37 SER 37 37 37 SER SER B . n 
B 1 38 GLU 38 38 38 GLU GLU B . n 
B 1 39 HIS 39 39 39 HIS HIS B . n 
B 1 40 PRO 40 40 40 PRO PRO B . n 
B 1 41 GLY 41 41 41 GLY GLY B . n 
B 1 42 GLY 42 42 42 GLY GLY B . n 
B 1 43 GLU 43 43 43 GLU GLU B . n 
B 1 44 GLU 44 44 44 GLU GLU B . n 
B 1 45 ILE 45 45 45 ILE ILE B . n 
B 1 46 LEU 46 46 46 LEU LEU B . n 
B 1 47 LEU 47 47 47 LEU LEU B . n 
B 1 48 GLU 48 48 48 GLU GLU B . n 
B 1 49 GLN 49 49 49 GLN GLN B . n 
B 1 50 ALA 50 50 50 ALA ALA B . n 
B 1 51 GLY 51 51 51 GLY GLY B . n 
B 1 52 ALA 52 52 52 ALA ALA B . n 
B 1 53 ASP 53 53 53 ASP ASP B . n 
B 1 54 ALA 54 54 54 ALA ALA B . n 
B 1 55 THR 55 55 55 THR THR B . n 
B 1 56 GLU 56 56 56 GLU GLU B . n 
B 1 57 SER 57 57 57 SER SER B . n 
B 1 58 PHE 58 58 58 PHE PHE B . n 
B 1 59 GLU 59 59 59 GLU GLU B . n 
B 1 60 ASP 60 60 60 ASP ASP B . n 
B 1 61 ILE 61 61 61 ILE ILE B . n 
B 1 62 GLY 62 62 62 GLY GLY B . n 
B 1 63 HIS 63 63 63 HIS HIS B . n 
B 1 64 SER 64 64 64 SER SER B . n 
B 1 65 PRO 65 65 65 PRO PRO B . n 
B 1 66 ASP 66 66 66 ASP ASP B . n 
B 1 67 ALA 67 67 67 ALA ALA B . n 
B 1 68 ARG 68 68 68 ARG ARG B . n 
B 1 69 GLU 69 69 69 GLU GLU B . n 
B 1 70 MET 70 70 70 MET MET B . n 
B 1 71 LEU 71 71 71 LEU LEU B . n 
B 1 72 LYS 72 72 72 LYS LYS B . n 
B 1 73 GLN 73 73 73 GLN GLN B . n 
B 1 74 TYR 74 74 74 TYR TYR B . n 
B 1 75 TYR 75 75 75 TYR TYR B . n 
B 1 76 ILE 76 76 76 ILE ILE B . n 
B 1 77 GLY 77 77 77 GLY GLY B . n 
B 1 78 ASP 78 78 78 ASP ASP B . n 
B 1 79 VAL 79 79 79 VAL VAL B . n 
B 1 80 HIS 80 80 80 HIS HIS B . n 
B 1 81 PRO 81 81 81 PRO PRO B . n 
B 1 82 ASN 82 82 82 ASN ASN B . n 
B 1 83 ASP 83 83 83 ASP ASP B . n 
B 1 84 LEU 84 84 84 LEU LEU B . n 
B 1 85 LYS 85 85 85 LYS LYS B . n 
B 1 86 PRO 86 86 86 PRO PRO B . n 
# 
loop_
_pdbx_nonpoly_scheme.asym_id 
_pdbx_nonpoly_scheme.entity_id 
_pdbx_nonpoly_scheme.mon_id 
_pdbx_nonpoly_scheme.ndb_seq_num 
_pdbx_nonpoly_scheme.pdb_seq_num 
_pdbx_nonpoly_scheme.auth_seq_num 
_pdbx_nonpoly_scheme.pdb_mon_id 
_pdbx_nonpoly_scheme.auth_mon_id 
_pdbx_nonpoly_scheme.pdb_strand_id 
_pdbx_nonpoly_scheme.pdb_ins_code 
C 2 HEM 1  201 201 HEM HEM A . 
D 2 HEM 1  201 201 HEM HEM B . 
E 3 HOH 1  202 4   HOH TIP A . 
E 3 HOH 2  203 6   HOH TIP A . 
E 3 HOH 3  204 8   HOH TIP A . 
E 3 HOH 4  205 10  HOH TIP A . 
E 3 HOH 5  206 13  HOH TIP A . 
E 3 HOH 6  207 15  HOH TIP A . 
E 3 HOH 7  208 16  HOH TIP A . 
E 3 HOH 8  209 17  HOH TIP A . 
E 3 HOH 9  210 18  HOH TIP A . 
E 3 HOH 10 211 19  HOH TIP A . 
E 3 HOH 11 212 21  HOH TIP A . 
E 3 HOH 12 213 25  HOH TIP A . 
E 3 HOH 13 214 27  HOH TIP A . 
E 3 HOH 14 215 30  HOH TIP A . 
E 3 HOH 15 216 31  HOH TIP A . 
E 3 HOH 16 217 33  HOH TIP A . 
E 3 HOH 17 218 36  HOH TIP A . 
E 3 HOH 18 219 38  HOH TIP A . 
E 3 HOH 19 220 40  HOH TIP A . 
E 3 HOH 20 221 41  HOH TIP A . 
E 3 HOH 21 222 42  HOH TIP A . 
E 3 HOH 22 223 43  HOH TIP A . 
E 3 HOH 23 224 44  HOH TIP A . 
E 3 HOH 24 225 45  HOH TIP A . 
E 3 HOH 25 226 46  HOH TIP A . 
E 3 HOH 26 227 48  HOH TIP A . 
E 3 HOH 27 228 49  HOH TIP A . 
E 3 HOH 28 229 50  HOH TIP A . 
E 3 HOH 29 230 54  HOH TIP A . 
E 3 HOH 30 231 56  HOH TIP A . 
E 3 HOH 31 232 59  HOH TIP A . 
E 3 HOH 32 233 61  HOH TIP A . 
E 3 HOH 33 234 62  HOH TIP A . 
E 3 HOH 34 235 65  HOH TIP A . 
E 3 HOH 35 236 67  HOH TIP A . 
E 3 HOH 36 237 69  HOH TIP A . 
E 3 HOH 37 238 70  HOH TIP A . 
E 3 HOH 38 239 71  HOH TIP A . 
E 3 HOH 39 240 72  HOH TIP A . 
E 3 HOH 40 241 73  HOH TIP A . 
E 3 HOH 41 242 74  HOH TIP A . 
E 3 HOH 42 243 76  HOH TIP A . 
E 3 HOH 43 244 77  HOH TIP A . 
E 3 HOH 44 245 80  HOH TIP A . 
E 3 HOH 45 246 81  HOH TIP A . 
E 3 HOH 46 247 83  HOH TIP A . 
E 3 HOH 47 248 87  HOH TIP A . 
E 3 HOH 48 249 88  HOH TIP A . 
F 3 HOH 1  202 1   HOH TIP B . 
F 3 HOH 2  203 2   HOH TIP B . 
F 3 HOH 3  204 3   HOH TIP B . 
F 3 HOH 4  205 5   HOH TIP B . 
F 3 HOH 5  206 7   HOH TIP B . 
F 3 HOH 6  207 9   HOH TIP B . 
F 3 HOH 7  208 11  HOH TIP B . 
F 3 HOH 8  209 12  HOH TIP B . 
F 3 HOH 9  210 14  HOH TIP B . 
F 3 HOH 10 211 20  HOH TIP B . 
F 3 HOH 11 212 22  HOH TIP B . 
F 3 HOH 12 213 23  HOH TIP B . 
F 3 HOH 13 214 24  HOH TIP B . 
F 3 HOH 14 215 26  HOH TIP B . 
F 3 HOH 15 216 28  HOH TIP B . 
F 3 HOH 16 217 29  HOH TIP B . 
F 3 HOH 17 218 32  HOH TIP B . 
F 3 HOH 18 219 34  HOH TIP B . 
F 3 HOH 19 220 35  HOH TIP B . 
F 3 HOH 20 221 37  HOH TIP B . 
F 3 HOH 21 222 39  HOH TIP B . 
F 3 HOH 22 223 47  HOH TIP B . 
F 3 HOH 23 224 51  HOH TIP B . 
F 3 HOH 24 225 52  HOH TIP B . 
F 3 HOH 25 226 53  HOH TIP B . 
F 3 HOH 26 227 55  HOH TIP B . 
F 3 HOH 27 228 57  HOH TIP B . 
F 3 HOH 28 229 58  HOH TIP B . 
F 3 HOH 29 230 60  HOH TIP B . 
F 3 HOH 30 231 63  HOH TIP B . 
F 3 HOH 31 232 64  HOH TIP B . 
F 3 HOH 32 233 66  HOH TIP B . 
F 3 HOH 33 234 68  HOH TIP B . 
F 3 HOH 34 235 75  HOH TIP B . 
F 3 HOH 35 236 78  HOH TIP B . 
F 3 HOH 36 237 79  HOH TIP B . 
F 3 HOH 37 238 82  HOH TIP B . 
F 3 HOH 38 239 84  HOH TIP B . 
F 3 HOH 39 240 85  HOH TIP B . 
F 3 HOH 40 241 86  HOH TIP B . 
# 
loop_
_pdbx_struct_assembly.id 
_pdbx_struct_assembly.details 
_pdbx_struct_assembly.method_details 
_pdbx_struct_assembly.oligomeric_details 
_pdbx_struct_assembly.oligomeric_count 
1 author_defined_assembly ? monomeric 1 
2 author_defined_assembly ? monomeric 1 
# 
loop_
_pdbx_struct_assembly_gen.assembly_id 
_pdbx_struct_assembly_gen.oper_expression 
_pdbx_struct_assembly_gen.asym_id_list 
1 1 A,C,E 
2 1 B,D,F 
# 
_pdbx_struct_oper_list.id                   1 
_pdbx_struct_oper_list.type                 'identity operation' 
_pdbx_struct_oper_list.name                 1_555 
_pdbx_struct_oper_list.symmetry_operation   x,y,z 
_pdbx_struct_oper_list.matrix[1][1]         1.0000000000 
_pdbx_struct_oper_list.matrix[1][2]         0.0000000000 
_pdbx_struct_oper_list.matrix[1][3]         0.0000000000 
_pdbx_struct_oper_list.vector[1]            0.0000000000 
_pdbx_struct_oper_list.matrix[2][1]         0.0000000000 
_pdbx_struct_oper_list.matrix[2][2]         1.0000000000 
_pdbx_struct_oper_list.matrix[2][3]         0.0000000000 
_pdbx_struct_oper_list.vector[2]            0.0000000000 
_pdbx_struct_oper_list.matrix[3][1]         0.0000000000 
_pdbx_struct_oper_list.matrix[3][2]         0.0000000000 
_pdbx_struct_oper_list.matrix[3][3]         1.0000000000 
_pdbx_struct_oper_list.vector[3]            0.0000000000 
# 
loop_
_pdbx_struct_conn_angle.id 
_pdbx_struct_conn_angle.ptnr1_label_atom_id 
_pdbx_struct_conn_angle.ptnr1_label_alt_id 
_pdbx_struct_conn_angle.ptnr1_label_asym_id 
_pdbx_struct_conn_angle.ptnr1_label_comp_id 
_pdbx_struct_conn_angle.ptnr1_label_seq_id 
_pdbx_struct_conn_angle.ptnr1_auth_atom_id 
_pdbx_struct_conn_angle.ptnr1_auth_asym_id 
_pdbx_struct_conn_angle.ptnr1_auth_comp_id 
_pdbx_struct_conn_angle.ptnr1_auth_seq_id 
_pdbx_struct_conn_angle.ptnr1_PDB_ins_code 
_pdbx_struct_conn_angle.ptnr1_symmetry 
_pdbx_struct_conn_angle.ptnr2_label_atom_id 
_pdbx_struct_conn_angle.ptnr2_label_alt_id 
_pdbx_struct_conn_angle.ptnr2_label_asym_id 
_pdbx_struct_conn_angle.ptnr2_label_comp_id 
_pdbx_struct_conn_angle.ptnr2_label_seq_id 
_pdbx_struct_conn_angle.ptnr2_auth_atom_id 
_pdbx_struct_conn_angle.ptnr2_auth_asym_id 
_pdbx_struct_conn_angle.ptnr2_auth_comp_id 
_pdbx_struct_conn_angle.ptnr2_auth_seq_id 
_pdbx_struct_conn_angle.ptnr2_PDB_ins_code 
_pdbx_struct_conn_angle.ptnr2_symmetry 
_pdbx_struct_conn_angle.ptnr3_label_atom_id 
_pdbx_struct_conn_angle.ptnr3_label_alt_id 
_pdbx_struct_conn_angle.ptnr3_label_asym_id 
_pdbx_struct_conn_angle.ptnr3_label_comp_id 
_pdbx_struct_conn_angle.ptnr3_label_seq_id 
_pdbx_struct_conn_angle.ptnr3_auth_atom_id 
_pdbx_struct_conn_angle.ptnr3_auth_asym_id 
_pdbx_struct_conn_angle.ptnr3_auth_comp_id 
_pdbx_struct_conn_angle.ptnr3_auth_seq_id 
_pdbx_struct_conn_angle.ptnr3_PDB_ins_code 
_pdbx_struct_conn_angle.ptnr3_symmetry 
_pdbx_struct_conn_angle.value 
_pdbx_struct_conn_angle.value_esd 
1  NE2 ? A HIS 39 ? A HIS 39  ? 1_555 FE ? C HEM . ? A HEM 201 ? 1_555 NA  ? C HEM .  ? A HEM 201 ? 1_555 91.8  ? 
2  NE2 ? A HIS 39 ? A HIS 39  ? 1_555 FE ? C HEM . ? A HEM 201 ? 1_555 NB  ? C HEM .  ? A HEM 201 ? 1_555 91.2  ? 
3  NA  ? C HEM .  ? A HEM 201 ? 1_555 FE ? C HEM . ? A HEM 201 ? 1_555 NB  ? C HEM .  ? A HEM 201 ? 1_555 90.3  ? 
4  NE2 ? A HIS 39 ? A HIS 39  ? 1_555 FE ? C HEM . ? A HEM 201 ? 1_555 NC  ? C HEM .  ? A HEM 201 ? 1_555 89.2  ? 
5  NA  ? C HEM .  ? A HEM 201 ? 1_555 FE ? C HEM . ? A HEM 201 ? 1_555 NC  ? C HEM .  ? A HEM 201 ? 1_555 178.6 ? 
6  NB  ? C HEM .  ? A HEM 201 ? 1_555 FE ? C HEM . ? A HEM 201 ? 1_555 NC  ? C HEM .  ? A HEM 201 ? 1_555 88.7  ? 
7  NE2 ? A HIS 39 ? A HIS 39  ? 1_555 FE ? C HEM . ? A HEM 201 ? 1_555 ND  ? C HEM .  ? A HEM 201 ? 1_555 87.7  ? 
8  NA  ? C HEM .  ? A HEM 201 ? 1_555 FE ? C HEM . ? A HEM 201 ? 1_555 ND  ? C HEM .  ? A HEM 201 ? 1_555 89.4  ? 
9  NB  ? C HEM .  ? A HEM 201 ? 1_555 FE ? C HEM . ? A HEM 201 ? 1_555 ND  ? C HEM .  ? A HEM 201 ? 1_555 178.9 ? 
10 NC  ? C HEM .  ? A HEM 201 ? 1_555 FE ? C HEM . ? A HEM 201 ? 1_555 ND  ? C HEM .  ? A HEM 201 ? 1_555 91.6  ? 
11 NE2 ? A HIS 39 ? A HIS 39  ? 1_555 FE ? C HEM . ? A HEM 201 ? 1_555 NE2 ? A HIS 63 ? A HIS 63  ? 1_555 171.8 ? 
12 NA  ? C HEM .  ? A HEM 201 ? 1_555 FE ? C HEM . ? A HEM 201 ? 1_555 NE2 ? A HIS 63 ? A HIS 63  ? 1_555 96.3  ? 
13 NB  ? C HEM .  ? A HEM 201 ? 1_555 FE ? C HEM . ? A HEM 201 ? 1_555 NE2 ? A HIS 63 ? A HIS 63  ? 1_555 90.0  ? 
14 NC  ? C HEM .  ? A HEM 201 ? 1_555 FE ? C HEM . ? A HEM 201 ? 1_555 NE2 ? A HIS 63 ? A HIS 63  ? 1_555 82.8  ? 
15 ND  ? C HEM .  ? A HEM 201 ? 1_555 FE ? C HEM . ? A HEM 201 ? 1_555 NE2 ? A HIS 63 ? A HIS 63  ? 1_555 91.0  ? 
16 NE2 ? B HIS 39 ? B HIS 39  ? 1_555 FE ? D HEM . ? B HEM 201 ? 1_555 NA  ? D HEM .  ? B HEM 201 ? 1_555 93.1  ? 
17 NE2 ? B HIS 39 ? B HIS 39  ? 1_555 FE ? D HEM . ? B HEM 201 ? 1_555 NB  ? D HEM .  ? B HEM 201 ? 1_555 91.7  ? 
18 NA  ? D HEM .  ? B HEM 201 ? 1_555 FE ? D HEM . ? B HEM 201 ? 1_555 NB  ? D HEM .  ? B HEM 201 ? 1_555 91.5  ? 
19 NE2 ? B HIS 39 ? B HIS 39  ? 1_555 FE ? D HEM . ? B HEM 201 ? 1_555 NC  ? D HEM .  ? B HEM 201 ? 1_555 88.3  ? 
20 NA  ? D HEM .  ? B HEM 201 ? 1_555 FE ? D HEM . ? B HEM 201 ? 1_555 NC  ? D HEM .  ? B HEM 201 ? 1_555 178.4 ? 
21 NB  ? D HEM .  ? B HEM 201 ? 1_555 FE ? D HEM . ? B HEM 201 ? 1_555 NC  ? D HEM .  ? B HEM 201 ? 1_555 87.7  ? 
22 NE2 ? B HIS 39 ? B HIS 39  ? 1_555 FE ? D HEM . ? B HEM 201 ? 1_555 ND  ? D HEM .  ? B HEM 201 ? 1_555 87.5  ? 
23 NA  ? D HEM .  ? B HEM 201 ? 1_555 FE ? D HEM . ? B HEM 201 ? 1_555 ND  ? D HEM .  ? B HEM 201 ? 1_555 89.9  ? 
24 NB  ? D HEM .  ? B HEM 201 ? 1_555 FE ? D HEM . ? B HEM 201 ? 1_555 ND  ? D HEM .  ? B HEM 201 ? 1_555 178.4 ? 
25 NC  ? D HEM .  ? B HEM 201 ? 1_555 FE ? D HEM . ? B HEM 201 ? 1_555 ND  ? D HEM .  ? B HEM 201 ? 1_555 90.9  ? 
26 NE2 ? B HIS 39 ? B HIS 39  ? 1_555 FE ? D HEM . ? B HEM 201 ? 1_555 NE2 ? B HIS 63 ? B HIS 63  ? 1_555 175.4 ? 
27 NA  ? D HEM .  ? B HEM 201 ? 1_555 FE ? D HEM . ? B HEM 201 ? 1_555 NE2 ? B HIS 63 ? B HIS 63  ? 1_555 91.1  ? 
28 NB  ? D HEM .  ? B HEM 201 ? 1_555 FE ? D HEM . ? B HEM 201 ? 1_555 NE2 ? B HIS 63 ? B HIS 63  ? 1_555 89.9  ? 
29 NC  ? D HEM .  ? B HEM 201 ? 1_555 FE ? D HEM . ? B HEM 201 ? 1_555 NE2 ? B HIS 63 ? B HIS 63  ? 1_555 87.5  ? 
30 ND  ? D HEM .  ? B HEM 201 ? 1_555 FE ? D HEM . ? B HEM 201 ? 1_555 NE2 ? B HIS 63 ? B HIS 63  ? 1_555 90.8  ? 
# 
loop_
_pdbx_audit_revision_history.ordinal 
_pdbx_audit_revision_history.data_content_type 
_pdbx_audit_revision_history.major_revision 
_pdbx_audit_revision_history.minor_revision 
_pdbx_audit_revision_history.revision_date 
1 'Structure model' 1 0 2001-04-04 
2 'Structure model' 1 1 2008-04-27 
3 'Structure model' 1 2 2011-07-13 
4 'Structure model' 1 3 2014-02-19 
5 'Structure model' 1 4 2017-10-04 
6 'Structure model' 1 5 2021-11-03 
7 'Structure model' 1 6 2023-08-09 
# 
_pdbx_audit_revision_details.ordinal             1 
_pdbx_audit_revision_details.revision_ordinal    1 
_pdbx_audit_revision_details.data_content_type   'Structure model' 
_pdbx_audit_revision_details.provider            repository 
_pdbx_audit_revision_details.type                'Initial release' 
_pdbx_audit_revision_details.description         ? 
_pdbx_audit_revision_details.details             ? 
# 
loop_
_pdbx_audit_revision_group.ordinal 
_pdbx_audit_revision_group.revision_ordinal 
_pdbx_audit_revision_group.data_content_type 
_pdbx_audit_revision_group.group 
1 2 'Structure model' 'Version format compliance' 
2 3 'Structure model' 'Version format compliance' 
3 4 'Structure model' 'Database references'       
4 5 'Structure model' 'Refinement description'    
5 6 'Structure model' 'Database references'       
6 6 'Structure model' 'Derived calculations'      
7 7 'Structure model' 'Data collection'           
8 7 'Structure model' 'Refinement description'    
# 
loop_
_pdbx_audit_revision_category.ordinal 
_pdbx_audit_revision_category.revision_ordinal 
_pdbx_audit_revision_category.data_content_type 
_pdbx_audit_revision_category.category 
1 5 'Structure model' software                      
2 6 'Structure model' database_2                    
3 6 'Structure model' struct_ref_seq_dif            
4 6 'Structure model' struct_site                   
5 7 'Structure model' chem_comp_atom                
6 7 'Structure model' chem_comp_bond                
7 7 'Structure model' pdbx_initial_refinement_model 
# 
loop_
_pdbx_audit_revision_item.ordinal 
_pdbx_audit_revision_item.revision_ordinal 
_pdbx_audit_revision_item.data_content_type 
_pdbx_audit_revision_item.item 
1 6 'Structure model' '_database_2.pdbx_DOI'                
2 6 'Structure model' '_database_2.pdbx_database_accession' 
3 6 'Structure model' '_struct_ref_seq_dif.details'         
4 6 'Structure model' '_struct_site.pdbx_auth_asym_id'      
5 6 'Structure model' '_struct_site.pdbx_auth_comp_id'      
6 6 'Structure model' '_struct_site.pdbx_auth_seq_id'       
# 
loop_
_software.name 
_software.classification 
_software.version 
_software.citation_id 
_software.pdbx_ordinal 
CNS       refinement       . ? 1 
DENZO     'data reduction' . ? 2 
SCALEPACK 'data scaling'   . ? 3 
CNS       phasing          . ? 4 
# 
loop_
_pdbx_validate_torsion.id 
_pdbx_validate_torsion.PDB_model_num 
_pdbx_validate_torsion.auth_comp_id 
_pdbx_validate_torsion.auth_asym_id 
_pdbx_validate_torsion.auth_seq_id 
_pdbx_validate_torsion.PDB_ins_code 
_pdbx_validate_torsion.label_alt_id 
_pdbx_validate_torsion.phi 
_pdbx_validate_torsion.psi 
1 1 PRO A 2  ? ? -52.57  -104.07 
2 1 ALA A 3  ? ? -104.32 58.15   
3 1 GLU B 20 ? ? -163.97 99.66   
# 
loop_
_chem_comp_atom.comp_id 
_chem_comp_atom.atom_id 
_chem_comp_atom.type_symbol 
_chem_comp_atom.pdbx_aromatic_flag 
_chem_comp_atom.pdbx_stereo_config 
_chem_comp_atom.pdbx_ordinal 
ALA N    N  N N 1   
ALA CA   C  N S 2   
ALA C    C  N N 3   
ALA O    O  N N 4   
ALA CB   C  N N 5   
ALA OXT  O  N N 6   
ALA H    H  N N 7   
ALA H2   H  N N 8   
ALA HA   H  N N 9   
ALA HB1  H  N N 10  
ALA HB2  H  N N 11  
ALA HB3  H  N N 12  
ALA HXT  H  N N 13  
ARG N    N  N N 14  
ARG CA   C  N S 15  
ARG C    C  N N 16  
ARG O    O  N N 17  
ARG CB   C  N N 18  
ARG CG   C  N N 19  
ARG CD   C  N N 20  
ARG NE   N  N N 21  
ARG CZ   C  N N 22  
ARG NH1  N  N N 23  
ARG NH2  N  N N 24  
ARG OXT  O  N N 25  
ARG H    H  N N 26  
ARG H2   H  N N 27  
ARG HA   H  N N 28  
ARG HB2  H  N N 29  
ARG HB3  H  N N 30  
ARG HG2  H  N N 31  
ARG HG3  H  N N 32  
ARG HD2  H  N N 33  
ARG HD3  H  N N 34  
ARG HE   H  N N 35  
ARG HH11 H  N N 36  
ARG HH12 H  N N 37  
ARG HH21 H  N N 38  
ARG HH22 H  N N 39  
ARG HXT  H  N N 40  
ASN N    N  N N 41  
ASN CA   C  N S 42  
ASN C    C  N N 43  
ASN O    O  N N 44  
ASN CB   C  N N 45  
ASN CG   C  N N 46  
ASN OD1  O  N N 47  
ASN ND2  N  N N 48  
ASN OXT  O  N N 49  
ASN H    H  N N 50  
ASN H2   H  N N 51  
ASN HA   H  N N 52  
ASN HB2  H  N N 53  
ASN HB3  H  N N 54  
ASN HD21 H  N N 55  
ASN HD22 H  N N 56  
ASN HXT  H  N N 57  
ASP N    N  N N 58  
ASP CA   C  N S 59  
ASP C    C  N N 60  
ASP O    O  N N 61  
ASP CB   C  N N 62  
ASP CG   C  N N 63  
ASP OD1  O  N N 64  
ASP OD2  O  N N 65  
ASP OXT  O  N N 66  
ASP H    H  N N 67  
ASP H2   H  N N 68  
ASP HA   H  N N 69  
ASP HB2  H  N N 70  
ASP HB3  H  N N 71  
ASP HD2  H  N N 72  
ASP HXT  H  N N 73  
GLN N    N  N N 74  
GLN CA   C  N S 75  
GLN C    C  N N 76  
GLN O    O  N N 77  
GLN CB   C  N N 78  
GLN CG   C  N N 79  
GLN CD   C  N N 80  
GLN OE1  O  N N 81  
GLN NE2  N  N N 82  
GLN OXT  O  N N 83  
GLN H    H  N N 84  
GLN H2   H  N N 85  
GLN HA   H  N N 86  
GLN HB2  H  N N 87  
GLN HB3  H  N N 88  
GLN HG2  H  N N 89  
GLN HG3  H  N N 90  
GLN HE21 H  N N 91  
GLN HE22 H  N N 92  
GLN HXT  H  N N 93  
GLU N    N  N N 94  
GLU CA   C  N S 95  
GLU C    C  N N 96  
GLU O    O  N N 97  
GLU CB   C  N N 98  
GLU CG   C  N N 99  
GLU CD   C  N N 100 
GLU OE1  O  N N 101 
GLU OE2  O  N N 102 
GLU OXT  O  N N 103 
GLU H    H  N N 104 
GLU H2   H  N N 105 
GLU HA   H  N N 106 
GLU HB2  H  N N 107 
GLU HB3  H  N N 108 
GLU HG2  H  N N 109 
GLU HG3  H  N N 110 
GLU HE2  H  N N 111 
GLU HXT  H  N N 112 
GLY N    N  N N 113 
GLY CA   C  N N 114 
GLY C    C  N N 115 
GLY O    O  N N 116 
GLY OXT  O  N N 117 
GLY H    H  N N 118 
GLY H2   H  N N 119 
GLY HA2  H  N N 120 
GLY HA3  H  N N 121 
GLY HXT  H  N N 122 
HEM CHA  C  N N 123 
HEM CHB  C  N N 124 
HEM CHC  C  N N 125 
HEM CHD  C  N N 126 
HEM C1A  C  Y N 127 
HEM C2A  C  Y N 128 
HEM C3A  C  Y N 129 
HEM C4A  C  Y N 130 
HEM CMA  C  N N 131 
HEM CAA  C  N N 132 
HEM CBA  C  N N 133 
HEM CGA  C  N N 134 
HEM O1A  O  N N 135 
HEM O2A  O  N N 136 
HEM C1B  C  N N 137 
HEM C2B  C  N N 138 
HEM C3B  C  N N 139 
HEM C4B  C  N N 140 
HEM CMB  C  N N 141 
HEM CAB  C  N N 142 
HEM CBB  C  N N 143 
HEM C1C  C  Y N 144 
HEM C2C  C  Y N 145 
HEM C3C  C  Y N 146 
HEM C4C  C  Y N 147 
HEM CMC  C  N N 148 
HEM CAC  C  N N 149 
HEM CBC  C  N N 150 
HEM C1D  C  N N 151 
HEM C2D  C  N N 152 
HEM C3D  C  N N 153 
HEM C4D  C  N N 154 
HEM CMD  C  N N 155 
HEM CAD  C  N N 156 
HEM CBD  C  N N 157 
HEM CGD  C  N N 158 
HEM O1D  O  N N 159 
HEM O2D  O  N N 160 
HEM NA   N  Y N 161 
HEM NB   N  N N 162 
HEM NC   N  Y N 163 
HEM ND   N  N N 164 
HEM FE   FE N N 165 
HEM HHB  H  N N 166 
HEM HHC  H  N N 167 
HEM HHD  H  N N 168 
HEM HMA  H  N N 169 
HEM HMAA H  N N 170 
HEM HMAB H  N N 171 
HEM HAA  H  N N 172 
HEM HAAA H  N N 173 
HEM HBA  H  N N 174 
HEM HBAA H  N N 175 
HEM HMB  H  N N 176 
HEM HMBA H  N N 177 
HEM HMBB H  N N 178 
HEM HAB  H  N N 179 
HEM HBB  H  N N 180 
HEM HBBA H  N N 181 
HEM HMC  H  N N 182 
HEM HMCA H  N N 183 
HEM HMCB H  N N 184 
HEM HAC  H  N N 185 
HEM HBC  H  N N 186 
HEM HBCA H  N N 187 
HEM HMD  H  N N 188 
HEM HMDA H  N N 189 
HEM HMDB H  N N 190 
HEM HAD  H  N N 191 
HEM HADA H  N N 192 
HEM HBD  H  N N 193 
HEM HBDA H  N N 194 
HEM H2A  H  N N 195 
HEM H2D  H  N N 196 
HEM HHA  H  N N 197 
HIS N    N  N N 198 
HIS CA   C  N S 199 
HIS C    C  N N 200 
HIS O    O  N N 201 
HIS CB   C  N N 202 
HIS CG   C  Y N 203 
HIS ND1  N  Y N 204 
HIS CD2  C  Y N 205 
HIS CE1  C  Y N 206 
HIS NE2  N  Y N 207 
HIS OXT  O  N N 208 
HIS H    H  N N 209 
HIS H2   H  N N 210 
HIS HA   H  N N 211 
HIS HB2  H  N N 212 
HIS HB3  H  N N 213 
HIS HD1  H  N N 214 
HIS HD2  H  N N 215 
HIS HE1  H  N N 216 
HIS HE2  H  N N 217 
HIS HXT  H  N N 218 
HOH O    O  N N 219 
HOH H1   H  N N 220 
HOH H2   H  N N 221 
ILE N    N  N N 222 
ILE CA   C  N S 223 
ILE C    C  N N 224 
ILE O    O  N N 225 
ILE CB   C  N S 226 
ILE CG1  C  N N 227 
ILE CG2  C  N N 228 
ILE CD1  C  N N 229 
ILE OXT  O  N N 230 
ILE H    H  N N 231 
ILE H2   H  N N 232 
ILE HA   H  N N 233 
ILE HB   H  N N 234 
ILE HG12 H  N N 235 
ILE HG13 H  N N 236 
ILE HG21 H  N N 237 
ILE HG22 H  N N 238 
ILE HG23 H  N N 239 
ILE HD11 H  N N 240 
ILE HD12 H  N N 241 
ILE HD13 H  N N 242 
ILE HXT  H  N N 243 
LEU N    N  N N 244 
LEU CA   C  N S 245 
LEU C    C  N N 246 
LEU O    O  N N 247 
LEU CB   C  N N 248 
LEU CG   C  N N 249 
LEU CD1  C  N N 250 
LEU CD2  C  N N 251 
LEU OXT  O  N N 252 
LEU H    H  N N 253 
LEU H2   H  N N 254 
LEU HA   H  N N 255 
LEU HB2  H  N N 256 
LEU HB3  H  N N 257 
LEU HG   H  N N 258 
LEU HD11 H  N N 259 
LEU HD12 H  N N 260 
LEU HD13 H  N N 261 
LEU HD21 H  N N 262 
LEU HD22 H  N N 263 
LEU HD23 H  N N 264 
LEU HXT  H  N N 265 
LYS N    N  N N 266 
LYS CA   C  N S 267 
LYS C    C  N N 268 
LYS O    O  N N 269 
LYS CB   C  N N 270 
LYS CG   C  N N 271 
LYS CD   C  N N 272 
LYS CE   C  N N 273 
LYS NZ   N  N N 274 
LYS OXT  O  N N 275 
LYS H    H  N N 276 
LYS H2   H  N N 277 
LYS HA   H  N N 278 
LYS HB2  H  N N 279 
LYS HB3  H  N N 280 
LYS HG2  H  N N 281 
LYS HG3  H  N N 282 
LYS HD2  H  N N 283 
LYS HD3  H  N N 284 
LYS HE2  H  N N 285 
LYS HE3  H  N N 286 
LYS HZ1  H  N N 287 
LYS HZ2  H  N N 288 
LYS HZ3  H  N N 289 
LYS HXT  H  N N 290 
MET N    N  N N 291 
MET CA   C  N S 292 
MET C    C  N N 293 
MET O    O  N N 294 
MET CB   C  N N 295 
MET CG   C  N N 296 
MET SD   S  N N 297 
MET CE   C  N N 298 
MET OXT  O  N N 299 
MET H    H  N N 300 
MET H2   H  N N 301 
MET HA   H  N N 302 
MET HB2  H  N N 303 
MET HB3  H  N N 304 
MET HG2  H  N N 305 
MET HG3  H  N N 306 
MET HE1  H  N N 307 
MET HE2  H  N N 308 
MET HE3  H  N N 309 
MET HXT  H  N N 310 
PHE N    N  N N 311 
PHE CA   C  N S 312 
PHE C    C  N N 313 
PHE O    O  N N 314 
PHE CB   C  N N 315 
PHE CG   C  Y N 316 
PHE CD1  C  Y N 317 
PHE CD2  C  Y N 318 
PHE CE1  C  Y N 319 
PHE CE2  C  Y N 320 
PHE CZ   C  Y N 321 
PHE OXT  O  N N 322 
PHE H    H  N N 323 
PHE H2   H  N N 324 
PHE HA   H  N N 325 
PHE HB2  H  N N 326 
PHE HB3  H  N N 327 
PHE HD1  H  N N 328 
PHE HD2  H  N N 329 
PHE HE1  H  N N 330 
PHE HE2  H  N N 331 
PHE HZ   H  N N 332 
PHE HXT  H  N N 333 
PRO N    N  N N 334 
PRO CA   C  N S 335 
PRO C    C  N N 336 
PRO O    O  N N 337 
PRO CB   C  N N 338 
PRO CG   C  N N 339 
PRO CD   C  N N 340 
PRO OXT  O  N N 341 
PRO H    H  N N 342 
PRO HA   H  N N 343 
PRO HB2  H  N N 344 
PRO HB3  H  N N 345 
PRO HG2  H  N N 346 
PRO HG3  H  N N 347 
PRO HD2  H  N N 348 
PRO HD3  H  N N 349 
PRO HXT  H  N N 350 
SER N    N  N N 351 
SER CA   C  N S 352 
SER C    C  N N 353 
SER O    O  N N 354 
SER CB   C  N N 355 
SER OG   O  N N 356 
SER OXT  O  N N 357 
SER H    H  N N 358 
SER H2   H  N N 359 
SER HA   H  N N 360 
SER HB2  H  N N 361 
SER HB3  H  N N 362 
SER HG   H  N N 363 
SER HXT  H  N N 364 
THR N    N  N N 365 
THR CA   C  N S 366 
THR C    C  N N 367 
THR O    O  N N 368 
THR CB   C  N R 369 
THR OG1  O  N N 370 
THR CG2  C  N N 371 
THR OXT  O  N N 372 
THR H    H  N N 373 
THR H2   H  N N 374 
THR HA   H  N N 375 
THR HB   H  N N 376 
THR HG1  H  N N 377 
THR HG21 H  N N 378 
THR HG22 H  N N 379 
THR HG23 H  N N 380 
THR HXT  H  N N 381 
TRP N    N  N N 382 
TRP CA   C  N S 383 
TRP C    C  N N 384 
TRP O    O  N N 385 
TRP CB   C  N N 386 
TRP CG   C  Y N 387 
TRP CD1  C  Y N 388 
TRP CD2  C  Y N 389 
TRP NE1  N  Y N 390 
TRP CE2  C  Y N 391 
TRP CE3  C  Y N 392 
TRP CZ2  C  Y N 393 
TRP CZ3  C  Y N 394 
TRP CH2  C  Y N 395 
TRP OXT  O  N N 396 
TRP H    H  N N 397 
TRP H2   H  N N 398 
TRP HA   H  N N 399 
TRP HB2  H  N N 400 
TRP HB3  H  N N 401 
TRP HD1  H  N N 402 
TRP HE1  H  N N 403 
TRP HE3  H  N N 404 
TRP HZ2  H  N N 405 
TRP HZ3  H  N N 406 
TRP HH2  H  N N 407 
TRP HXT  H  N N 408 
TYR N    N  N N 409 
TYR CA   C  N S 410 
TYR C    C  N N 411 
TYR O    O  N N 412 
TYR CB   C  N N 413 
TYR CG   C  Y N 414 
TYR CD1  C  Y N 415 
TYR CD2  C  Y N 416 
TYR CE1  C  Y N 417 
TYR CE2  C  Y N 418 
TYR CZ   C  Y N 419 
TYR OH   O  N N 420 
TYR OXT  O  N N 421 
TYR H    H  N N 422 
TYR H2   H  N N 423 
TYR HA   H  N N 424 
TYR HB2  H  N N 425 
TYR HB3  H  N N 426 
TYR HD1  H  N N 427 
TYR HD2  H  N N 428 
TYR HE1  H  N N 429 
TYR HE2  H  N N 430 
TYR HH   H  N N 431 
TYR HXT  H  N N 432 
VAL N    N  N N 433 
VAL CA   C  N S 434 
VAL C    C  N N 435 
VAL O    O  N N 436 
VAL CB   C  N N 437 
VAL CG1  C  N N 438 
VAL CG2  C  N N 439 
VAL OXT  O  N N 440 
VAL H    H  N N 441 
VAL H2   H  N N 442 
VAL HA   H  N N 443 
VAL HB   H  N N 444 
VAL HG11 H  N N 445 
VAL HG12 H  N N 446 
VAL HG13 H  N N 447 
VAL HG21 H  N N 448 
VAL HG22 H  N N 449 
VAL HG23 H  N N 450 
VAL HXT  H  N N 451 
# 
loop_
_chem_comp_bond.comp_id 
_chem_comp_bond.atom_id_1 
_chem_comp_bond.atom_id_2 
_chem_comp_bond.value_order 
_chem_comp_bond.pdbx_aromatic_flag 
_chem_comp_bond.pdbx_stereo_config 
_chem_comp_bond.pdbx_ordinal 
ALA N   CA   sing N N 1   
ALA N   H    sing N N 2   
ALA N   H2   sing N N 3   
ALA CA  C    sing N N 4   
ALA CA  CB   sing N N 5   
ALA CA  HA   sing N N 6   
ALA C   O    doub N N 7   
ALA C   OXT  sing N N 8   
ALA CB  HB1  sing N N 9   
ALA CB  HB2  sing N N 10  
ALA CB  HB3  sing N N 11  
ALA OXT HXT  sing N N 12  
ARG N   CA   sing N N 13  
ARG N   H    sing N N 14  
ARG N   H2   sing N N 15  
ARG CA  C    sing N N 16  
ARG CA  CB   sing N N 17  
ARG CA  HA   sing N N 18  
ARG C   O    doub N N 19  
ARG C   OXT  sing N N 20  
ARG CB  CG   sing N N 21  
ARG CB  HB2  sing N N 22  
ARG CB  HB3  sing N N 23  
ARG CG  CD   sing N N 24  
ARG CG  HG2  sing N N 25  
ARG CG  HG3  sing N N 26  
ARG CD  NE   sing N N 27  
ARG CD  HD2  sing N N 28  
ARG CD  HD3  sing N N 29  
ARG NE  CZ   sing N N 30  
ARG NE  HE   sing N N 31  
ARG CZ  NH1  sing N N 32  
ARG CZ  NH2  doub N N 33  
ARG NH1 HH11 sing N N 34  
ARG NH1 HH12 sing N N 35  
ARG NH2 HH21 sing N N 36  
ARG NH2 HH22 sing N N 37  
ARG OXT HXT  sing N N 38  
ASN N   CA   sing N N 39  
ASN N   H    sing N N 40  
ASN N   H2   sing N N 41  
ASN CA  C    sing N N 42  
ASN CA  CB   sing N N 43  
ASN CA  HA   sing N N 44  
ASN C   O    doub N N 45  
ASN C   OXT  sing N N 46  
ASN CB  CG   sing N N 47  
ASN CB  HB2  sing N N 48  
ASN CB  HB3  sing N N 49  
ASN CG  OD1  doub N N 50  
ASN CG  ND2  sing N N 51  
ASN ND2 HD21 sing N N 52  
ASN ND2 HD22 sing N N 53  
ASN OXT HXT  sing N N 54  
ASP N   CA   sing N N 55  
ASP N   H    sing N N 56  
ASP N   H2   sing N N 57  
ASP CA  C    sing N N 58  
ASP CA  CB   sing N N 59  
ASP CA  HA   sing N N 60  
ASP C   O    doub N N 61  
ASP C   OXT  sing N N 62  
ASP CB  CG   sing N N 63  
ASP CB  HB2  sing N N 64  
ASP CB  HB3  sing N N 65  
ASP CG  OD1  doub N N 66  
ASP CG  OD2  sing N N 67  
ASP OD2 HD2  sing N N 68  
ASP OXT HXT  sing N N 69  
GLN N   CA   sing N N 70  
GLN N   H    sing N N 71  
GLN N   H2   sing N N 72  
GLN CA  C    sing N N 73  
GLN CA  CB   sing N N 74  
GLN CA  HA   sing N N 75  
GLN C   O    doub N N 76  
GLN C   OXT  sing N N 77  
GLN CB  CG   sing N N 78  
GLN CB  HB2  sing N N 79  
GLN CB  HB3  sing N N 80  
GLN CG  CD   sing N N 81  
GLN CG  HG2  sing N N 82  
GLN CG  HG3  sing N N 83  
GLN CD  OE1  doub N N 84  
GLN CD  NE2  sing N N 85  
GLN NE2 HE21 sing N N 86  
GLN NE2 HE22 sing N N 87  
GLN OXT HXT  sing N N 88  
GLU N   CA   sing N N 89  
GLU N   H    sing N N 90  
GLU N   H2   sing N N 91  
GLU CA  C    sing N N 92  
GLU CA  CB   sing N N 93  
GLU CA  HA   sing N N 94  
GLU C   O    doub N N 95  
GLU C   OXT  sing N N 96  
GLU CB  CG   sing N N 97  
GLU CB  HB2  sing N N 98  
GLU CB  HB3  sing N N 99  
GLU CG  CD   sing N N 100 
GLU CG  HG2  sing N N 101 
GLU CG  HG3  sing N N 102 
GLU CD  OE1  doub N N 103 
GLU CD  OE2  sing N N 104 
GLU OE2 HE2  sing N N 105 
GLU OXT HXT  sing N N 106 
GLY N   CA   sing N N 107 
GLY N   H    sing N N 108 
GLY N   H2   sing N N 109 
GLY CA  C    sing N N 110 
GLY CA  HA2  sing N N 111 
GLY CA  HA3  sing N N 112 
GLY C   O    doub N N 113 
GLY C   OXT  sing N N 114 
GLY OXT HXT  sing N N 115 
HEM CHA C1A  sing N N 116 
HEM CHA C4D  doub N N 117 
HEM CHA HHA  sing N N 118 
HEM CHB C4A  sing N N 119 
HEM CHB C1B  doub N N 120 
HEM CHB HHB  sing N N 121 
HEM CHC C4B  sing N N 122 
HEM CHC C1C  doub N N 123 
HEM CHC HHC  sing N N 124 
HEM CHD C4C  doub N N 125 
HEM CHD C1D  sing N N 126 
HEM CHD HHD  sing N N 127 
HEM C1A C2A  doub Y N 128 
HEM C1A NA   sing Y N 129 
HEM C2A C3A  sing Y N 130 
HEM C2A CAA  sing N N 131 
HEM C3A C4A  doub Y N 132 
HEM C3A CMA  sing N N 133 
HEM C4A NA   sing Y N 134 
HEM CMA HMA  sing N N 135 
HEM CMA HMAA sing N N 136 
HEM CMA HMAB sing N N 137 
HEM CAA CBA  sing N N 138 
HEM CAA HAA  sing N N 139 
HEM CAA HAAA sing N N 140 
HEM CBA CGA  sing N N 141 
HEM CBA HBA  sing N N 142 
HEM CBA HBAA sing N N 143 
HEM CGA O1A  doub N N 144 
HEM CGA O2A  sing N N 145 
HEM C1B C2B  sing N N 146 
HEM C1B NB   sing N N 147 
HEM C2B C3B  doub N N 148 
HEM C2B CMB  sing N N 149 
HEM C3B C4B  sing N N 150 
HEM C3B CAB  sing N N 151 
HEM C4B NB   doub N N 152 
HEM CMB HMB  sing N N 153 
HEM CMB HMBA sing N N 154 
HEM CMB HMBB sing N N 155 
HEM CAB CBB  doub N N 156 
HEM CAB HAB  sing N N 157 
HEM CBB HBB  sing N N 158 
HEM CBB HBBA sing N N 159 
HEM C1C C2C  sing Y N 160 
HEM C1C NC   sing Y N 161 
HEM C2C C3C  doub Y N 162 
HEM C2C CMC  sing N N 163 
HEM C3C C4C  sing Y N 164 
HEM C3C CAC  sing N N 165 
HEM C4C NC   sing Y N 166 
HEM CMC HMC  sing N N 167 
HEM CMC HMCA sing N N 168 
HEM CMC HMCB sing N N 169 
HEM CAC CBC  doub N N 170 
HEM CAC HAC  sing N N 171 
HEM CBC HBC  sing N N 172 
HEM CBC HBCA sing N N 173 
HEM C1D C2D  sing N N 174 
HEM C1D ND   doub N N 175 
HEM C2D C3D  doub N N 176 
HEM C2D CMD  sing N N 177 
HEM C3D C4D  sing N N 178 
HEM C3D CAD  sing N N 179 
HEM C4D ND   sing N N 180 
HEM CMD HMD  sing N N 181 
HEM CMD HMDA sing N N 182 
HEM CMD HMDB sing N N 183 
HEM CAD CBD  sing N N 184 
HEM CAD HAD  sing N N 185 
HEM CAD HADA sing N N 186 
HEM CBD CGD  sing N N 187 
HEM CBD HBD  sing N N 188 
HEM CBD HBDA sing N N 189 
HEM CGD O1D  doub N N 190 
HEM CGD O2D  sing N N 191 
HEM O2A H2A  sing N N 192 
HEM O2D H2D  sing N N 193 
HEM FE  NA   sing N N 194 
HEM FE  NB   sing N N 195 
HEM FE  NC   sing N N 196 
HEM FE  ND   sing N N 197 
HIS N   CA   sing N N 198 
HIS N   H    sing N N 199 
HIS N   H2   sing N N 200 
HIS CA  C    sing N N 201 
HIS CA  CB   sing N N 202 
HIS CA  HA   sing N N 203 
HIS C   O    doub N N 204 
HIS C   OXT  sing N N 205 
HIS CB  CG   sing N N 206 
HIS CB  HB2  sing N N 207 
HIS CB  HB3  sing N N 208 
HIS CG  ND1  sing Y N 209 
HIS CG  CD2  doub Y N 210 
HIS ND1 CE1  doub Y N 211 
HIS ND1 HD1  sing N N 212 
HIS CD2 NE2  sing Y N 213 
HIS CD2 HD2  sing N N 214 
HIS CE1 NE2  sing Y N 215 
HIS CE1 HE1  sing N N 216 
HIS NE2 HE2  sing N N 217 
HIS OXT HXT  sing N N 218 
HOH O   H1   sing N N 219 
HOH O   H2   sing N N 220 
ILE N   CA   sing N N 221 
ILE N   H    sing N N 222 
ILE N   H2   sing N N 223 
ILE CA  C    sing N N 224 
ILE CA  CB   sing N N 225 
ILE CA  HA   sing N N 226 
ILE C   O    doub N N 227 
ILE C   OXT  sing N N 228 
ILE CB  CG1  sing N N 229 
ILE CB  CG2  sing N N 230 
ILE CB  HB   sing N N 231 
ILE CG1 CD1  sing N N 232 
ILE CG1 HG12 sing N N 233 
ILE CG1 HG13 sing N N 234 
ILE CG2 HG21 sing N N 235 
ILE CG2 HG22 sing N N 236 
ILE CG2 HG23 sing N N 237 
ILE CD1 HD11 sing N N 238 
ILE CD1 HD12 sing N N 239 
ILE CD1 HD13 sing N N 240 
ILE OXT HXT  sing N N 241 
LEU N   CA   sing N N 242 
LEU N   H    sing N N 243 
LEU N   H2   sing N N 244 
LEU CA  C    sing N N 245 
LEU CA  CB   sing N N 246 
LEU CA  HA   sing N N 247 
LEU C   O    doub N N 248 
LEU C   OXT  sing N N 249 
LEU CB  CG   sing N N 250 
LEU CB  HB2  sing N N 251 
LEU CB  HB3  sing N N 252 
LEU CG  CD1  sing N N 253 
LEU CG  CD2  sing N N 254 
LEU CG  HG   sing N N 255 
LEU CD1 HD11 sing N N 256 
LEU CD1 HD12 sing N N 257 
LEU CD1 HD13 sing N N 258 
LEU CD2 HD21 sing N N 259 
LEU CD2 HD22 sing N N 260 
LEU CD2 HD23 sing N N 261 
LEU OXT HXT  sing N N 262 
LYS N   CA   sing N N 263 
LYS N   H    sing N N 264 
LYS N   H2   sing N N 265 
LYS CA  C    sing N N 266 
LYS CA  CB   sing N N 267 
LYS CA  HA   sing N N 268 
LYS C   O    doub N N 269 
LYS C   OXT  sing N N 270 
LYS CB  CG   sing N N 271 
LYS CB  HB2  sing N N 272 
LYS CB  HB3  sing N N 273 
LYS CG  CD   sing N N 274 
LYS CG  HG2  sing N N 275 
LYS CG  HG3  sing N N 276 
LYS CD  CE   sing N N 277 
LYS CD  HD2  sing N N 278 
LYS CD  HD3  sing N N 279 
LYS CE  NZ   sing N N 280 
LYS CE  HE2  sing N N 281 
LYS CE  HE3  sing N N 282 
LYS NZ  HZ1  sing N N 283 
LYS NZ  HZ2  sing N N 284 
LYS NZ  HZ3  sing N N 285 
LYS OXT HXT  sing N N 286 
MET N   CA   sing N N 287 
MET N   H    sing N N 288 
MET N   H2   sing N N 289 
MET CA  C    sing N N 290 
MET CA  CB   sing N N 291 
MET CA  HA   sing N N 292 
MET C   O    doub N N 293 
MET C   OXT  sing N N 294 
MET CB  CG   sing N N 295 
MET CB  HB2  sing N N 296 
MET CB  HB3  sing N N 297 
MET CG  SD   sing N N 298 
MET CG  HG2  sing N N 299 
MET CG  HG3  sing N N 300 
MET SD  CE   sing N N 301 
MET CE  HE1  sing N N 302 
MET CE  HE2  sing N N 303 
MET CE  HE3  sing N N 304 
MET OXT HXT  sing N N 305 
PHE N   CA   sing N N 306 
PHE N   H    sing N N 307 
PHE N   H2   sing N N 308 
PHE CA  C    sing N N 309 
PHE CA  CB   sing N N 310 
PHE CA  HA   sing N N 311 
PHE C   O    doub N N 312 
PHE C   OXT  sing N N 313 
PHE CB  CG   sing N N 314 
PHE CB  HB2  sing N N 315 
PHE CB  HB3  sing N N 316 
PHE CG  CD1  doub Y N 317 
PHE CG  CD2  sing Y N 318 
PHE CD1 CE1  sing Y N 319 
PHE CD1 HD1  sing N N 320 
PHE CD2 CE2  doub Y N 321 
PHE CD2 HD2  sing N N 322 
PHE CE1 CZ   doub Y N 323 
PHE CE1 HE1  sing N N 324 
PHE CE2 CZ   sing Y N 325 
PHE CE2 HE2  sing N N 326 
PHE CZ  HZ   sing N N 327 
PHE OXT HXT  sing N N 328 
PRO N   CA   sing N N 329 
PRO N   CD   sing N N 330 
PRO N   H    sing N N 331 
PRO CA  C    sing N N 332 
PRO CA  CB   sing N N 333 
PRO CA  HA   sing N N 334 
PRO C   O    doub N N 335 
PRO C   OXT  sing N N 336 
PRO CB  CG   sing N N 337 
PRO CB  HB2  sing N N 338 
PRO CB  HB3  sing N N 339 
PRO CG  CD   sing N N 340 
PRO CG  HG2  sing N N 341 
PRO CG  HG3  sing N N 342 
PRO CD  HD2  sing N N 343 
PRO CD  HD3  sing N N 344 
PRO OXT HXT  sing N N 345 
SER N   CA   sing N N 346 
SER N   H    sing N N 347 
SER N   H2   sing N N 348 
SER CA  C    sing N N 349 
SER CA  CB   sing N N 350 
SER CA  HA   sing N N 351 
SER C   O    doub N N 352 
SER C   OXT  sing N N 353 
SER CB  OG   sing N N 354 
SER CB  HB2  sing N N 355 
SER CB  HB3  sing N N 356 
SER OG  HG   sing N N 357 
SER OXT HXT  sing N N 358 
THR N   CA   sing N N 359 
THR N   H    sing N N 360 
THR N   H2   sing N N 361 
THR CA  C    sing N N 362 
THR CA  CB   sing N N 363 
THR CA  HA   sing N N 364 
THR C   O    doub N N 365 
THR C   OXT  sing N N 366 
THR CB  OG1  sing N N 367 
THR CB  CG2  sing N N 368 
THR CB  HB   sing N N 369 
THR OG1 HG1  sing N N 370 
THR CG2 HG21 sing N N 371 
THR CG2 HG22 sing N N 372 
THR CG2 HG23 sing N N 373 
THR OXT HXT  sing N N 374 
TRP N   CA   sing N N 375 
TRP N   H    sing N N 376 
TRP N   H2   sing N N 377 
TRP CA  C    sing N N 378 
TRP CA  CB   sing N N 379 
TRP CA  HA   sing N N 380 
TRP C   O    doub N N 381 
TRP C   OXT  sing N N 382 
TRP CB  CG   sing N N 383 
TRP CB  HB2  sing N N 384 
TRP CB  HB3  sing N N 385 
TRP CG  CD1  doub Y N 386 
TRP CG  CD2  sing Y N 387 
TRP CD1 NE1  sing Y N 388 
TRP CD1 HD1  sing N N 389 
TRP CD2 CE2  doub Y N 390 
TRP CD2 CE3  sing Y N 391 
TRP NE1 CE2  sing Y N 392 
TRP NE1 HE1  sing N N 393 
TRP CE2 CZ2  sing Y N 394 
TRP CE3 CZ3  doub Y N 395 
TRP CE3 HE3  sing N N 396 
TRP CZ2 CH2  doub Y N 397 
TRP CZ2 HZ2  sing N N 398 
TRP CZ3 CH2  sing Y N 399 
TRP CZ3 HZ3  sing N N 400 
TRP CH2 HH2  sing N N 401 
TRP OXT HXT  sing N N 402 
TYR N   CA   sing N N 403 
TYR N   H    sing N N 404 
TYR N   H2   sing N N 405 
TYR CA  C    sing N N 406 
TYR CA  CB   sing N N 407 
TYR CA  HA   sing N N 408 
TYR C   O    doub N N 409 
TYR C   OXT  sing N N 410 
TYR CB  CG   sing N N 411 
TYR CB  HB2  sing N N 412 
TYR CB  HB3  sing N N 413 
TYR CG  CD1  doub Y N 414 
TYR CG  CD2  sing Y N 415 
TYR CD1 CE1  sing Y N 416 
TYR CD1 HD1  sing N N 417 
TYR CD2 CE2  doub Y N 418 
TYR CD2 HD2  sing N N 419 
TYR CE1 CZ   doub Y N 420 
TYR CE1 HE1  sing N N 421 
TYR CE2 CZ   sing Y N 422 
TYR CE2 HE2  sing N N 423 
TYR CZ  OH   sing N N 424 
TYR OH  HH   sing N N 425 
TYR OXT HXT  sing N N 426 
VAL N   CA   sing N N 427 
VAL N   H    sing N N 428 
VAL N   H2   sing N N 429 
VAL CA  C    sing N N 430 
VAL CA  CB   sing N N 431 
VAL CA  HA   sing N N 432 
VAL C   O    doub N N 433 
VAL C   OXT  sing N N 434 
VAL CB  CG1  sing N N 435 
VAL CB  CG2  sing N N 436 
VAL CB  HB   sing N N 437 
VAL CG1 HG11 sing N N 438 
VAL CG1 HG12 sing N N 439 
VAL CG1 HG13 sing N N 440 
VAL CG2 HG21 sing N N 441 
VAL CG2 HG22 sing N N 442 
VAL CG2 HG23 sing N N 443 
VAL OXT HXT  sing N N 444 
# 
loop_
_pdbx_entity_nonpoly.entity_id 
_pdbx_entity_nonpoly.name 
_pdbx_entity_nonpoly.comp_id 
2 'PROTOPORPHYRIN IX CONTAINING FE' HEM 
3 water                             HOH 
# 
_pdbx_initial_refinement_model.id               1 
_pdbx_initial_refinement_model.entity_id_list   ? 
_pdbx_initial_refinement_model.type             'experimental model' 
_pdbx_initial_refinement_model.source_name      PDB 
_pdbx_initial_refinement_model.accession_code   1AWP 
_pdbx_initial_refinement_model.details          ? 
# 
